data_5HEI
#
_entry.id   5HEI
#
_cell.length_a   61.440
_cell.length_b   158.190
_cell.length_c   103.860
_cell.angle_alpha   90.00
_cell.angle_beta   102.21
_cell.angle_gamma   90.00
#
_symmetry.space_group_name_H-M   'P 1 21 1'
#
loop_
_entity.id
_entity.type
_entity.pdbx_description
1 polymer NfrA2
2 non-polymer 'FLAVIN MONONUCLEOTIDE'
3 non-polymer (4S)-2-METHYL-2,4-PENTANEDIOL
4 non-polymer 'SULFATE ION'
5 water water
#
_entity_poly.entity_id   1
_entity_poly.type   'polypeptide(L)'
_entity_poly.pdbx_seq_one_letter_code
;MNEAIRTIQDHRSIRQYTDEAVSDEHLDTIIQSAQSAASSINGQQVTIISVQDKEKKKKLSELAGNQAWIDQAPLFLIFC
ADFNRAKIAAELNDAPLGVTDGLESILVGATDAGISLEAATVAAESLGLGTVPIGGIRRKPLEVIELLDLPEYVFPVSGL
VVGHPSDHSAKKPRLPQAAVHHRESYNHDLKSLIQDYDAEMAEYMKKRTNGADDRNWSQTVSAIYKTIYYPEVRAMLEKQ
GFKFEKGHHHHHH
;
_entity_poly.pdbx_strand_id   A,B,C,D,E,F,G,H
#
loop_
_chem_comp.id
_chem_comp.type
_chem_comp.name
_chem_comp.formula
FMN non-polymer 'FLAVIN MONONUCLEOTIDE' 'C17 H21 N4 O9 P'
MPD non-polymer (4S)-2-METHYL-2,4-PENTANEDIOL 'C6 H14 O2'
SO4 non-polymer 'SULFATE ION' 'O4 S -2'
#
# COMPACT_ATOMS: atom_id res chain seq x y z
N MET A 1 0.62 29.46 -31.12
CA MET A 1 1.42 29.45 -29.90
C MET A 1 0.87 28.42 -28.90
N ASN A 2 1.77 27.66 -28.24
CA ASN A 2 1.44 26.61 -27.27
C ASN A 2 0.74 27.16 -26.02
N GLU A 3 -0.01 26.29 -25.27
CA GLU A 3 -0.71 26.66 -24.02
C GLU A 3 0.26 27.27 -23.00
N ALA A 4 1.50 26.78 -22.96
CA ALA A 4 2.55 27.30 -22.09
C ALA A 4 2.89 28.74 -22.48
N ILE A 5 3.15 28.99 -23.79
CA ILE A 5 3.46 30.31 -24.36
C ILE A 5 2.27 31.27 -24.21
N ARG A 6 1.03 30.79 -24.42
CA ARG A 6 -0.19 31.58 -24.27
C ARG A 6 -0.50 31.94 -22.81
N THR A 7 0.05 31.19 -21.84
CA THR A 7 -0.09 31.48 -20.41
C THR A 7 0.81 32.65 -20.05
N ILE A 8 2.05 32.67 -20.60
CA ILE A 8 3.04 33.74 -20.38
C ILE A 8 2.68 35.01 -21.18
N GLN A 9 2.38 34.86 -22.51
CA GLN A 9 2.05 35.97 -23.40
C GLN A 9 0.83 36.79 -22.96
N ASP A 10 -0.21 36.13 -22.43
CA ASP A 10 -1.46 36.75 -21.99
C ASP A 10 -1.44 37.16 -20.49
N HIS A 11 -0.24 37.41 -19.92
CA HIS A 11 -0.09 37.78 -18.52
C HIS A 11 -0.66 39.16 -18.17
N ARG A 12 -1.49 39.14 -17.13
CA ARG A 12 -2.12 40.31 -16.53
C ARG A 12 -2.22 40.04 -15.02
N SER A 13 -1.61 40.93 -14.21
CA SER A 13 -1.66 40.82 -12.77
C SER A 13 -2.96 41.42 -12.30
N ILE A 14 -3.65 40.75 -11.36
CA ILE A 14 -4.92 41.25 -10.84
C ILE A 14 -4.87 41.60 -9.36
N ARG A 15 -5.62 42.64 -8.98
CA ARG A 15 -5.74 43.14 -7.60
C ARG A 15 -7.17 43.03 -7.08
N GLN A 16 -8.09 42.57 -7.95
CA GLN A 16 -9.50 42.34 -7.65
C GLN A 16 -9.73 40.82 -7.54
N TYR A 17 -10.18 40.34 -6.36
CA TYR A 17 -10.39 38.93 -6.02
C TYR A 17 -11.78 38.64 -5.43
N THR A 18 -12.17 37.36 -5.43
CA THR A 18 -13.43 36.84 -4.88
C THR A 18 -13.20 36.17 -3.50
N ASP A 19 -14.29 35.89 -2.76
CA ASP A 19 -14.29 35.23 -1.45
C ASP A 19 -13.81 33.77 -1.54
N GLU A 20 -13.85 33.19 -2.76
CA GLU A 20 -13.49 31.82 -3.10
C GLU A 20 -12.08 31.45 -2.66
N ALA A 21 -11.98 30.43 -1.80
CA ALA A 21 -10.73 29.93 -1.24
C ALA A 21 -9.95 29.09 -2.25
N VAL A 22 -8.61 29.15 -2.20
CA VAL A 22 -7.72 28.38 -3.06
C VAL A 22 -7.63 26.98 -2.44
N SER A 23 -8.04 25.94 -3.19
CA SER A 23 -8.03 24.55 -2.72
C SER A 23 -6.60 24.03 -2.52
N ASP A 24 -6.43 23.02 -1.65
CA ASP A 24 -5.13 22.41 -1.33
C ASP A 24 -4.52 21.76 -2.56
N GLU A 25 -5.36 21.21 -3.47
CA GLU A 25 -4.96 20.60 -4.74
C GLU A 25 -4.29 21.64 -5.63
N HIS A 26 -4.81 22.89 -5.63
CA HIS A 26 -4.24 24.01 -6.39
C HIS A 26 -2.93 24.48 -5.78
N LEU A 27 -2.87 24.62 -4.44
CA LEU A 27 -1.67 25.04 -3.71
C LEU A 27 -0.53 24.05 -3.94
N ASP A 28 -0.77 22.73 -3.76
CA ASP A 28 0.20 21.66 -3.97
C ASP A 28 0.79 21.67 -5.38
N THR A 29 -0.04 21.98 -6.40
CA THR A 29 0.37 22.09 -7.80
C THR A 29 1.29 23.31 -8.00
N ILE A 30 0.97 24.45 -7.32
CA ILE A 30 1.73 25.70 -7.35
C ILE A 30 3.10 25.50 -6.66
N ILE A 31 3.14 24.75 -5.53
CA ILE A 31 4.40 24.46 -4.83
C ILE A 31 5.27 23.42 -5.57
N GLN A 32 4.65 22.38 -6.17
CA GLN A 32 5.35 21.34 -6.94
C GLN A 32 5.96 21.90 -8.22
N SER A 33 5.26 22.85 -8.89
CA SER A 33 5.74 23.51 -10.10
C SER A 33 6.93 24.42 -9.77
N ALA A 34 6.84 25.18 -8.66
CA ALA A 34 7.90 26.08 -8.20
C ALA A 34 9.18 25.29 -7.85
N GLN A 35 9.02 24.11 -7.20
CA GLN A 35 10.12 23.22 -6.85
C GLN A 35 10.74 22.59 -8.10
N SER A 36 9.92 22.34 -9.13
CA SER A 36 10.34 21.76 -10.41
C SER A 36 11.29 22.64 -11.23
N ALA A 37 11.32 23.95 -10.93
CA ALA A 37 12.18 24.93 -11.60
C ALA A 37 13.67 24.75 -11.25
N ALA A 38 14.55 25.30 -12.09
CA ALA A 38 16.00 25.24 -11.93
C ALA A 38 16.48 26.07 -10.73
N SER A 39 17.56 25.61 -10.06
CA SER A 39 18.17 26.26 -8.90
C SER A 39 19.69 26.19 -8.99
N SER A 40 20.40 27.26 -8.56
CA SER A 40 21.87 27.30 -8.59
C SER A 40 22.46 26.14 -7.78
N ILE A 41 23.29 25.30 -8.46
CA ILE A 41 23.97 24.10 -7.94
C ILE A 41 23.03 23.04 -7.28
N ASN A 42 21.72 23.09 -7.65
CA ASN A 42 20.63 22.26 -7.11
C ASN A 42 20.52 22.40 -5.57
N GLY A 43 20.90 23.57 -5.07
CA GLY A 43 20.88 23.92 -3.66
C GLY A 43 19.49 24.28 -3.17
N GLN A 44 18.58 24.62 -4.12
CA GLN A 44 17.17 24.97 -3.88
C GLN A 44 17.06 26.00 -2.73
N GLN A 45 17.64 27.19 -2.97
CA GLN A 45 17.72 28.30 -2.01
C GLN A 45 16.43 29.13 -1.88
N VAL A 46 15.26 28.49 -2.05
CA VAL A 46 13.96 29.16 -1.95
C VAL A 46 13.05 28.45 -0.95
N THR A 47 12.49 29.21 -0.01
CA THR A 47 11.55 28.74 1.00
C THR A 47 10.22 29.47 0.80
N ILE A 48 9.14 28.71 0.71
CA ILE A 48 7.81 29.25 0.47
C ILE A 48 6.88 29.12 1.68
N ILE A 49 6.39 30.27 2.18
CA ILE A 49 5.48 30.34 3.33
C ILE A 49 4.06 30.64 2.85
N SER A 50 3.10 29.73 3.12
CA SER A 50 1.71 29.90 2.73
C SER A 50 0.92 30.47 3.89
N VAL A 51 0.42 31.71 3.71
CA VAL A 51 -0.37 32.40 4.71
C VAL A 51 -1.84 32.45 4.26
N GLN A 52 -2.71 31.80 5.04
CA GLN A 52 -4.14 31.70 4.76
C GLN A 52 -5.00 32.32 5.87
N ASP A 53 -4.44 32.41 7.09
CA ASP A 53 -5.09 32.98 8.28
C ASP A 53 -5.23 34.50 8.11
N LYS A 54 -6.48 34.98 8.07
CA LYS A 54 -6.90 36.38 7.88
C LYS A 54 -6.14 37.39 8.75
N GLU A 55 -5.98 37.10 10.06
CA GLU A 55 -5.30 37.96 11.04
C GLU A 55 -3.82 38.17 10.72
N LYS A 56 -3.09 37.08 10.40
CA LYS A 56 -1.67 37.12 10.04
C LYS A 56 -1.53 37.84 8.68
N LYS A 57 -2.35 37.44 7.70
CA LYS A 57 -2.43 38.00 6.34
C LYS A 57 -2.77 39.51 6.36
N LYS A 58 -3.52 39.97 7.38
CA LYS A 58 -3.87 41.38 7.54
C LYS A 58 -2.62 42.15 7.99
N LYS A 59 -1.80 41.55 8.89
CA LYS A 59 -0.56 42.17 9.37
C LYS A 59 0.44 42.31 8.22
N LEU A 60 0.53 41.26 7.36
CA LEU A 60 1.38 41.22 6.16
C LEU A 60 0.95 42.28 5.14
N SER A 61 -0.36 42.52 5.02
CA SER A 61 -0.98 43.51 4.12
C SER A 61 -0.57 44.94 4.51
N GLU A 62 -0.60 45.24 5.82
CA GLU A 62 -0.24 46.54 6.39
C GLU A 62 1.26 46.81 6.24
N LEU A 63 2.11 45.80 6.58
CA LEU A 63 3.59 45.89 6.51
C LEU A 63 4.14 45.99 5.08
N ALA A 64 3.30 45.67 4.07
CA ALA A 64 3.65 45.77 2.65
C ALA A 64 3.19 47.11 2.04
N GLY A 65 2.57 47.96 2.88
CA GLY A 65 2.11 49.28 2.50
C GLY A 65 0.60 49.40 2.34
N ASN A 66 -0.15 48.70 3.20
CA ASN A 66 -1.62 48.68 3.24
C ASN A 66 -2.28 48.33 1.88
N GLN A 67 -1.78 47.26 1.24
CA GLN A 67 -2.31 46.80 -0.05
C GLN A 67 -3.54 45.94 0.15
N ALA A 68 -4.71 46.50 -0.22
CA ALA A 68 -6.05 45.90 -0.09
C ALA A 68 -6.18 44.50 -0.71
N TRP A 69 -5.43 44.23 -1.79
CA TRP A 69 -5.42 42.95 -2.49
C TRP A 69 -4.84 41.78 -1.70
N ILE A 70 -3.95 42.06 -0.71
CA ILE A 70 -3.35 41.03 0.15
C ILE A 70 -4.42 40.47 1.09
N ASP A 71 -5.14 41.36 1.81
CA ASP A 71 -6.20 40.96 2.72
C ASP A 71 -7.43 40.45 1.95
N GLN A 72 -7.57 40.85 0.66
CA GLN A 72 -8.67 40.46 -0.22
C GLN A 72 -8.59 39.00 -0.66
N ALA A 73 -7.38 38.53 -1.06
CA ALA A 73 -7.16 37.15 -1.54
C ALA A 73 -7.13 36.12 -0.39
N PRO A 74 -7.55 34.83 -0.61
CA PRO A 74 -7.54 33.87 0.50
C PRO A 74 -6.17 33.31 0.90
N LEU A 75 -5.20 33.35 -0.04
CA LEU A 75 -3.84 32.83 0.16
C LEU A 75 -2.78 33.84 -0.28
N PHE A 76 -1.76 34.04 0.58
CA PHE A 76 -0.62 34.92 0.33
C PHE A 76 0.65 34.11 0.51
N LEU A 77 1.34 33.82 -0.60
CA LEU A 77 2.60 33.05 -0.62
C LEU A 77 3.79 34.00 -0.44
N ILE A 78 4.84 33.56 0.31
CA ILE A 78 6.04 34.38 0.56
C ILE A 78 7.30 33.61 0.20
N PHE A 79 8.02 34.11 -0.82
CA PHE A 79 9.27 33.54 -1.35
C PHE A 79 10.45 34.13 -0.60
N CYS A 80 11.14 33.28 0.17
CA CYS A 80 12.29 33.65 0.99
C CYS A 80 13.56 32.97 0.48
N ALA A 81 14.67 33.72 0.44
CA ALA A 81 15.97 33.17 0.07
C ALA A 81 16.44 32.37 1.29
N ASP A 82 16.70 31.07 1.11
CA ASP A 82 17.04 30.19 2.22
C ASP A 82 18.43 29.54 2.11
N PHE A 83 19.30 29.88 3.08
CA PHE A 83 20.64 29.32 3.23
C PHE A 83 20.76 28.58 4.56
N ASN A 84 19.59 28.37 5.24
CA ASN A 84 19.52 27.63 6.51
C ASN A 84 19.66 26.14 6.21
N ARG A 85 19.15 25.69 5.04
CA ARG A 85 19.28 24.30 4.59
C ARG A 85 20.75 24.05 4.27
N ALA A 86 21.43 25.04 3.64
CA ALA A 86 22.86 25.01 3.32
C ALA A 86 23.69 24.95 4.61
N LYS A 87 23.18 25.59 5.69
CA LYS A 87 23.80 25.60 7.03
C LYS A 87 23.65 24.20 7.66
N ILE A 88 22.45 23.58 7.55
CA ILE A 88 22.20 22.22 8.07
C ILE A 88 23.09 21.24 7.29
N ALA A 89 23.16 21.41 5.95
CA ALA A 89 23.97 20.58 5.05
C ALA A 89 25.46 20.63 5.43
N ALA A 90 25.98 21.85 5.73
CA ALA A 90 27.36 22.08 6.15
C ALA A 90 27.64 21.46 7.52
N GLU A 91 26.65 21.50 8.44
CA GLU A 91 26.74 20.92 9.79
C GLU A 91 26.79 19.39 9.73
N LEU A 92 26.02 18.80 8.80
CA LEU A 92 25.96 17.35 8.58
C LEU A 92 27.26 16.78 8.03
N ASN A 93 28.05 17.62 7.31
CA ASN A 93 29.32 17.23 6.69
C ASN A 93 30.56 17.87 7.34
N ASP A 94 30.40 18.40 8.59
CA ASP A 94 31.45 19.03 9.40
C ASP A 94 32.24 20.06 8.55
N ALA A 95 31.51 20.95 7.85
CA ALA A 95 32.06 21.96 6.97
C ALA A 95 31.58 23.37 7.33
N PRO A 96 32.38 24.44 7.13
CA PRO A 96 31.88 25.79 7.42
C PRO A 96 30.98 26.34 6.30
N LEU A 97 30.18 27.39 6.60
CA LEU A 97 29.32 28.05 5.61
C LEU A 97 29.95 29.41 5.28
N GLY A 98 30.68 29.46 4.17
CA GLY A 98 31.42 30.63 3.72
C GLY A 98 30.68 31.58 2.81
N VAL A 99 29.82 31.05 1.90
CA VAL A 99 29.05 31.81 0.92
C VAL A 99 28.26 33.02 1.47
N THR A 100 27.66 32.87 2.67
CA THR A 100 26.87 33.90 3.37
C THR A 100 27.67 35.15 3.78
N ASP A 101 29.02 35.09 3.70
CA ASP A 101 29.92 36.21 3.99
C ASP A 101 30.23 37.04 2.73
N GLY A 102 29.68 36.62 1.60
CA GLY A 102 29.82 37.28 0.30
C GLY A 102 28.51 37.72 -0.31
N LEU A 103 28.56 38.66 -1.28
CA LEU A 103 27.39 39.19 -1.98
C LEU A 103 26.79 38.19 -2.97
N GLU A 104 27.53 37.11 -3.29
CA GLU A 104 27.09 36.04 -4.19
C GLU A 104 25.87 35.31 -3.62
N SER A 105 25.87 35.03 -2.30
CA SER A 105 24.76 34.39 -1.58
C SER A 105 23.47 35.20 -1.71
N ILE A 106 23.59 36.54 -1.75
CA ILE A 106 22.46 37.46 -1.92
C ILE A 106 21.97 37.36 -3.36
N LEU A 107 22.89 37.38 -4.36
CA LEU A 107 22.53 37.28 -5.77
C LEU A 107 21.91 35.93 -6.13
N VAL A 108 22.44 34.83 -5.54
CA VAL A 108 21.95 33.46 -5.74
C VAL A 108 20.51 33.30 -5.17
N GLY A 109 20.31 33.76 -3.93
CA GLY A 109 19.04 33.73 -3.21
C GLY A 109 17.92 34.52 -3.86
N ALA A 110 18.23 35.75 -4.34
CA ALA A 110 17.26 36.65 -5.00
C ALA A 110 16.90 36.17 -6.41
N THR A 111 17.89 35.70 -7.19
CA THR A 111 17.66 35.19 -8.54
C THR A 111 16.82 33.92 -8.51
N ASP A 112 17.12 33.00 -7.56
CA ASP A 112 16.41 31.73 -7.36
C ASP A 112 14.95 31.95 -6.95
N ALA A 113 14.69 32.98 -6.11
CA ALA A 113 13.34 33.34 -5.65
C ALA A 113 12.48 33.91 -6.79
N GLY A 114 13.12 34.58 -7.76
CA GLY A 114 12.48 35.13 -8.94
C GLY A 114 12.08 34.02 -9.90
N ILE A 115 12.91 32.97 -9.99
CA ILE A 115 12.67 31.78 -10.81
C ILE A 115 11.46 31.01 -10.25
N SER A 116 11.46 30.77 -8.92
CA SER A 116 10.40 30.05 -8.19
C SER A 116 9.05 30.76 -8.24
N LEU A 117 9.07 32.11 -8.17
CA LEU A 117 7.88 32.97 -8.22
C LEU A 117 7.21 32.87 -9.60
N GLU A 118 8.01 33.00 -10.68
CA GLU A 118 7.53 32.91 -12.06
C GLU A 118 6.93 31.55 -12.37
N ALA A 119 7.54 30.46 -11.86
CA ALA A 119 7.04 29.09 -12.04
C ALA A 119 5.71 28.95 -11.30
N ALA A 120 5.62 29.55 -10.09
CA ALA A 120 4.40 29.56 -9.29
C ALA A 120 3.30 30.38 -9.98
N THR A 121 3.70 31.49 -10.67
CA THR A 121 2.83 32.38 -11.45
C THR A 121 2.24 31.63 -12.66
N VAL A 122 3.10 31.06 -13.54
CA VAL A 122 2.65 30.33 -14.73
C VAL A 122 1.77 29.12 -14.43
N ALA A 123 2.00 28.44 -13.28
CA ALA A 123 1.21 27.30 -12.82
C ALA A 123 -0.15 27.76 -12.33
N ALA A 124 -0.18 28.77 -11.43
CA ALA A 124 -1.40 29.35 -10.86
C ALA A 124 -2.30 29.97 -11.92
N GLU A 125 -1.75 30.78 -12.84
CA GLU A 125 -2.52 31.43 -13.91
C GLU A 125 -3.06 30.46 -14.98
N SER A 126 -2.38 29.31 -15.18
CA SER A 126 -2.87 28.29 -16.13
C SER A 126 -4.06 27.52 -15.52
N LEU A 127 -4.16 27.50 -14.17
CA LEU A 127 -5.26 26.86 -13.43
C LEU A 127 -6.51 27.74 -13.39
N GLY A 128 -6.37 29.00 -13.83
CA GLY A 128 -7.45 29.98 -13.88
C GLY A 128 -7.35 31.07 -12.83
N LEU A 129 -6.42 30.89 -11.86
CA LEU A 129 -6.20 31.84 -10.76
C LEU A 129 -5.52 33.13 -11.24
N GLY A 130 -5.52 34.13 -10.37
CA GLY A 130 -4.89 35.41 -10.60
C GLY A 130 -3.77 35.63 -9.60
N THR A 131 -2.64 36.18 -10.08
CA THR A 131 -1.46 36.45 -9.25
C THR A 131 -1.01 37.89 -9.38
N VAL A 132 -0.28 38.35 -8.35
CA VAL A 132 0.39 39.64 -8.24
C VAL A 132 1.52 39.52 -7.21
N PRO A 133 2.81 39.65 -7.63
CA PRO A 133 3.90 39.56 -6.65
C PRO A 133 3.90 40.78 -5.72
N ILE A 134 4.36 40.62 -4.47
CA ILE A 134 4.41 41.72 -3.52
C ILE A 134 5.85 41.96 -3.05
N GLY A 135 6.57 42.77 -3.82
CA GLY A 135 7.95 43.18 -3.53
C GLY A 135 8.03 44.08 -2.33
N GLY A 136 6.85 44.58 -1.90
CA GLY A 136 6.64 45.43 -0.74
C GLY A 136 6.93 44.79 0.60
N ILE A 137 7.21 43.47 0.61
CA ILE A 137 7.58 42.68 1.80
C ILE A 137 8.93 43.16 2.41
N ARG A 138 9.68 43.99 1.65
CA ARG A 138 10.95 44.59 2.04
C ARG A 138 10.78 46.03 2.58
N ARG A 139 9.50 46.48 2.78
CA ARG A 139 9.16 47.79 3.34
C ARG A 139 9.54 47.79 4.81
N LYS A 140 8.99 46.84 5.57
CA LYS A 140 9.25 46.60 6.98
C LYS A 140 9.66 45.12 7.03
N PRO A 141 10.91 44.79 6.63
CA PRO A 141 11.31 43.36 6.57
C PRO A 141 11.69 42.74 7.90
N LEU A 142 12.15 43.55 8.89
CA LEU A 142 12.52 43.05 10.21
C LEU A 142 11.27 42.56 10.96
N GLU A 143 10.11 43.22 10.71
CA GLU A 143 8.81 42.84 11.27
C GLU A 143 8.28 41.58 10.59
N VAL A 144 8.62 41.39 9.29
CA VAL A 144 8.25 40.23 8.48
C VAL A 144 8.97 38.99 9.06
N ILE A 145 10.27 39.13 9.36
CA ILE A 145 11.12 38.09 9.94
C ILE A 145 10.54 37.61 11.29
N GLU A 146 10.13 38.57 12.15
CA GLU A 146 9.51 38.31 13.46
C GLU A 146 8.19 37.54 13.32
N LEU A 147 7.31 37.99 12.39
CA LEU A 147 5.98 37.43 12.08
C LEU A 147 6.06 36.00 11.56
N LEU A 148 6.89 35.77 10.51
CA LEU A 148 7.06 34.47 9.85
C LEU A 148 8.06 33.55 10.58
N ASP A 149 8.67 34.03 11.70
CA ASP A 149 9.65 33.33 12.54
C ASP A 149 10.84 32.82 11.69
N LEU A 150 11.38 33.72 10.83
CA LEU A 150 12.51 33.39 9.95
C LEU A 150 13.83 33.27 10.71
N PRO A 151 14.55 32.13 10.56
CA PRO A 151 15.81 31.97 11.30
C PRO A 151 17.00 32.56 10.55
N GLU A 152 18.22 32.39 11.10
CA GLU A 152 19.48 32.84 10.54
C GLU A 152 19.70 32.23 9.15
N TYR A 153 20.12 33.09 8.20
CA TYR A 153 20.41 32.80 6.79
C TYR A 153 19.16 32.65 5.90
N VAL A 154 18.02 33.24 6.32
CA VAL A 154 16.73 33.25 5.60
C VAL A 154 16.21 34.69 5.52
N PHE A 155 16.02 35.23 4.30
CA PHE A 155 15.52 36.60 4.14
C PHE A 155 14.34 36.72 3.15
N PRO A 156 13.29 37.52 3.47
CA PRO A 156 12.15 37.62 2.53
C PRO A 156 12.49 38.37 1.23
N VAL A 157 12.17 37.76 0.09
CA VAL A 157 12.47 38.34 -1.22
C VAL A 157 11.23 39.04 -1.78
N SER A 158 10.15 38.28 -2.05
CA SER A 158 8.90 38.81 -2.59
C SER A 158 7.73 37.91 -2.23
N GLY A 159 6.56 38.53 -2.10
CA GLY A 159 5.30 37.86 -1.83
C GLY A 159 4.61 37.53 -3.14
N LEU A 160 3.48 36.81 -3.07
CA LEU A 160 2.69 36.40 -4.23
C LEU A 160 1.25 36.16 -3.80
N VAL A 161 0.34 37.01 -4.29
CA VAL A 161 -1.08 36.98 -3.98
C VAL A 161 -1.79 35.98 -4.93
N VAL A 162 -2.24 34.84 -4.38
CA VAL A 162 -2.93 33.81 -5.16
C VAL A 162 -4.40 33.70 -4.71
N GLY A 163 -5.31 33.89 -5.65
CA GLY A 163 -6.75 33.82 -5.42
C GLY A 163 -7.56 33.73 -6.70
N HIS A 164 -8.90 33.65 -6.55
CA HIS A 164 -9.79 33.57 -7.69
C HIS A 164 -10.20 34.97 -8.15
N PRO A 165 -9.92 35.31 -9.44
CA PRO A 165 -10.24 36.67 -9.93
C PRO A 165 -11.71 37.04 -10.07
N SER A 166 -12.02 38.33 -9.89
CA SER A 166 -13.37 38.89 -10.05
C SER A 166 -13.42 39.77 -11.31
N ASP A 167 -12.23 40.24 -11.77
CA ASP A 167 -12.07 41.06 -12.97
C ASP A 167 -10.92 40.56 -13.84
N HIS A 168 -11.19 40.52 -15.16
CA HIS A 168 -10.28 40.10 -16.23
C HIS A 168 -9.05 40.99 -16.37
N SER A 169 -9.21 42.32 -16.10
CA SER A 169 -8.17 43.37 -16.20
C SER A 169 -7.64 43.56 -17.64
N ALA A 170 -6.57 44.35 -17.82
CA ALA A 170 -5.96 44.63 -19.13
C ALA A 170 -4.44 44.49 -19.09
N LYS A 171 -3.86 43.92 -20.18
CA LYS A 171 -2.42 43.73 -20.37
C LYS A 171 -1.70 45.10 -20.43
N LYS A 172 -0.70 45.29 -19.55
CA LYS A 172 0.11 46.53 -19.53
C LYS A 172 1.14 46.42 -20.66
N PRO A 173 1.21 47.40 -21.60
CA PRO A 173 2.21 47.31 -22.69
C PRO A 173 3.65 47.26 -22.18
N ARG A 174 4.52 46.52 -22.86
CA ARG A 174 5.93 46.39 -22.48
C ARG A 174 6.84 47.16 -23.44
N LEU A 175 8.10 47.41 -23.01
CA LEU A 175 9.13 48.11 -23.78
C LEU A 175 9.34 47.50 -25.17
N PRO A 176 9.68 48.30 -26.21
CA PRO A 176 9.93 47.71 -27.54
C PRO A 176 11.01 46.63 -27.49
N GLN A 177 10.85 45.54 -28.27
CA GLN A 177 11.80 44.41 -28.28
C GLN A 177 13.25 44.85 -28.42
N ALA A 178 13.53 45.81 -29.34
CA ALA A 178 14.87 46.35 -29.60
C ALA A 178 15.53 46.99 -28.37
N ALA A 179 14.71 47.52 -27.42
CA ALA A 179 15.19 48.14 -26.19
C ALA A 179 15.61 47.13 -25.10
N VAL A 180 14.97 45.94 -25.06
CA VAL A 180 15.26 44.88 -24.10
C VAL A 180 16.21 43.82 -24.69
N HIS A 181 15.97 43.41 -25.95
CA HIS A 181 16.80 42.43 -26.66
C HIS A 181 17.91 43.09 -27.49
N HIS A 182 19.16 42.95 -27.04
CA HIS A 182 20.34 43.49 -27.71
C HIS A 182 21.18 42.34 -28.25
N ARG A 183 21.41 42.32 -29.57
CA ARG A 183 22.16 41.27 -30.26
C ARG A 183 23.68 41.47 -30.12
N GLU A 184 24.38 40.41 -29.67
CA GLU A 184 25.83 40.30 -29.47
C GLU A 184 26.42 41.18 -28.36
N SER A 185 26.20 42.51 -28.45
CA SER A 185 26.66 43.49 -27.46
C SER A 185 25.52 44.42 -27.05
N TYR A 186 25.72 45.22 -25.98
CA TYR A 186 24.72 46.15 -25.46
C TYR A 186 24.49 47.31 -26.44
N ASN A 187 23.22 47.66 -26.68
CA ASN A 187 22.83 48.76 -27.56
C ASN A 187 22.58 49.99 -26.69
N HIS A 188 23.43 51.03 -26.86
CA HIS A 188 23.34 52.26 -26.08
C HIS A 188 22.31 53.29 -26.60
N ASP A 189 21.80 53.12 -27.85
CA ASP A 189 20.80 54.01 -28.44
C ASP A 189 19.38 53.56 -27.99
N LEU A 190 18.96 53.96 -26.77
CA LEU A 190 17.66 53.57 -26.23
C LEU A 190 16.74 54.75 -25.88
N LYS A 191 17.25 56.00 -25.91
CA LYS A 191 16.48 57.21 -25.60
C LYS A 191 15.26 57.39 -26.50
N SER A 192 15.43 57.25 -27.83
CA SER A 192 14.36 57.37 -28.82
C SER A 192 13.29 56.29 -28.63
N LEU A 193 13.72 55.06 -28.26
CA LEU A 193 12.84 53.92 -28.00
C LEU A 193 12.00 54.13 -26.73
N ILE A 194 12.59 54.76 -25.69
CA ILE A 194 11.93 55.10 -24.43
C ILE A 194 10.90 56.24 -24.66
N GLN A 195 11.24 57.20 -25.54
CA GLN A 195 10.37 58.33 -25.92
C GLN A 195 9.12 57.84 -26.68
N ASP A 196 9.28 56.87 -27.59
CA ASP A 196 8.19 56.28 -28.36
C ASP A 196 7.27 55.43 -27.49
N TYR A 197 7.86 54.71 -26.50
CA TYR A 197 7.13 53.87 -25.55
C TYR A 197 6.33 54.72 -24.56
N ASP A 198 6.86 55.92 -24.20
CA ASP A 198 6.20 56.88 -23.31
C ASP A 198 4.93 57.40 -23.95
N ALA A 199 4.95 57.60 -25.30
CA ALA A 199 3.81 58.06 -26.09
C ALA A 199 2.69 57.01 -26.10
N GLU A 200 3.09 55.73 -26.21
CA GLU A 200 2.18 54.58 -26.20
C GLU A 200 1.64 54.33 -24.79
N MET A 201 2.47 54.57 -23.76
CA MET A 201 2.10 54.41 -22.36
C MET A 201 1.18 55.50 -21.82
N ALA A 202 1.33 56.75 -22.33
CA ALA A 202 0.49 57.90 -21.96
C ALA A 202 -0.92 57.70 -22.51
N GLU A 203 -1.03 57.12 -23.73
CA GLU A 203 -2.28 56.79 -24.41
C GLU A 203 -2.97 55.63 -23.69
N TYR A 204 -2.19 54.64 -23.19
CA TYR A 204 -2.69 53.48 -22.44
C TYR A 204 -3.32 53.95 -21.13
N MET A 205 -2.60 54.81 -20.38
CA MET A 205 -3.05 55.38 -19.12
C MET A 205 -4.31 56.21 -19.31
N LYS A 206 -4.38 56.98 -20.42
CA LYS A 206 -5.52 57.84 -20.77
C LYS A 206 -6.78 57.02 -20.96
N LYS A 207 -6.70 55.94 -21.77
CA LYS A 207 -7.81 55.02 -22.03
C LYS A 207 -8.22 54.20 -20.81
N ARG A 208 -7.27 53.94 -19.89
CA ARG A 208 -7.48 53.18 -18.65
C ARG A 208 -8.25 53.96 -17.58
N THR A 209 -7.99 55.27 -17.47
CA THR A 209 -8.58 56.18 -16.48
C THR A 209 -9.67 57.12 -17.07
N ASN A 210 -9.97 56.96 -18.39
CA ASN A 210 -10.93 57.76 -19.16
C ASN A 210 -10.51 59.24 -19.24
N GLY A 211 -9.26 59.45 -19.65
CA GLY A 211 -8.66 60.77 -19.83
C GLY A 211 -8.40 61.53 -18.54
N ALA A 212 -8.24 60.81 -17.40
CA ALA A 212 -7.99 61.42 -16.09
C ALA A 212 -6.51 61.53 -15.76
N ASP A 213 -5.68 60.54 -16.15
CA ASP A 213 -4.24 60.51 -15.90
C ASP A 213 -3.44 60.34 -17.21
N ASP A 214 -2.39 61.15 -17.38
CA ASP A 214 -1.51 61.18 -18.56
C ASP A 214 -0.12 60.56 -18.31
N ARG A 215 0.07 59.93 -17.12
CA ARG A 215 1.32 59.32 -16.68
C ARG A 215 1.95 58.39 -17.70
N ASN A 216 3.16 58.74 -18.17
CA ASN A 216 3.93 57.91 -19.08
C ASN A 216 4.82 56.97 -18.26
N TRP A 217 5.56 56.07 -18.92
CA TRP A 217 6.44 55.12 -18.24
C TRP A 217 7.61 55.78 -17.50
N SER A 218 8.35 56.68 -18.18
CA SER A 218 9.49 57.41 -17.62
C SER A 218 9.12 58.24 -16.40
N GLN A 219 7.90 58.80 -16.38
CA GLN A 219 7.38 59.63 -15.28
C GLN A 219 7.17 58.82 -14.00
N THR A 220 6.36 57.74 -14.08
CA THR A 220 6.03 56.93 -12.91
C THR A 220 7.20 56.10 -12.35
N VAL A 221 8.20 55.79 -13.19
CA VAL A 221 9.40 55.03 -12.79
C VAL A 221 10.40 55.94 -12.06
N SER A 222 10.68 57.14 -12.61
CA SER A 222 11.59 58.13 -12.06
C SER A 222 11.16 58.71 -10.70
N ALA A 223 9.83 58.77 -10.43
CA ALA A 223 9.27 59.28 -9.18
C ALA A 223 9.59 58.38 -7.99
N ILE A 224 9.56 57.05 -8.18
CA ILE A 224 9.86 56.08 -7.13
C ILE A 224 11.36 55.78 -7.01
N TYR A 225 12.08 55.78 -8.16
CA TYR A 225 13.53 55.58 -8.23
C TYR A 225 14.35 56.87 -7.95
N LYS A 226 13.64 57.97 -7.61
CA LYS A 226 14.20 59.27 -7.24
C LYS A 226 15.00 59.15 -5.95
N THR A 227 14.63 58.18 -5.08
CA THR A 227 15.23 57.93 -3.78
C THR A 227 15.36 56.43 -3.41
N ILE A 228 16.05 56.14 -2.28
CA ILE A 228 16.21 54.79 -1.73
C ILE A 228 14.94 54.57 -0.91
N TYR A 229 13.89 54.04 -1.56
CA TYR A 229 12.58 53.82 -0.96
C TYR A 229 12.55 52.80 0.18
N TYR A 230 13.38 51.73 0.09
CA TYR A 230 13.46 50.71 1.12
C TYR A 230 14.84 50.75 1.81
N PRO A 231 14.96 51.51 2.93
CA PRO A 231 16.25 51.64 3.60
C PRO A 231 16.70 50.45 4.44
N GLU A 232 15.74 49.69 5.00
CA GLU A 232 15.99 48.54 5.87
C GLU A 232 16.48 47.26 5.15
N VAL A 233 16.89 47.36 3.87
CA VAL A 233 17.37 46.22 3.07
C VAL A 233 18.68 45.63 3.62
N ARG A 234 19.73 46.47 3.80
CA ARG A 234 21.02 46.03 4.34
C ARG A 234 20.87 45.56 5.80
N ALA A 235 20.05 46.29 6.60
CA ALA A 235 19.75 45.97 8.01
C ALA A 235 19.12 44.58 8.15
N MET A 236 18.27 44.19 7.18
CA MET A 236 17.58 42.89 7.10
C MET A 236 18.59 41.74 6.86
N LEU A 237 19.50 41.89 5.87
CA LEU A 237 20.53 40.90 5.50
C LEU A 237 21.57 40.74 6.62
N GLU A 238 21.98 41.88 7.23
CA GLU A 238 22.94 41.88 8.33
C GLU A 238 22.39 41.26 9.61
N LYS A 239 21.04 41.34 9.82
CA LYS A 239 20.35 40.72 10.97
C LYS A 239 20.31 39.18 10.82
N GLN A 240 20.12 38.66 9.59
CA GLN A 240 20.03 37.22 9.32
C GLN A 240 21.38 36.48 9.22
N GLY A 241 22.48 37.22 9.38
CA GLY A 241 23.83 36.66 9.34
C GLY A 241 24.57 36.77 8.02
N PHE A 242 24.14 37.69 7.14
CA PHE A 242 24.80 37.89 5.85
C PHE A 242 25.80 39.03 5.92
N LYS A 243 27.01 38.80 5.40
CA LYS A 243 28.10 39.78 5.37
C LYS A 243 28.51 40.07 3.92
N PHE A 244 29.36 41.10 3.69
CA PHE A 244 29.80 41.44 2.34
C PHE A 244 31.32 41.51 2.24
N GLU A 245 31.86 41.34 1.02
CA GLU A 245 33.31 41.38 0.77
C GLU A 245 33.75 42.73 0.18
N LYS A 246 34.10 43.70 1.06
CA LYS A 246 34.51 45.05 0.66
C LYS A 246 35.87 45.02 -0.05
N MET B 1 -1.70 19.02 -15.26
CA MET B 1 -3.08 19.11 -15.73
C MET B 1 -3.12 19.67 -17.16
N ASN B 2 -2.49 20.85 -17.35
CA ASN B 2 -2.37 21.59 -18.60
C ASN B 2 -0.91 21.62 -19.11
N GLU B 3 -0.72 22.04 -20.38
CA GLU B 3 0.57 22.12 -21.08
C GLU B 3 1.62 22.99 -20.37
N ALA B 4 1.17 24.10 -19.74
CA ALA B 4 2.06 25.01 -18.99
C ALA B 4 2.63 24.31 -17.75
N ILE B 5 1.76 23.61 -16.97
CA ILE B 5 2.17 22.84 -15.77
C ILE B 5 3.02 21.63 -16.17
N ARG B 6 2.65 20.95 -17.28
CA ARG B 6 3.41 19.79 -17.81
C ARG B 6 4.83 20.19 -18.21
N THR B 7 5.01 21.36 -18.85
CA THR B 7 6.32 21.89 -19.27
C THR B 7 7.23 22.10 -18.06
N ILE B 8 6.68 22.68 -16.98
CA ILE B 8 7.41 22.91 -15.74
C ILE B 8 7.67 21.62 -14.96
N GLN B 9 6.64 20.77 -14.80
CA GLN B 9 6.74 19.48 -14.07
C GLN B 9 7.81 18.52 -14.60
N ASP B 10 8.01 18.41 -15.93
CA ASP B 10 9.05 17.52 -16.46
C ASP B 10 10.34 18.23 -16.90
N HIS B 11 10.76 19.23 -16.11
CA HIS B 11 11.95 20.06 -16.36
C HIS B 11 13.25 19.33 -16.11
N ARG B 12 14.23 19.59 -16.99
CA ARG B 12 15.60 19.10 -16.93
C ARG B 12 16.55 20.00 -17.73
N SER B 13 17.69 20.36 -17.10
CA SER B 13 18.71 21.16 -17.74
C SER B 13 19.49 20.28 -18.72
N ILE B 14 19.58 20.70 -19.99
CA ILE B 14 20.26 19.99 -21.07
C ILE B 14 21.67 20.56 -21.25
N ARG B 15 22.69 19.67 -21.29
CA ARG B 15 24.09 20.05 -21.44
C ARG B 15 24.74 19.38 -22.67
N GLN B 16 23.91 18.68 -23.48
CA GLN B 16 24.32 18.01 -24.72
C GLN B 16 23.45 18.49 -25.85
N TYR B 17 24.06 19.25 -26.78
CA TYR B 17 23.37 19.89 -27.91
C TYR B 17 23.83 19.45 -29.30
N THR B 18 22.98 19.72 -30.30
CA THR B 18 23.23 19.44 -31.72
C THR B 18 23.71 20.72 -32.42
N ASP B 19 24.24 20.59 -33.65
CA ASP B 19 24.73 21.70 -34.46
C ASP B 19 23.59 22.60 -34.97
N GLU B 20 22.34 22.10 -34.88
CA GLU B 20 21.10 22.75 -35.30
C GLU B 20 20.92 24.12 -34.64
N ALA B 21 20.82 25.16 -35.49
CA ALA B 21 20.65 26.55 -35.06
C ALA B 21 19.22 26.85 -34.61
N VAL B 22 19.09 27.74 -33.62
CA VAL B 22 17.79 28.20 -33.10
C VAL B 22 17.28 29.27 -34.07
N SER B 23 16.09 29.06 -34.67
CA SER B 23 15.48 29.99 -35.62
C SER B 23 15.16 31.36 -35.01
N ASP B 24 14.97 32.38 -35.86
CA ASP B 24 14.61 33.74 -35.45
C ASP B 24 13.20 33.75 -34.87
N GLU B 25 12.30 32.90 -35.42
CA GLU B 25 10.91 32.73 -34.98
C GLU B 25 10.87 32.18 -33.54
N HIS B 26 11.79 31.24 -33.21
CA HIS B 26 11.91 30.65 -31.87
C HIS B 26 12.48 31.69 -30.90
N LEU B 27 13.55 32.41 -31.30
CA LEU B 27 14.21 33.45 -30.52
C LEU B 27 13.24 34.55 -30.13
N ASP B 28 12.48 35.08 -31.11
CA ASP B 28 11.48 36.14 -30.91
C ASP B 28 10.38 35.72 -29.93
N THR B 29 9.96 34.44 -29.96
CA THR B 29 8.95 33.87 -29.06
C THR B 29 9.48 33.79 -27.63
N ILE B 30 10.75 33.37 -27.46
CA ILE B 30 11.43 33.25 -26.15
C ILE B 30 11.56 34.65 -25.53
N ILE B 31 11.99 35.65 -26.34
CA ILE B 31 12.15 37.05 -25.93
C ILE B 31 10.81 37.67 -25.55
N GLN B 32 9.79 37.56 -26.43
CA GLN B 32 8.43 38.08 -26.21
C GLN B 32 7.78 37.51 -24.96
N SER B 33 8.03 36.21 -24.64
CA SER B 33 7.53 35.54 -23.45
C SER B 33 8.24 36.09 -22.20
N ALA B 34 9.56 36.32 -22.28
CA ALA B 34 10.36 36.87 -21.18
C ALA B 34 9.89 38.30 -20.84
N GLN B 35 9.60 39.12 -21.88
CA GLN B 35 9.10 40.49 -21.72
C GLN B 35 7.69 40.50 -21.15
N SER B 36 6.88 39.47 -21.49
CA SER B 36 5.50 39.31 -21.03
C SER B 36 5.36 39.04 -19.53
N ALA B 37 6.44 38.62 -18.87
CA ALA B 37 6.49 38.35 -17.43
C ALA B 37 6.41 39.64 -16.60
N ALA B 38 6.04 39.51 -15.32
CA ALA B 38 5.92 40.64 -14.39
C ALA B 38 7.28 41.24 -14.02
N SER B 39 7.31 42.55 -13.75
CA SER B 39 8.51 43.30 -13.33
C SER B 39 8.15 44.31 -12.26
N SER B 40 9.01 44.45 -11.21
CA SER B 40 8.80 45.38 -10.10
C SER B 40 8.53 46.78 -10.62
N ILE B 41 7.36 47.36 -10.24
CA ILE B 41 6.85 48.69 -10.63
C ILE B 41 6.77 48.96 -12.17
N ASN B 42 6.72 47.86 -12.98
CA ASN B 42 6.73 47.85 -14.44
C ASN B 42 7.97 48.58 -15.01
N GLY B 43 9.05 48.53 -14.24
CA GLY B 43 10.32 49.17 -14.58
C GLY B 43 11.13 48.37 -15.58
N GLN B 44 10.80 47.06 -15.72
CA GLN B 44 11.43 46.12 -16.65
C GLN B 44 12.96 46.22 -16.58
N GLN B 45 13.51 45.92 -15.39
CA GLN B 45 14.95 45.98 -15.07
C GLN B 45 15.76 44.80 -15.58
N VAL B 46 15.36 44.20 -16.74
CA VAL B 46 16.05 43.07 -17.35
C VAL B 46 16.43 43.37 -18.80
N THR B 47 17.71 43.16 -19.13
CA THR B 47 18.25 43.34 -20.47
C THR B 47 18.76 41.98 -20.95
N ILE B 48 18.34 41.57 -22.15
CA ILE B 48 18.72 40.29 -22.72
C ILE B 48 19.65 40.41 -23.93
N ILE B 49 20.86 39.83 -23.80
CA ILE B 49 21.89 39.84 -24.84
C ILE B 49 21.96 38.47 -25.51
N SER B 50 21.71 38.42 -26.83
CA SER B 50 21.76 37.18 -27.59
C SER B 50 23.10 37.01 -28.25
N VAL B 51 23.84 35.97 -27.84
CA VAL B 51 25.15 35.67 -28.41
C VAL B 51 25.02 34.42 -29.28
N GLN B 52 25.22 34.58 -30.59
CA GLN B 52 25.13 33.53 -31.60
C GLN B 52 26.48 33.31 -32.29
N ASP B 53 27.36 34.34 -32.28
CA ASP B 53 28.70 34.29 -32.87
C ASP B 53 29.59 33.38 -32.03
N LYS B 54 30.05 32.26 -32.65
CA LYS B 54 30.89 31.20 -32.08
C LYS B 54 32.09 31.71 -31.28
N GLU B 55 32.84 32.69 -31.84
CA GLU B 55 34.04 33.28 -31.23
C GLU B 55 33.75 34.01 -29.92
N LYS B 56 32.70 34.86 -29.90
CA LYS B 56 32.27 35.61 -28.70
C LYS B 56 31.73 34.61 -27.67
N LYS B 57 30.85 33.69 -28.10
CA LYS B 57 30.22 32.63 -27.31
C LYS B 57 31.28 31.70 -26.69
N LYS B 58 32.43 31.50 -27.37
CA LYS B 58 33.56 30.69 -26.88
C LYS B 58 34.26 31.42 -25.74
N LYS B 59 34.42 32.76 -25.84
CA LYS B 59 35.07 33.57 -24.81
C LYS B 59 34.22 33.54 -23.54
N LEU B 60 32.89 33.66 -23.69
CA LEU B 60 31.93 33.59 -22.59
C LEU B 60 31.94 32.22 -21.90
N SER B 61 32.14 31.12 -22.67
CA SER B 61 32.22 29.77 -22.13
C SER B 61 33.43 29.58 -21.21
N GLU B 62 34.62 30.03 -21.67
CA GLU B 62 35.91 29.96 -20.95
C GLU B 62 35.92 30.82 -19.70
N LEU B 63 35.22 31.98 -19.73
CA LEU B 63 35.08 32.87 -18.58
C LEU B 63 34.12 32.30 -17.53
N ALA B 64 33.17 31.46 -17.97
CA ALA B 64 32.18 30.80 -17.09
C ALA B 64 32.71 29.52 -16.43
N GLY B 65 33.96 29.18 -16.72
CA GLY B 65 34.65 28.01 -16.17
C GLY B 65 34.74 26.80 -17.08
N ASN B 66 35.07 27.02 -18.38
CA ASN B 66 35.23 25.98 -19.42
C ASN B 66 33.98 25.08 -19.61
N GLN B 67 32.77 25.70 -19.56
CA GLN B 67 31.52 24.96 -19.73
C GLN B 67 31.25 24.71 -21.22
N ALA B 68 31.55 23.46 -21.66
CA ALA B 68 31.46 22.99 -23.05
C ALA B 68 30.13 23.26 -23.75
N TRP B 69 29.00 23.06 -23.04
CA TRP B 69 27.62 23.26 -23.53
C TRP B 69 27.34 24.67 -24.09
N ILE B 70 28.09 25.69 -23.60
CA ILE B 70 27.96 27.09 -24.05
C ILE B 70 28.46 27.22 -25.50
N ASP B 71 29.63 26.65 -25.81
CA ASP B 71 30.19 26.68 -27.16
C ASP B 71 29.48 25.70 -28.10
N GLN B 72 28.90 24.63 -27.53
CA GLN B 72 28.16 23.59 -28.26
C GLN B 72 26.82 24.14 -28.79
N ALA B 73 26.00 24.74 -27.91
CA ALA B 73 24.70 25.33 -28.26
C ALA B 73 24.85 26.52 -29.23
N PRO B 74 23.90 26.74 -30.17
CA PRO B 74 24.07 27.85 -31.13
C PRO B 74 23.75 29.24 -30.60
N LEU B 75 23.03 29.32 -29.46
CA LEU B 75 22.62 30.57 -28.83
C LEU B 75 22.92 30.58 -27.32
N PHE B 76 23.49 31.69 -26.84
CA PHE B 76 23.80 31.88 -25.43
C PHE B 76 23.23 33.21 -24.94
N LEU B 77 22.01 33.14 -24.40
CA LEU B 77 21.30 34.28 -23.84
C LEU B 77 22.00 34.75 -22.56
N ILE B 78 21.86 36.03 -22.24
CA ILE B 78 22.43 36.60 -21.03
C ILE B 78 21.53 37.68 -20.46
N PHE B 79 20.96 37.39 -19.30
CA PHE B 79 20.03 38.24 -18.57
C PHE B 79 20.82 39.17 -17.64
N CYS B 80 20.73 40.49 -17.89
CA CYS B 80 21.40 41.55 -17.16
C CYS B 80 20.41 42.43 -16.40
N ALA B 81 20.72 42.74 -15.12
CA ALA B 81 19.88 43.64 -14.33
C ALA B 81 20.16 45.06 -14.82
N ASP B 82 19.16 45.69 -15.46
CA ASP B 82 19.29 47.00 -16.08
C ASP B 82 18.62 48.17 -15.35
N PHE B 83 19.44 49.15 -14.93
CA PHE B 83 19.02 50.41 -14.31
C PHE B 83 19.50 51.60 -15.15
N ASN B 84 20.03 51.31 -16.36
CA ASN B 84 20.47 52.32 -17.32
C ASN B 84 19.26 52.95 -17.97
N ARG B 85 18.17 52.16 -18.16
CA ARG B 85 16.90 52.66 -18.69
C ARG B 85 16.28 53.60 -17.66
N ALA B 86 16.38 53.24 -16.36
CA ALA B 86 15.91 54.02 -15.21
C ALA B 86 16.71 55.34 -15.13
N LYS B 87 17.99 55.31 -15.53
CA LYS B 87 18.89 56.46 -15.60
C LYS B 87 18.46 57.39 -16.74
N ILE B 88 18.13 56.81 -17.93
CA ILE B 88 17.63 57.59 -19.08
C ILE B 88 16.29 58.21 -18.71
N ALA B 89 15.40 57.43 -18.05
CA ALA B 89 14.08 57.87 -17.59
C ALA B 89 14.19 59.06 -16.63
N ALA B 90 15.14 58.99 -15.66
CA ALA B 90 15.41 60.05 -14.69
C ALA B 90 15.96 61.31 -15.38
N GLU B 91 16.80 61.14 -16.41
CA GLU B 91 17.40 62.23 -17.20
C GLU B 91 16.33 62.96 -18.03
N LEU B 92 15.35 62.20 -18.56
CA LEU B 92 14.24 62.73 -19.36
C LEU B 92 13.28 63.58 -18.52
N ASN B 93 13.20 63.31 -17.20
CA ASN B 93 12.33 64.02 -16.26
C ASN B 93 13.07 64.92 -15.26
N ASP B 94 14.36 65.24 -15.54
CA ASP B 94 15.25 66.08 -14.73
C ASP B 94 15.20 65.66 -13.23
N ALA B 95 15.33 64.34 -12.99
CA ALA B 95 15.28 63.74 -11.66
C ALA B 95 16.54 62.95 -11.35
N PRO B 96 16.99 62.87 -10.07
CA PRO B 96 18.18 62.05 -9.77
C PRO B 96 17.86 60.55 -9.67
N LEU B 97 18.89 59.68 -9.76
CA LEU B 97 18.72 58.23 -9.64
C LEU B 97 19.28 57.81 -8.27
N GLY B 98 18.38 57.65 -7.32
CA GLY B 98 18.70 57.32 -5.94
C GLY B 98 18.77 55.85 -5.58
N VAL B 99 17.88 55.02 -6.18
CA VAL B 99 17.78 53.57 -5.93
C VAL B 99 19.11 52.79 -6.01
N THR B 100 19.98 53.14 -6.98
CA THR B 100 21.29 52.51 -7.22
C THR B 100 22.31 52.71 -6.09
N ASP B 101 22.00 53.61 -5.13
CA ASP B 101 22.80 53.91 -3.94
C ASP B 101 22.36 53.05 -2.73
N GLY B 102 21.46 52.09 -2.99
CA GLY B 102 20.94 51.14 -2.00
C GLY B 102 20.96 49.70 -2.49
N LEU B 103 20.86 48.75 -1.54
CA LEU B 103 20.87 47.31 -1.83
C LEU B 103 19.55 46.81 -2.44
N GLU B 104 18.49 47.65 -2.40
CA GLU B 104 17.19 47.35 -2.98
C GLU B 104 17.29 47.20 -4.51
N SER B 105 18.06 48.09 -5.17
CA SER B 105 18.31 48.06 -6.62
C SER B 105 18.93 46.72 -7.04
N ILE B 106 19.79 46.15 -6.17
CA ILE B 106 20.44 44.85 -6.40
C ILE B 106 19.39 43.74 -6.27
N LEU B 107 18.55 43.80 -5.22
CA LEU B 107 17.49 42.80 -4.99
C LEU B 107 16.41 42.83 -6.08
N VAL B 108 16.03 44.03 -6.56
CA VAL B 108 15.04 44.23 -7.62
C VAL B 108 15.57 43.63 -8.94
N GLY B 109 16.78 44.04 -9.32
CA GLY B 109 17.47 43.61 -10.53
C GLY B 109 17.69 42.11 -10.65
N ALA B 110 18.10 41.46 -9.55
CA ALA B 110 18.35 40.01 -9.49
C ALA B 110 17.06 39.19 -9.49
N THR B 111 16.02 39.64 -8.74
CA THR B 111 14.72 38.95 -8.67
C THR B 111 14.03 39.02 -10.03
N ASP B 112 13.99 40.22 -10.67
CA ASP B 112 13.37 40.44 -11.97
C ASP B 112 14.05 39.65 -13.10
N ALA B 113 15.41 39.51 -13.02
CA ALA B 113 16.21 38.75 -13.99
C ALA B 113 15.93 37.25 -13.90
N GLY B 114 15.71 36.77 -12.67
CA GLY B 114 15.34 35.38 -12.38
C GLY B 114 13.97 35.04 -12.94
N ILE B 115 13.02 36.01 -12.88
CA ILE B 115 11.66 35.93 -13.42
C ILE B 115 11.73 35.76 -14.96
N SER B 116 12.46 36.69 -15.64
CA SER B 116 12.66 36.74 -17.09
C SER B 116 13.41 35.49 -17.63
N LEU B 117 14.30 34.90 -16.82
CA LEU B 117 15.05 33.68 -17.16
C LEU B 117 14.08 32.50 -17.13
N GLU B 118 13.14 32.50 -16.14
CA GLU B 118 12.15 31.45 -15.99
C GLU B 118 11.08 31.52 -17.08
N ALA B 119 10.65 32.74 -17.46
CA ALA B 119 9.66 32.96 -18.53
C ALA B 119 10.22 32.50 -19.88
N ALA B 120 11.56 32.63 -20.06
CA ALA B 120 12.29 32.18 -21.25
C ALA B 120 12.45 30.65 -21.20
N THR B 121 12.70 30.08 -19.99
CA THR B 121 12.85 28.63 -19.75
C THR B 121 11.60 27.87 -20.19
N VAL B 122 10.41 28.23 -19.66
CA VAL B 122 9.14 27.58 -20.02
C VAL B 122 8.72 27.75 -21.48
N ALA B 123 9.10 28.89 -22.11
CA ALA B 123 8.79 29.15 -23.52
C ALA B 123 9.66 28.27 -24.42
N ALA B 124 10.99 28.30 -24.21
CA ALA B 124 11.97 27.52 -24.98
C ALA B 124 11.74 26.00 -24.88
N GLU B 125 11.49 25.51 -23.64
CA GLU B 125 11.28 24.09 -23.37
C GLU B 125 9.98 23.55 -23.96
N SER B 126 8.93 24.41 -24.06
CA SER B 126 7.64 24.03 -24.65
C SER B 126 7.73 23.93 -26.18
N LEU B 127 8.72 24.64 -26.78
CA LEU B 127 9.00 24.63 -28.22
C LEU B 127 9.80 23.39 -28.64
N GLY B 128 10.30 22.64 -27.66
CA GLY B 128 11.08 21.43 -27.87
C GLY B 128 12.56 21.56 -27.55
N LEU B 129 13.01 22.82 -27.35
CA LEU B 129 14.42 23.15 -27.06
C LEU B 129 14.83 22.73 -25.64
N GLY B 130 16.14 22.72 -25.41
CA GLY B 130 16.75 22.41 -24.13
C GLY B 130 17.49 23.61 -23.59
N THR B 131 17.41 23.85 -22.27
CA THR B 131 18.06 25.00 -21.62
C THR B 131 18.91 24.61 -20.41
N VAL B 132 19.88 25.48 -20.04
CA VAL B 132 20.76 25.39 -18.87
C VAL B 132 21.24 26.80 -18.42
N PRO B 133 20.72 27.33 -17.27
CA PRO B 133 21.15 28.66 -16.83
C PRO B 133 22.62 28.67 -16.43
N ILE B 134 23.33 29.80 -16.66
CA ILE B 134 24.75 29.91 -16.33
C ILE B 134 25.01 30.95 -15.23
N GLY B 135 25.22 30.46 -14.01
CA GLY B 135 25.55 31.29 -12.86
C GLY B 135 27.03 31.60 -12.84
N GLY B 136 27.76 30.97 -13.77
CA GLY B 136 29.20 31.11 -13.98
C GLY B 136 29.60 32.42 -14.62
N ILE B 137 28.61 33.21 -15.10
CA ILE B 137 28.81 34.53 -15.70
C ILE B 137 29.42 35.51 -14.66
N ARG B 138 29.31 35.15 -13.36
CA ARG B 138 29.82 35.87 -12.20
C ARG B 138 31.23 35.38 -11.76
N ARG B 139 31.88 34.51 -12.56
CA ARG B 139 33.23 34.01 -12.26
C ARG B 139 34.26 35.13 -12.52
N LYS B 140 34.23 35.72 -13.74
CA LYS B 140 35.08 36.85 -14.14
C LYS B 140 34.11 37.92 -14.69
N PRO B 141 33.41 38.66 -13.79
CA PRO B 141 32.37 39.59 -14.27
C PRO B 141 32.85 40.86 -14.93
N LEU B 142 34.06 41.32 -14.60
CA LEU B 142 34.64 42.53 -15.17
C LEU B 142 34.98 42.32 -16.64
N GLU B 143 35.37 41.07 -17.01
CA GLU B 143 35.68 40.70 -18.40
C GLU B 143 34.40 40.55 -19.21
N VAL B 144 33.30 40.13 -18.54
CA VAL B 144 31.97 39.96 -19.14
C VAL B 144 31.44 41.34 -19.55
N ILE B 145 31.56 42.34 -18.64
CA ILE B 145 31.16 43.74 -18.85
C ILE B 145 31.89 44.33 -20.08
N GLU B 146 33.21 44.10 -20.17
CA GLU B 146 34.07 44.55 -21.28
C GLU B 146 33.61 43.94 -22.62
N LEU B 147 33.36 42.60 -22.63
CA LEU B 147 32.94 41.81 -23.79
C LEU B 147 31.59 42.24 -24.34
N LEU B 148 30.57 42.31 -23.46
CA LEU B 148 29.20 42.67 -23.81
C LEU B 148 28.96 44.19 -23.88
N ASP B 149 30.01 45.00 -23.64
CA ASP B 149 30.00 46.47 -23.64
C ASP B 149 28.91 47.02 -22.71
N LEU B 150 28.83 46.40 -21.53
CA LEU B 150 27.86 46.70 -20.48
C LEU B 150 28.10 48.08 -19.87
N PRO B 151 27.12 49.00 -19.98
CA PRO B 151 27.34 50.34 -19.41
C PRO B 151 27.09 50.41 -17.90
N GLU B 152 27.11 51.62 -17.34
CA GLU B 152 26.85 51.89 -15.92
C GLU B 152 25.41 51.47 -15.60
N TYR B 153 25.20 51.03 -14.34
CA TYR B 153 23.90 50.60 -13.81
C TYR B 153 23.36 49.30 -14.44
N VAL B 154 24.22 48.58 -15.18
CA VAL B 154 23.91 47.30 -15.83
C VAL B 154 24.90 46.24 -15.31
N PHE B 155 24.40 45.11 -14.78
CA PHE B 155 25.25 44.02 -14.28
C PHE B 155 24.78 42.62 -14.69
N PRO B 156 25.70 41.72 -15.10
CA PRO B 156 25.26 40.36 -15.52
C PRO B 156 24.76 39.50 -14.35
N VAL B 157 23.55 38.95 -14.49
CA VAL B 157 22.94 38.12 -13.45
C VAL B 157 23.18 36.64 -13.73
N SER B 158 22.61 36.13 -14.83
CA SER B 158 22.73 34.73 -15.24
C SER B 158 22.57 34.60 -16.75
N GLY B 159 23.30 33.67 -17.34
CA GLY B 159 23.20 33.37 -18.75
C GLY B 159 22.18 32.27 -18.95
N LEU B 160 21.87 31.94 -20.22
CA LEU B 160 20.95 30.84 -20.57
C LEU B 160 21.33 30.22 -21.91
N VAL B 161 21.70 28.94 -21.86
CA VAL B 161 22.13 28.15 -23.02
C VAL B 161 20.89 27.53 -23.70
N VAL B 162 20.55 28.02 -24.90
CA VAL B 162 19.38 27.57 -25.66
C VAL B 162 19.85 26.88 -26.95
N GLY B 163 19.33 25.70 -27.20
CA GLY B 163 19.65 24.91 -28.38
C GLY B 163 18.82 23.65 -28.54
N HIS B 164 19.08 22.90 -29.61
CA HIS B 164 18.36 21.65 -29.88
C HIS B 164 19.08 20.49 -29.18
N PRO B 165 18.43 19.77 -28.23
CA PRO B 165 19.12 18.69 -27.51
C PRO B 165 19.52 17.46 -28.34
N SER B 166 20.56 16.73 -27.87
CA SER B 166 21.05 15.50 -28.47
C SER B 166 20.74 14.30 -27.55
N ASP B 167 20.19 14.60 -26.35
CA ASP B 167 19.80 13.62 -25.32
C ASP B 167 18.73 14.22 -24.39
N HIS B 168 17.84 13.37 -23.87
CA HIS B 168 16.75 13.76 -22.98
C HIS B 168 17.20 14.02 -21.56
N SER B 169 18.30 13.37 -21.13
CA SER B 169 18.88 13.40 -19.78
C SER B 169 17.87 12.82 -18.76
N ALA B 170 17.86 13.34 -17.51
CA ALA B 170 16.95 12.88 -16.46
C ALA B 170 16.61 14.00 -15.47
N LYS B 171 15.42 13.90 -14.86
CA LYS B 171 14.92 14.84 -13.85
C LYS B 171 15.68 14.62 -12.54
N LYS B 172 16.30 15.70 -12.01
CA LYS B 172 17.02 15.67 -10.74
C LYS B 172 15.98 15.75 -9.62
N PRO B 173 15.93 14.80 -8.65
CA PRO B 173 14.91 14.88 -7.59
C PRO B 173 15.03 16.14 -6.73
N ARG B 174 13.88 16.68 -6.28
CA ARG B 174 13.85 17.89 -5.46
C ARG B 174 13.55 17.57 -4.01
N LEU B 175 13.87 18.52 -3.10
CA LEU B 175 13.68 18.41 -1.65
C LEU B 175 12.25 18.01 -1.28
N PRO B 176 12.04 17.24 -0.18
CA PRO B 176 10.65 16.90 0.22
C PRO B 176 9.81 18.15 0.37
N GLN B 177 8.54 18.11 -0.07
CA GLN B 177 7.60 19.24 -0.03
C GLN B 177 7.60 19.97 1.31
N ALA B 178 7.56 19.21 2.44
CA ALA B 178 7.54 19.73 3.81
C ALA B 178 8.77 20.57 4.15
N ALA B 179 9.93 20.30 3.51
CA ALA B 179 11.20 21.03 3.73
C ALA B 179 11.23 22.40 3.02
N VAL B 180 10.58 22.53 1.86
CA VAL B 180 10.52 23.76 1.05
C VAL B 180 9.23 24.57 1.34
N HIS B 181 8.08 23.89 1.44
CA HIS B 181 6.78 24.52 1.71
C HIS B 181 6.44 24.48 3.19
N HIS B 182 6.46 25.65 3.85
CA HIS B 182 6.13 25.79 5.27
C HIS B 182 4.82 26.54 5.41
N ARG B 183 3.84 25.93 6.09
CA ARG B 183 2.52 26.52 6.28
C ARG B 183 2.50 27.50 7.47
N GLU B 184 1.98 28.72 7.22
CA GLU B 184 1.81 29.83 8.17
C GLU B 184 3.10 30.47 8.70
N SER B 185 3.98 29.66 9.30
CA SER B 185 5.27 30.09 9.85
C SER B 185 6.38 29.14 9.39
N TYR B 186 7.65 29.53 9.61
CA TYR B 186 8.82 28.73 9.24
C TYR B 186 8.92 27.46 10.09
N ASN B 187 9.20 26.30 9.45
CA ASN B 187 9.39 25.03 10.15
C ASN B 187 10.89 24.81 10.34
N HIS B 188 11.33 24.81 11.61
CA HIS B 188 12.73 24.64 11.98
C HIS B 188 13.24 23.18 12.00
N ASP B 189 12.32 22.19 12.01
CA ASP B 189 12.68 20.77 12.01
C ASP B 189 12.89 20.28 10.56
N LEU B 190 14.09 20.53 10.00
CA LEU B 190 14.42 20.15 8.62
C LEU B 190 15.60 19.19 8.48
N LYS B 191 16.36 18.96 9.57
CA LYS B 191 17.53 18.09 9.59
C LYS B 191 17.21 16.65 9.15
N SER B 192 16.15 16.05 9.72
CA SER B 192 15.70 14.70 9.41
C SER B 192 15.25 14.57 7.95
N LEU B 193 14.59 15.62 7.42
CA LEU B 193 14.12 15.70 6.03
C LEU B 193 15.29 15.76 5.05
N ILE B 194 16.37 16.47 5.41
CA ILE B 194 17.58 16.60 4.59
C ILE B 194 18.31 15.25 4.58
N GLN B 195 18.40 14.58 5.75
CA GLN B 195 19.04 13.28 5.92
C GLN B 195 18.37 12.20 5.05
N ASP B 196 17.01 12.20 4.99
CA ASP B 196 16.23 11.28 4.18
C ASP B 196 16.40 11.60 2.69
N TYR B 197 16.54 12.92 2.38
CA TYR B 197 16.74 13.46 1.04
C TYR B 197 18.12 13.08 0.49
N ASP B 198 19.13 12.99 1.36
CA ASP B 198 20.51 12.60 1.04
C ASP B 198 20.56 11.13 0.65
N ALA B 199 19.73 10.28 1.32
CA ALA B 199 19.64 8.85 1.07
C ALA B 199 19.02 8.60 -0.31
N GLU B 200 18.02 9.43 -0.70
CA GLU B 200 17.32 9.36 -1.98
C GLU B 200 18.16 10.00 -3.10
N MET B 201 19.13 10.87 -2.74
CA MET B 201 20.02 11.54 -3.69
C MET B 201 21.25 10.71 -3.98
N ALA B 202 21.68 9.89 -3.00
CA ALA B 202 22.81 8.98 -3.14
C ALA B 202 22.40 7.85 -4.07
N GLU B 203 21.11 7.41 -3.97
CA GLU B 203 20.53 6.35 -4.81
C GLU B 203 20.35 6.85 -6.24
N TYR B 204 19.99 8.15 -6.40
CA TYR B 204 19.82 8.78 -7.71
C TYR B 204 21.16 8.84 -8.45
N MET B 205 22.20 9.32 -7.75
CA MET B 205 23.56 9.44 -8.28
C MET B 205 24.19 8.07 -8.57
N LYS B 206 23.77 7.01 -7.84
CA LYS B 206 24.23 5.64 -8.05
C LYS B 206 23.67 5.09 -9.36
N LYS B 207 22.34 5.24 -9.58
CA LYS B 207 21.64 4.80 -10.78
C LYS B 207 22.03 5.56 -12.04
N ARG B 208 22.41 6.86 -11.93
CA ARG B 208 22.79 7.64 -13.12
C ARG B 208 24.26 7.45 -13.56
N THR B 209 25.15 7.02 -12.64
CA THR B 209 26.57 6.77 -12.92
C THR B 209 26.89 5.26 -12.96
N ASN B 210 25.87 4.39 -12.75
CA ASN B 210 25.96 2.91 -12.70
C ASN B 210 26.85 2.44 -11.53
N GLY B 211 26.53 2.95 -10.34
CA GLY B 211 27.24 2.64 -9.10
C GLY B 211 28.66 3.15 -9.00
N ALA B 212 28.98 4.23 -9.74
CA ALA B 212 30.32 4.84 -9.74
C ALA B 212 30.46 5.96 -8.72
N ASP B 213 29.41 6.80 -8.55
CA ASP B 213 29.40 7.93 -7.63
C ASP B 213 28.27 7.82 -6.61
N ASP B 214 28.59 8.06 -5.32
CA ASP B 214 27.67 7.98 -4.18
C ASP B 214 27.29 9.37 -3.60
N ARG B 215 27.69 10.46 -4.30
CA ARG B 215 27.46 11.85 -3.92
C ARG B 215 26.03 12.16 -3.53
N ASN B 216 25.82 12.60 -2.28
CA ASN B 216 24.51 13.01 -1.79
C ASN B 216 24.35 14.52 -1.98
N TRP B 217 23.17 15.06 -1.65
CA TRP B 217 22.88 16.48 -1.80
C TRP B 217 23.73 17.38 -0.89
N SER B 218 23.77 17.07 0.42
CA SER B 218 24.49 17.84 1.43
C SER B 218 25.97 17.95 1.14
N GLN B 219 26.61 16.85 0.67
CA GLN B 219 28.04 16.81 0.32
C GLN B 219 28.37 17.78 -0.82
N THR B 220 27.55 17.79 -1.89
CA THR B 220 27.72 18.65 -3.07
C THR B 220 27.59 20.14 -2.67
N VAL B 221 26.56 20.46 -1.83
CA VAL B 221 26.25 21.80 -1.32
C VAL B 221 27.32 22.31 -0.36
N SER B 222 27.76 21.48 0.64
CA SER B 222 28.78 21.83 1.63
C SER B 222 30.07 22.32 0.99
N ALA B 223 30.60 21.52 0.04
CA ALA B 223 31.85 21.73 -0.70
C ALA B 223 31.97 23.09 -1.41
N ILE B 224 30.92 23.51 -2.15
CA ILE B 224 30.90 24.77 -2.90
C ILE B 224 30.66 25.95 -1.96
N TYR B 225 29.67 25.80 -1.06
CA TYR B 225 29.28 26.83 -0.10
C TYR B 225 30.21 26.96 1.12
N LYS B 226 31.32 26.19 1.12
CA LYS B 226 32.39 26.18 2.12
C LYS B 226 33.09 27.53 2.14
N THR B 227 33.12 28.22 0.98
CA THR B 227 33.77 29.51 0.78
C THR B 227 32.99 30.47 -0.16
N ILE B 228 33.48 31.73 -0.27
CA ILE B 228 32.95 32.76 -1.18
C ILE B 228 33.65 32.46 -2.52
N TYR B 229 33.01 31.60 -3.33
CA TYR B 229 33.53 31.14 -4.62
C TYR B 229 33.69 32.22 -5.68
N TYR B 230 32.79 33.22 -5.69
CA TYR B 230 32.86 34.35 -6.63
C TYR B 230 33.19 35.65 -5.90
N PRO B 231 34.50 36.01 -5.81
CA PRO B 231 34.90 37.21 -5.06
C PRO B 231 34.67 38.54 -5.76
N GLU B 232 34.69 38.55 -7.11
CA GLU B 232 34.53 39.76 -7.93
C GLU B 232 33.09 40.29 -8.03
N VAL B 233 32.16 39.80 -7.17
CA VAL B 233 30.74 40.21 -7.13
C VAL B 233 30.56 41.68 -6.68
N ARG B 234 31.14 42.08 -5.52
CA ARG B 234 31.08 43.46 -5.02
C ARG B 234 31.96 44.35 -5.90
N ALA B 235 33.04 43.77 -6.46
CA ALA B 235 33.95 44.43 -7.39
C ALA B 235 33.24 44.73 -8.73
N MET B 236 32.18 43.96 -9.06
CA MET B 236 31.38 44.11 -10.27
C MET B 236 30.31 45.21 -10.09
N LEU B 237 29.49 45.11 -9.02
CA LEU B 237 28.41 46.05 -8.70
C LEU B 237 28.92 47.48 -8.53
N GLU B 238 29.98 47.66 -7.71
CA GLU B 238 30.60 48.96 -7.44
C GLU B 238 31.18 49.61 -8.70
N LYS B 239 31.80 48.81 -9.60
CA LYS B 239 32.36 49.28 -10.88
C LYS B 239 31.23 49.81 -11.78
N GLN B 240 30.04 49.21 -11.67
CA GLN B 240 28.86 49.58 -12.44
C GLN B 240 27.97 50.66 -11.82
N GLY B 241 28.53 51.41 -10.86
CA GLY B 241 27.88 52.53 -10.20
C GLY B 241 26.91 52.23 -9.07
N PHE B 242 26.95 51.01 -8.52
CA PHE B 242 26.05 50.64 -7.42
C PHE B 242 26.75 50.82 -6.08
N LYS B 243 26.04 51.43 -5.11
CA LYS B 243 26.56 51.67 -3.77
C LYS B 243 25.66 50.98 -2.74
N PHE B 244 26.13 50.85 -1.47
CA PHE B 244 25.37 50.21 -0.39
C PHE B 244 25.21 51.13 0.81
N GLU B 245 23.96 51.26 1.32
CA GLU B 245 23.53 52.17 2.39
C GLU B 245 24.16 52.07 3.81
N LYS B 246 25.11 51.13 4.03
CA LYS B 246 25.84 50.90 5.29
C LYS B 246 24.94 50.66 6.51
N ASN C 2 -1.39 -27.90 27.55
CA ASN C 2 -1.55 -27.62 26.11
C ASN C 2 -0.23 -27.31 25.42
N GLU C 3 -0.27 -27.12 24.08
CA GLU C 3 0.88 -26.81 23.22
C GLU C 3 1.48 -25.42 23.50
N ALA C 4 0.63 -24.42 23.82
CA ALA C 4 1.07 -23.06 24.14
C ALA C 4 1.90 -23.04 25.42
N ILE C 5 1.39 -23.68 26.50
CA ILE C 5 2.07 -23.78 27.80
C ILE C 5 3.32 -24.64 27.69
N ARG C 6 3.25 -25.74 26.90
CA ARG C 6 4.41 -26.62 26.68
C ARG C 6 5.55 -25.89 25.96
N THR C 7 5.24 -25.05 24.95
CA THR C 7 6.23 -24.25 24.21
C THR C 7 6.99 -23.35 25.17
N ILE C 8 6.26 -22.66 26.07
CA ILE C 8 6.88 -21.76 27.06
C ILE C 8 7.63 -22.55 28.14
N GLN C 9 6.99 -23.56 28.75
CA GLN C 9 7.60 -24.37 29.81
C GLN C 9 8.85 -25.17 29.41
N ASP C 10 8.94 -25.63 28.14
CA ASP C 10 10.09 -26.37 27.60
C ASP C 10 11.15 -25.46 26.93
N HIS C 11 11.20 -24.18 27.31
CA HIS C 11 12.14 -23.22 26.75
C HIS C 11 13.60 -23.43 27.10
N ARG C 12 14.47 -23.25 26.10
CA ARG C 12 15.92 -23.24 26.19
C ARG C 12 16.49 -22.46 25.00
N SER C 13 17.54 -21.66 25.25
CA SER C 13 18.19 -20.87 24.21
C SER C 13 19.16 -21.76 23.44
N ILE C 14 19.13 -21.65 22.11
CA ILE C 14 19.98 -22.44 21.22
C ILE C 14 21.11 -21.57 20.70
N ARG C 15 22.35 -22.07 20.79
CA ARG C 15 23.55 -21.37 20.34
C ARG C 15 24.35 -22.21 19.31
N GLN C 16 23.77 -23.36 18.88
CA GLN C 16 24.35 -24.26 17.88
C GLN C 16 23.33 -24.47 16.77
N TYR C 17 23.64 -23.93 15.56
CA TYR C 17 22.76 -23.94 14.40
C TYR C 17 23.33 -24.65 13.16
N THR C 18 22.44 -25.00 12.22
CA THR C 18 22.78 -25.64 10.95
C THR C 18 22.78 -24.58 9.84
N ASP C 19 23.30 -24.93 8.65
CA ASP C 19 23.36 -24.07 7.47
C ASP C 19 21.96 -23.81 6.87
N GLU C 20 20.97 -24.64 7.27
CA GLU C 20 19.57 -24.58 6.85
C GLU C 20 18.94 -23.20 7.08
N ALA C 21 18.48 -22.58 5.99
CA ALA C 21 17.88 -21.25 5.99
C ALA C 21 16.45 -21.27 6.52
N VAL C 22 16.05 -20.17 7.19
CA VAL C 22 14.70 -19.97 7.72
C VAL C 22 13.84 -19.48 6.54
N SER C 23 12.77 -20.23 6.21
CA SER C 23 11.87 -19.92 5.11
C SER C 23 11.14 -18.58 5.32
N ASP C 24 10.62 -18.00 4.22
CA ASP C 24 9.86 -16.75 4.24
C ASP C 24 8.52 -16.97 4.95
N GLU C 25 7.93 -18.19 4.80
CA GLU C 25 6.69 -18.61 5.45
C GLU C 25 6.86 -18.62 6.97
N HIS C 26 8.04 -19.06 7.47
CA HIS C 26 8.38 -19.09 8.89
C HIS C 26 8.60 -17.68 9.43
N LEU C 27 9.37 -16.84 8.69
CA LEU C 27 9.64 -15.45 9.06
C LEU C 27 8.35 -14.64 9.17
N ASP C 28 7.47 -14.72 8.14
CA ASP C 28 6.18 -14.03 8.12
C ASP C 28 5.28 -14.40 9.30
N THR C 29 5.30 -15.69 9.73
CA THR C 29 4.54 -16.20 10.88
C THR C 29 5.10 -15.62 12.20
N ILE C 30 6.46 -15.56 12.33
CA ILE C 30 7.14 -15.02 13.51
C ILE C 30 6.82 -13.53 13.64
N ILE C 31 6.88 -12.78 12.51
CA ILE C 31 6.59 -11.34 12.44
C ILE C 31 5.12 -11.07 12.78
N GLN C 32 4.18 -11.78 12.11
CA GLN C 32 2.74 -11.65 12.34
C GLN C 32 2.33 -11.92 13.78
N SER C 33 2.99 -12.90 14.43
CA SER C 33 2.77 -13.25 15.85
C SER C 33 3.28 -12.14 16.76
N ALA C 34 4.46 -11.56 16.44
CA ALA C 34 5.05 -10.47 17.22
C ALA C 34 4.15 -9.21 17.16
N GLN C 35 3.59 -8.90 15.96
CA GLN C 35 2.67 -7.78 15.75
C GLN C 35 1.35 -8.03 16.47
N SER C 36 0.91 -9.30 16.56
CA SER C 36 -0.33 -9.71 17.21
C SER C 36 -0.34 -9.48 18.73
N ALA C 37 0.82 -9.31 19.35
CA ALA C 37 0.96 -9.06 20.77
C ALA C 37 0.48 -7.65 21.17
N ALA C 38 0.21 -7.43 22.48
CA ALA C 38 -0.22 -6.13 23.01
C ALA C 38 0.88 -5.07 22.96
N SER C 39 0.49 -3.78 22.82
CA SER C 39 1.40 -2.62 22.78
C SER C 39 0.75 -1.44 23.50
N SER C 40 1.53 -0.68 24.30
CA SER C 40 1.05 0.49 25.05
C SER C 40 0.29 1.44 24.14
N ILE C 41 -1.01 1.72 24.48
CA ILE C 41 -1.96 2.59 23.74
C ILE C 41 -2.15 2.24 22.23
N ASN C 42 -1.84 0.96 21.86
CA ASN C 42 -1.85 0.42 20.49
C ASN C 42 -0.95 1.25 19.54
N GLY C 43 0.11 1.80 20.12
CA GLY C 43 1.08 2.63 19.43
C GLY C 43 2.09 1.83 18.64
N GLN C 44 2.21 0.52 18.98
CA GLN C 44 3.09 -0.46 18.32
C GLN C 44 4.50 0.11 18.16
N GLN C 45 5.13 0.39 19.34
CA GLN C 45 6.44 1.02 19.54
C GLN C 45 7.65 0.09 19.29
N VAL C 46 7.49 -0.93 18.43
CA VAL C 46 8.55 -1.89 18.08
C VAL C 46 8.75 -1.96 16.57
N THR C 47 10.01 -1.94 16.12
CA THR C 47 10.39 -2.10 14.72
C THR C 47 11.31 -3.30 14.64
N ILE C 48 11.05 -4.21 13.71
CA ILE C 48 11.84 -5.42 13.56
C ILE C 48 12.65 -5.43 12.26
N ILE C 49 13.98 -5.53 12.38
CA ILE C 49 14.90 -5.56 11.26
C ILE C 49 15.40 -6.99 11.04
N SER C 50 15.15 -7.57 9.86
CA SER C 50 15.58 -8.92 9.53
C SER C 50 16.90 -8.88 8.78
N VAL C 51 17.94 -9.43 9.40
CA VAL C 51 19.26 -9.50 8.77
C VAL C 51 19.53 -10.96 8.39
N GLN C 52 19.62 -11.19 7.07
CA GLN C 52 19.87 -12.50 6.46
C GLN C 52 21.19 -12.54 5.70
N ASP C 53 21.67 -11.34 5.26
CA ASP C 53 22.94 -11.16 4.54
C ASP C 53 24.12 -11.42 5.48
N LYS C 54 24.91 -12.48 5.17
CA LYS C 54 26.07 -12.97 5.92
C LYS C 54 27.05 -11.88 6.36
N GLU C 55 27.42 -10.96 5.42
CA GLU C 55 28.37 -9.87 5.66
C GLU C 55 27.88 -8.87 6.70
N LYS C 56 26.60 -8.43 6.60
CA LYS C 56 25.98 -7.50 7.55
C LYS C 56 25.82 -8.20 8.89
N LYS C 57 25.27 -9.43 8.89
CA LYS C 57 25.04 -10.26 10.08
C LYS C 57 26.36 -10.62 10.79
N LYS C 58 27.50 -10.65 10.06
CA LYS C 58 28.82 -10.88 10.64
C LYS C 58 29.24 -9.63 11.41
N LYS C 59 28.95 -8.43 10.87
CA LYS C 59 29.30 -7.16 11.51
C LYS C 59 28.56 -6.99 12.83
N LEU C 60 27.23 -7.25 12.85
CA LEU C 60 26.38 -7.20 14.04
C LEU C 60 26.88 -8.16 15.13
N SER C 61 27.34 -9.36 14.71
CA SER C 61 27.90 -10.44 15.54
C SER C 61 29.15 -9.97 16.29
N GLU C 62 30.11 -9.35 15.57
CA GLU C 62 31.35 -8.81 16.11
C GLU C 62 31.05 -7.69 17.11
N LEU C 63 30.11 -6.78 16.74
CA LEU C 63 29.68 -5.64 17.56
C LEU C 63 28.99 -6.09 18.85
N ALA C 64 28.35 -7.28 18.83
CA ALA C 64 27.66 -7.88 19.98
C ALA C 64 28.61 -8.64 20.92
N GLY C 65 29.91 -8.66 20.59
CA GLY C 65 30.96 -9.30 21.37
C GLY C 65 31.43 -10.62 20.81
N ASN C 66 31.53 -10.70 19.46
CA ASN C 66 31.96 -11.87 18.68
C ASN C 66 31.21 -13.16 19.03
N GLN C 67 29.87 -13.06 19.10
CA GLN C 67 28.98 -14.17 19.40
C GLN C 67 28.77 -15.01 18.13
N ALA C 68 29.46 -16.17 18.06
CA ALA C 68 29.49 -17.10 16.92
C ALA C 68 28.13 -17.49 16.36
N TRP C 69 27.16 -17.77 17.25
CA TRP C 69 25.78 -18.17 16.90
C TRP C 69 25.04 -17.19 15.99
N ILE C 70 25.41 -15.89 16.02
CA ILE C 70 24.83 -14.83 15.18
C ILE C 70 25.22 -15.05 13.71
N ASP C 71 26.51 -15.31 13.44
CA ASP C 71 26.99 -15.56 12.08
C ASP C 71 26.64 -16.97 11.60
N GLN C 72 26.45 -17.91 12.55
CA GLN C 72 26.08 -19.31 12.29
C GLN C 72 24.63 -19.39 11.80
N ALA C 73 23.67 -18.80 12.56
CA ALA C 73 22.24 -18.79 12.21
C ALA C 73 21.97 -18.01 10.93
N PRO C 74 20.97 -18.41 10.10
CA PRO C 74 20.73 -17.72 8.83
C PRO C 74 19.99 -16.40 8.92
N LEU C 75 19.33 -16.16 10.07
CA LEU C 75 18.53 -14.96 10.32
C LEU C 75 18.84 -14.35 11.70
N PHE C 76 18.94 -13.01 11.72
CA PHE C 76 19.15 -12.21 12.93
C PHE C 76 18.11 -11.11 12.96
N LEU C 77 17.14 -11.24 13.86
CA LEU C 77 16.07 -10.26 14.05
C LEU C 77 16.54 -9.20 15.05
N ILE C 78 16.23 -7.92 14.79
CA ILE C 78 16.60 -6.85 15.71
C ILE C 78 15.37 -6.02 16.08
N PHE C 79 14.98 -6.12 17.37
CA PHE C 79 13.83 -5.46 17.97
C PHE C 79 14.25 -4.11 18.46
N CYS C 80 13.71 -3.04 17.85
CA CYS C 80 14.03 -1.66 18.21
C CYS C 80 12.82 -0.91 18.68
N ALA C 81 13.02 0.00 19.65
CA ALA C 81 11.97 0.89 20.17
C ALA C 81 11.72 1.98 19.11
N ASP C 82 10.48 2.09 18.61
CA ASP C 82 10.19 3.03 17.55
C ASP C 82 9.16 4.12 17.85
N PHE C 83 9.66 5.37 17.91
CA PHE C 83 8.86 6.56 18.12
C PHE C 83 8.91 7.46 16.88
N ASN C 84 9.46 6.95 15.76
CA ASN C 84 9.51 7.65 14.47
C ASN C 84 8.12 7.62 13.83
N ARG C 85 7.36 6.51 14.06
CA ARG C 85 5.99 6.37 13.59
C ARG C 85 5.12 7.36 14.35
N ALA C 86 5.37 7.51 15.68
CA ALA C 86 4.69 8.46 16.57
C ALA C 86 4.98 9.89 16.12
N LYS C 87 6.19 10.13 15.57
CA LYS C 87 6.63 11.42 15.03
C LYS C 87 5.88 11.70 13.72
N ILE C 88 5.73 10.70 12.83
CA ILE C 88 4.97 10.83 11.57
C ILE C 88 3.50 11.09 11.91
N ALA C 89 2.96 10.34 12.91
CA ALA C 89 1.57 10.47 13.41
C ALA C 89 1.30 11.89 13.92
N ALA C 90 2.24 12.46 14.70
CA ALA C 90 2.16 13.81 15.25
C ALA C 90 2.23 14.86 14.14
N GLU C 91 3.04 14.62 13.09
CA GLU C 91 3.20 15.50 11.92
C GLU C 91 1.92 15.53 11.08
N LEU C 92 1.25 14.37 10.96
CA LEU C 92 0.00 14.22 10.22
C LEU C 92 -1.18 14.96 10.88
N ASN C 93 -1.10 15.16 12.22
CA ASN C 93 -2.14 15.83 13.01
C ASN C 93 -1.71 17.21 13.56
N ASP C 94 -0.63 17.79 12.98
CA ASP C 94 -0.05 19.08 13.37
C ASP C 94 0.11 19.20 14.91
N ALA C 95 0.69 18.16 15.53
CA ALA C 95 0.88 18.06 16.98
C ALA C 95 2.34 17.85 17.35
N PRO C 96 2.81 18.34 18.53
CA PRO C 96 4.22 18.10 18.90
C PRO C 96 4.44 16.71 19.50
N LEU C 97 5.71 16.23 19.52
CA LEU C 97 6.05 14.95 20.12
C LEU C 97 6.81 15.24 21.43
N GLY C 98 6.06 15.16 22.53
CA GLY C 98 6.54 15.47 23.87
C GLY C 98 7.12 14.32 24.65
N VAL C 99 6.53 13.11 24.51
CA VAL C 99 6.93 11.88 25.22
C VAL C 99 8.45 11.56 25.18
N THR C 100 9.10 11.87 24.03
CA THR C 100 10.53 11.67 23.75
C THR C 100 11.49 12.54 24.58
N ASP C 101 10.92 13.42 25.42
CA ASP C 101 11.67 14.29 26.32
C ASP C 101 11.62 13.76 27.77
N GLY C 102 11.00 12.60 27.96
CA GLY C 102 10.91 11.95 29.26
C GLY C 102 11.50 10.56 29.26
N LEU C 103 11.55 9.93 30.46
CA LEU C 103 12.05 8.57 30.63
C LEU C 103 10.95 7.53 30.38
N GLU C 104 9.66 7.99 30.31
CA GLU C 104 8.50 7.14 30.02
C GLU C 104 8.60 6.54 28.62
N SER C 105 8.98 7.34 27.60
CA SER C 105 9.19 6.88 26.22
C SER C 105 10.24 5.77 26.13
N ILE C 106 11.25 5.77 27.01
CA ILE C 106 12.28 4.74 27.10
C ILE C 106 11.65 3.48 27.71
N LEU C 107 10.88 3.62 28.81
CA LEU C 107 10.22 2.48 29.46
C LEU C 107 9.15 1.84 28.58
N VAL C 108 8.38 2.65 27.81
CA VAL C 108 7.34 2.17 26.87
C VAL C 108 8.01 1.35 25.74
N GLY C 109 9.00 1.95 25.07
CA GLY C 109 9.74 1.35 23.97
C GLY C 109 10.41 0.03 24.30
N ALA C 110 11.09 -0.03 25.48
CA ALA C 110 11.79 -1.23 25.95
C ALA C 110 10.82 -2.35 26.38
N THR C 111 9.72 -2.00 27.08
CA THR C 111 8.72 -2.97 27.54
C THR C 111 8.00 -3.59 26.34
N ASP C 112 7.61 -2.75 25.34
CA ASP C 112 6.94 -3.17 24.09
C ASP C 112 7.83 -4.20 23.36
N ALA C 113 9.13 -3.89 23.17
CA ALA C 113 10.11 -4.77 22.53
C ALA C 113 10.28 -6.14 23.22
N GLY C 114 10.19 -6.17 24.55
CA GLY C 114 10.27 -7.40 25.35
C GLY C 114 9.07 -8.28 25.11
N ILE C 115 7.88 -7.65 24.94
CA ILE C 115 6.61 -8.31 24.64
C ILE C 115 6.69 -8.90 23.22
N SER C 116 7.14 -8.06 22.25
CA SER C 116 7.31 -8.48 20.86
C SER C 116 8.29 -9.66 20.68
N LEU C 117 9.47 -9.60 21.37
CA LEU C 117 10.53 -10.62 21.34
C LEU C 117 10.04 -11.96 21.86
N GLU C 118 9.29 -11.96 22.98
CA GLU C 118 8.71 -13.18 23.57
C GLU C 118 7.66 -13.81 22.64
N ALA C 119 6.81 -12.97 22.00
CA ALA C 119 5.79 -13.43 21.03
C ALA C 119 6.47 -14.05 19.80
N ALA C 120 7.60 -13.46 19.35
CA ALA C 120 8.41 -13.96 18.24
C ALA C 120 9.11 -15.25 18.64
N THR C 121 9.55 -15.35 19.93
CA THR C 121 10.19 -16.54 20.52
C THR C 121 9.21 -17.72 20.57
N VAL C 122 8.02 -17.54 21.22
CA VAL C 122 7.01 -18.62 21.32
C VAL C 122 6.51 -19.14 19.97
N ALA C 123 6.45 -18.25 18.96
CA ALA C 123 6.04 -18.60 17.59
C ALA C 123 7.13 -19.41 16.90
N ALA C 124 8.39 -18.91 16.92
CA ALA C 124 9.54 -19.57 16.31
C ALA C 124 9.83 -20.94 16.93
N GLU C 125 9.79 -21.04 18.26
CA GLU C 125 10.05 -22.28 19.01
C GLU C 125 8.98 -23.34 18.80
N SER C 126 7.72 -22.94 18.58
CA SER C 126 6.62 -23.87 18.31
C SER C 126 6.71 -24.44 16.89
N LEU C 127 7.39 -23.72 15.97
CA LEU C 127 7.61 -24.14 14.58
C LEU C 127 8.76 -25.15 14.48
N GLY C 128 9.51 -25.32 15.57
CA GLY C 128 10.63 -26.24 15.67
C GLY C 128 11.98 -25.58 15.70
N LEU C 129 12.01 -24.25 15.44
CA LEU C 129 13.24 -23.45 15.41
C LEU C 129 13.81 -23.21 16.81
N GLY C 130 15.05 -22.74 16.85
CA GLY C 130 15.76 -22.41 18.08
C GLY C 130 16.08 -20.93 18.09
N THR C 131 15.97 -20.29 19.27
CA THR C 131 16.22 -18.87 19.44
C THR C 131 17.16 -18.56 20.59
N VAL C 132 17.73 -17.35 20.58
CA VAL C 132 18.59 -16.77 21.62
C VAL C 132 18.52 -15.24 21.50
N PRO C 133 17.98 -14.52 22.51
CA PRO C 133 17.92 -13.05 22.40
C PRO C 133 19.33 -12.48 22.54
N ILE C 134 19.65 -11.39 21.82
CA ILE C 134 21.00 -10.80 21.86
C ILE C 134 20.95 -9.39 22.43
N GLY C 135 21.22 -9.28 23.75
CA GLY C 135 21.26 -8.02 24.48
C GLY C 135 22.57 -7.27 24.24
N GLY C 136 23.51 -7.97 23.61
CA GLY C 136 24.82 -7.46 23.22
C GLY C 136 24.77 -6.39 22.15
N ILE C 137 23.57 -6.15 21.58
CA ILE C 137 23.33 -5.11 20.58
C ILE C 137 23.59 -3.70 21.18
N ARG C 138 23.64 -3.63 22.53
CA ARG C 138 23.92 -2.44 23.34
C ARG C 138 25.43 -2.29 23.71
N ARG C 139 26.31 -3.14 23.15
CA ARG C 139 27.76 -3.09 23.40
C ARG C 139 28.35 -1.87 22.67
N LYS C 140 28.09 -1.78 21.35
CA LYS C 140 28.50 -0.66 20.50
C LYS C 140 27.21 -0.19 19.78
N PRO C 141 26.31 0.52 20.51
CA PRO C 141 25.01 0.89 19.92
C PRO C 141 25.05 1.91 18.79
N LEU C 142 26.02 2.84 18.83
CA LEU C 142 26.18 3.89 17.83
C LEU C 142 26.58 3.32 16.46
N GLU C 143 27.33 2.20 16.46
CA GLU C 143 27.74 1.50 15.25
C GLU C 143 26.57 0.67 14.68
N VAL C 144 25.65 0.23 15.56
CA VAL C 144 24.44 -0.53 15.22
C VAL C 144 23.47 0.41 14.48
N ILE C 145 23.26 1.61 15.04
CA ILE C 145 22.45 2.70 14.49
C ILE C 145 22.88 3.05 13.06
N GLU C 146 24.21 3.20 12.83
CA GLU C 146 24.82 3.52 11.54
C GLU C 146 24.60 2.39 10.51
N LEU C 147 24.84 1.12 10.94
CA LEU C 147 24.69 -0.11 10.14
C LEU C 147 23.24 -0.34 9.66
N LEU C 148 22.27 -0.30 10.61
CA LEU C 148 20.85 -0.52 10.35
C LEU C 148 20.13 0.72 9.85
N ASP C 149 20.85 1.87 9.69
CA ASP C 149 20.33 3.17 9.21
C ASP C 149 19.12 3.63 10.05
N LEU C 150 19.26 3.55 11.40
CA LEU C 150 18.20 3.93 12.33
C LEU C 150 18.02 5.45 12.40
N PRO C 151 16.79 5.98 12.19
CA PRO C 151 16.59 7.43 12.24
C PRO C 151 16.29 7.92 13.67
N GLU C 152 16.08 9.24 13.83
CA GLU C 152 15.75 9.88 15.09
C GLU C 152 14.48 9.24 15.69
N TYR C 153 14.53 8.98 17.01
CA TYR C 153 13.48 8.38 17.86
C TYR C 153 13.35 6.86 17.73
N VAL C 154 14.42 6.18 17.26
CA VAL C 154 14.50 4.71 17.09
C VAL C 154 15.79 4.22 17.74
N PHE C 155 15.71 3.31 18.73
CA PHE C 155 16.92 2.78 19.38
C PHE C 155 16.95 1.24 19.50
N PRO C 156 18.10 0.58 19.25
CA PRO C 156 18.13 -0.89 19.36
C PRO C 156 17.96 -1.42 20.79
N VAL C 157 16.99 -2.33 20.98
CA VAL C 157 16.70 -2.90 22.29
C VAL C 157 17.38 -4.25 22.46
N SER C 158 17.00 -5.25 21.66
CA SER C 158 17.57 -6.60 21.72
C SER C 158 17.44 -7.31 20.37
N GLY C 159 18.41 -8.14 20.09
CA GLY C 159 18.43 -8.95 18.89
C GLY C 159 17.77 -10.28 19.19
N LEU C 160 17.51 -11.10 18.15
CA LEU C 160 16.91 -12.42 18.29
C LEU C 160 17.49 -13.33 17.19
N VAL C 161 18.30 -14.31 17.60
CA VAL C 161 18.89 -15.25 16.66
C VAL C 161 17.86 -16.35 16.37
N VAL C 162 17.50 -16.53 15.09
CA VAL C 162 16.52 -17.54 14.66
C VAL C 162 17.17 -18.43 13.63
N GLY C 163 17.06 -19.74 13.82
CA GLY C 163 17.61 -20.75 12.92
C GLY C 163 17.23 -22.17 13.25
N HIS C 164 17.74 -23.11 12.44
CA HIS C 164 17.49 -24.55 12.59
C HIS C 164 18.57 -25.15 13.50
N PRO C 165 18.20 -25.56 14.73
CA PRO C 165 19.22 -26.10 15.66
C PRO C 165 19.85 -27.43 15.26
N SER C 166 21.10 -27.66 15.69
CA SER C 166 21.87 -28.88 15.48
C SER C 166 22.02 -29.63 16.81
N ASP C 167 21.74 -28.92 17.92
CA ASP C 167 21.77 -29.39 19.30
C ASP C 167 20.57 -28.77 20.06
N HIS C 168 19.76 -29.62 20.74
CA HIS C 168 18.57 -29.22 21.50
C HIS C 168 18.88 -28.74 22.93
N SER C 169 20.17 -28.82 23.36
CA SER C 169 20.73 -28.35 24.63
C SER C 169 19.98 -28.86 25.89
N ALA C 170 19.90 -28.04 26.95
CA ALA C 170 19.22 -28.36 28.20
C ALA C 170 18.58 -27.12 28.84
N LYS C 171 17.50 -27.35 29.59
CA LYS C 171 16.77 -26.32 30.32
C LYS C 171 17.60 -25.81 31.51
N LYS C 172 17.84 -24.47 31.57
CA LYS C 172 18.58 -23.84 32.67
C LYS C 172 17.58 -23.71 33.84
N PRO C 173 17.90 -24.23 35.05
CA PRO C 173 16.94 -24.10 36.17
C PRO C 173 16.66 -22.64 36.55
N ARG C 174 15.42 -22.35 36.96
CA ARG C 174 15.01 -20.99 37.35
C ARG C 174 14.87 -20.86 38.85
N LEU C 175 14.88 -19.62 39.36
CA LEU C 175 14.75 -19.28 40.78
C LEU C 175 13.51 -19.93 41.41
N PRO C 176 13.54 -20.29 42.71
CA PRO C 176 12.32 -20.86 43.35
C PRO C 176 11.12 -19.93 43.20
N GLN C 177 9.91 -20.49 42.97
CA GLN C 177 8.69 -19.71 42.77
C GLN C 177 8.48 -18.64 43.84
N ALA C 178 8.72 -18.98 45.13
CA ALA C 178 8.58 -18.07 46.27
C ALA C 178 9.48 -16.82 46.19
N ALA C 179 10.63 -16.93 45.50
CA ALA C 179 11.58 -15.83 45.30
C ALA C 179 11.16 -14.82 44.22
N VAL C 180 10.44 -15.28 43.18
CA VAL C 180 9.95 -14.45 42.07
C VAL C 180 8.48 -14.01 42.30
N HIS C 181 7.63 -14.94 42.76
CA HIS C 181 6.21 -14.66 43.03
C HIS C 181 5.98 -14.29 44.51
N HIS C 182 5.66 -12.99 44.74
CA HIS C 182 5.37 -12.44 46.06
C HIS C 182 3.90 -12.05 46.12
N ARG C 183 3.16 -12.64 47.07
CA ARG C 183 1.73 -12.42 47.25
C ARG C 183 1.43 -11.13 48.00
N GLU C 184 0.56 -10.28 47.42
CA GLU C 184 0.07 -8.98 47.94
C GLU C 184 1.12 -7.88 48.05
N SER C 185 2.24 -8.13 48.74
CA SER C 185 3.36 -7.19 48.91
C SER C 185 4.69 -7.89 48.65
N TYR C 186 5.79 -7.12 48.55
CA TYR C 186 7.14 -7.65 48.32
C TYR C 186 7.64 -8.45 49.51
N ASN C 187 8.23 -9.63 49.26
CA ASN C 187 8.81 -10.50 50.29
C ASN C 187 10.30 -10.21 50.37
N HIS C 188 10.76 -9.66 51.51
CA HIS C 188 12.17 -9.31 51.73
C HIS C 188 13.08 -10.48 52.17
N ASP C 189 12.49 -11.62 52.62
CA ASP C 189 13.25 -12.80 53.05
C ASP C 189 13.58 -13.66 51.82
N LEU C 190 14.64 -13.30 51.09
CA LEU C 190 14.99 -14.07 49.90
C LEU C 190 16.46 -14.48 49.75
N LYS C 191 17.28 -14.22 50.81
CA LYS C 191 18.70 -14.61 50.89
C LYS C 191 18.83 -16.15 50.97
N SER C 192 18.03 -16.80 51.84
CA SER C 192 18.01 -18.27 52.02
C SER C 192 17.61 -18.99 50.74
N LEU C 193 16.63 -18.41 49.99
CA LEU C 193 16.13 -18.94 48.72
C LEU C 193 17.19 -18.86 47.62
N ILE C 194 18.00 -17.78 47.60
CA ILE C 194 19.08 -17.60 46.65
C ILE C 194 20.21 -18.60 46.95
N GLN C 195 20.53 -18.78 48.26
CA GLN C 195 21.55 -19.72 48.73
C GLN C 195 21.23 -21.17 48.33
N ASP C 196 19.95 -21.57 48.43
CA ASP C 196 19.49 -22.90 48.03
C ASP C 196 19.54 -23.07 46.51
N TYR C 197 19.24 -21.98 45.76
CA TYR C 197 19.27 -21.94 44.29
C TYR C 197 20.70 -22.06 43.77
N ASP C 198 21.67 -21.47 44.50
CA ASP C 198 23.10 -21.49 44.18
C ASP C 198 23.64 -22.93 44.27
N ALA C 199 23.12 -23.71 45.25
CA ALA C 199 23.48 -25.12 45.47
C ALA C 199 22.99 -25.98 44.29
N GLU C 200 21.77 -25.68 43.80
CA GLU C 200 21.15 -26.36 42.67
C GLU C 200 21.83 -25.96 41.36
N MET C 201 22.24 -24.67 41.23
CA MET C 201 22.92 -24.16 40.03
C MET C 201 24.36 -24.63 39.91
N ALA C 202 25.07 -24.84 41.06
CA ALA C 202 26.46 -25.33 41.09
C ALA C 202 26.49 -26.78 40.63
N GLU C 203 25.46 -27.57 41.01
CA GLU C 203 25.28 -28.97 40.62
C GLU C 203 24.92 -29.05 39.14
N TYR C 204 24.12 -28.08 38.63
CA TYR C 204 23.71 -28.00 37.22
C TYR C 204 24.95 -27.71 36.36
N MET C 205 25.77 -26.74 36.78
CA MET C 205 26.99 -26.34 36.09
C MET C 205 28.09 -27.41 36.13
N LYS C 206 28.05 -28.30 37.16
CA LYS C 206 28.97 -29.43 37.32
C LYS C 206 28.61 -30.52 36.31
N LYS C 207 27.32 -30.90 36.21
CA LYS C 207 26.81 -31.90 35.28
C LYS C 207 26.88 -31.45 33.81
N ARG C 208 26.82 -30.13 33.55
CA ARG C 208 26.87 -29.51 32.22
C ARG C 208 28.30 -29.52 31.63
N THR C 209 29.33 -29.32 32.48
CA THR C 209 30.75 -29.26 32.09
C THR C 209 31.55 -30.52 32.47
N ASN C 210 30.86 -31.54 33.03
CA ASN C 210 31.43 -32.82 33.51
C ASN C 210 32.44 -32.63 34.65
N GLY C 211 32.00 -31.88 35.68
CA GLY C 211 32.79 -31.57 36.87
C GLY C 211 33.96 -30.64 36.65
N ALA C 212 33.92 -29.81 35.58
CA ALA C 212 34.98 -28.86 35.25
C ALA C 212 34.76 -27.48 35.89
N ASP C 213 33.50 -27.00 35.93
CA ASP C 213 33.14 -25.69 36.48
C ASP C 213 32.09 -25.82 37.59
N ASP C 214 32.29 -25.07 38.70
CA ASP C 214 31.43 -25.05 39.88
C ASP C 214 30.60 -23.76 40.03
N ARG C 215 30.61 -22.90 38.99
CA ARG C 215 29.92 -21.60 38.93
C ARG C 215 28.45 -21.67 39.36
N ASN C 216 28.11 -20.97 40.45
CA ASN C 216 26.73 -20.86 40.93
C ASN C 216 26.07 -19.64 40.28
N TRP C 217 24.79 -19.39 40.58
CA TRP C 217 24.04 -18.27 40.02
C TRP C 217 24.53 -16.89 40.49
N SER C 218 24.65 -16.69 41.82
CA SER C 218 25.07 -15.42 42.41
C SER C 218 26.43 -14.96 41.94
N GLN C 219 27.40 -15.89 41.80
CA GLN C 219 28.76 -15.62 41.33
C GLN C 219 28.77 -15.06 39.90
N THR C 220 28.01 -15.70 38.98
CA THR C 220 27.90 -15.29 37.57
C THR C 220 27.26 -13.92 37.42
N VAL C 221 26.13 -13.70 38.09
CA VAL C 221 25.37 -12.45 38.04
C VAL C 221 26.19 -11.28 38.65
N SER C 222 26.68 -11.41 39.91
CA SER C 222 27.50 -10.39 40.59
C SER C 222 28.79 -9.96 39.86
N ALA C 223 29.42 -10.86 39.09
CA ALA C 223 30.63 -10.58 38.30
C ALA C 223 30.35 -9.59 37.16
N ILE C 224 29.19 -9.70 36.49
CA ILE C 224 28.78 -8.84 35.38
C ILE C 224 28.20 -7.53 35.94
N TYR C 225 27.34 -7.63 36.97
CA TYR C 225 26.68 -6.49 37.61
C TYR C 225 27.58 -5.70 38.58
N LYS C 226 28.86 -6.10 38.67
CA LYS C 226 29.91 -5.47 39.48
C LYS C 226 30.16 -4.03 39.00
N THR C 227 29.93 -3.80 37.69
CA THR C 227 30.17 -2.54 36.99
C THR C 227 29.11 -2.21 35.91
N ILE C 228 29.20 -0.98 35.34
CA ILE C 228 28.36 -0.50 34.24
C ILE C 228 29.05 -1.04 32.98
N TYR C 229 28.66 -2.26 32.57
CA TYR C 229 29.24 -2.97 31.43
C TYR C 229 29.00 -2.30 30.08
N TYR C 230 27.81 -1.66 29.89
CA TYR C 230 27.48 -0.96 28.65
C TYR C 230 27.39 0.54 28.90
N PRO C 231 28.50 1.28 28.70
CA PRO C 231 28.50 2.73 28.99
C PRO C 231 27.80 3.62 27.95
N GLU C 232 27.79 3.19 26.67
CA GLU C 232 27.21 3.94 25.55
C GLU C 232 25.66 3.94 25.49
N VAL C 233 24.98 3.49 26.57
CA VAL C 233 23.50 3.42 26.63
C VAL C 233 22.85 4.82 26.59
N ARG C 234 23.26 5.73 27.49
CA ARG C 234 22.74 7.12 27.52
C ARG C 234 23.12 7.87 26.23
N ALA C 235 24.37 7.67 25.73
CA ALA C 235 24.89 8.27 24.51
C ALA C 235 24.05 7.90 23.28
N MET C 236 23.51 6.65 23.26
CA MET C 236 22.67 6.11 22.20
C MET C 236 21.30 6.83 22.18
N LEU C 237 20.63 6.93 23.36
CA LEU C 237 19.32 7.56 23.51
C LEU C 237 19.40 9.06 23.24
N GLU C 238 20.47 9.72 23.71
CA GLU C 238 20.69 11.15 23.48
C GLU C 238 20.99 11.48 22.02
N LYS C 239 21.60 10.53 21.26
CA LYS C 239 21.90 10.70 19.83
C LYS C 239 20.61 10.60 19.01
N GLN C 240 19.68 9.74 19.45
CA GLN C 240 18.41 9.48 18.80
C GLN C 240 17.25 10.43 19.17
N GLY C 241 17.59 11.54 19.82
CA GLY C 241 16.64 12.59 20.20
C GLY C 241 15.84 12.37 21.47
N PHE C 242 16.32 11.48 22.36
CA PHE C 242 15.63 11.24 23.62
C PHE C 242 16.26 12.06 24.75
N LYS C 243 15.41 12.73 25.54
CA LYS C 243 15.83 13.57 26.67
C LYS C 243 15.19 13.04 27.96
N PHE C 244 15.59 13.56 29.14
CA PHE C 244 15.04 13.05 30.40
C PHE C 244 14.48 14.18 31.29
N GLU C 245 14.01 13.85 32.50
CA GLU C 245 13.50 14.83 33.46
C GLU C 245 14.59 15.06 34.52
N LYS C 246 14.21 15.40 35.78
CA LYS C 246 15.15 15.55 36.90
C LYS C 246 14.44 15.34 38.23
N MET D 1 -1.91 -24.53 11.55
CA MET D 1 -1.66 -23.62 12.66
C MET D 1 -1.69 -24.37 14.00
N ASN D 2 -0.65 -24.18 14.83
CA ASN D 2 -0.60 -24.83 16.14
C ASN D 2 -1.23 -23.95 17.24
N GLU D 3 -1.55 -24.57 18.40
CA GLU D 3 -2.18 -23.94 19.56
C GLU D 3 -1.41 -22.74 20.12
N ALA D 4 -0.07 -22.79 20.10
CA ALA D 4 0.81 -21.68 20.55
C ALA D 4 0.65 -20.46 19.65
N ILE D 5 0.72 -20.67 18.30
CA ILE D 5 0.55 -19.61 17.30
C ILE D 5 -0.91 -19.09 17.31
N ARG D 6 -1.91 -19.99 17.47
CA ARG D 6 -3.34 -19.64 17.53
C ARG D 6 -3.72 -18.82 18.78
N THR D 7 -2.99 -18.99 19.90
CA THR D 7 -3.17 -18.22 21.14
C THR D 7 -2.68 -16.79 20.91
N ILE D 8 -1.50 -16.63 20.27
CA ILE D 8 -0.93 -15.34 19.94
C ILE D 8 -1.70 -14.60 18.84
N GLN D 9 -2.02 -15.30 17.72
CA GLN D 9 -2.76 -14.74 16.59
C GLN D 9 -4.17 -14.23 16.93
N ASP D 10 -4.87 -14.93 17.86
CA ASP D 10 -6.23 -14.55 18.29
C ASP D 10 -6.27 -13.63 19.53
N HIS D 11 -5.19 -12.88 19.76
CA HIS D 11 -5.09 -11.97 20.91
C HIS D 11 -6.01 -10.75 20.86
N ARG D 12 -6.60 -10.44 22.02
CA ARG D 12 -7.38 -9.25 22.31
C ARG D 12 -7.38 -9.02 23.82
N SER D 13 -7.29 -7.75 24.22
CA SER D 13 -7.32 -7.37 25.63
C SER D 13 -8.77 -7.33 26.12
N ILE D 14 -9.02 -7.91 27.30
CA ILE D 14 -10.35 -7.99 27.89
C ILE D 14 -10.45 -6.98 29.02
N ARG D 15 -11.53 -6.17 29.02
CA ARG D 15 -11.78 -5.14 30.03
C ARG D 15 -13.14 -5.35 30.73
N GLN D 16 -13.81 -6.49 30.43
CA GLN D 16 -15.09 -6.86 31.04
C GLN D 16 -14.94 -8.25 31.64
N TYR D 17 -15.02 -8.32 32.98
CA TYR D 17 -14.80 -9.55 33.75
C TYR D 17 -15.98 -9.99 34.60
N THR D 18 -15.97 -11.29 34.99
CA THR D 18 -16.96 -11.92 35.85
C THR D 18 -16.44 -11.96 37.30
N ASP D 19 -17.33 -12.26 38.26
CA ASP D 19 -17.03 -12.37 39.69
C ASP D 19 -16.14 -13.59 40.00
N GLU D 20 -16.06 -14.54 39.04
CA GLU D 20 -15.30 -15.78 39.09
C GLU D 20 -13.82 -15.56 39.38
N ALA D 21 -13.35 -16.14 40.50
CA ALA D 21 -11.97 -16.06 40.97
C ALA D 21 -11.03 -16.94 40.16
N VAL D 22 -9.77 -16.49 39.99
CA VAL D 22 -8.72 -17.23 39.28
C VAL D 22 -8.15 -18.23 40.29
N SER D 23 -8.20 -19.54 39.97
CA SER D 23 -7.70 -20.62 40.84
C SER D 23 -6.19 -20.53 41.07
N ASP D 24 -5.72 -21.20 42.14
CA ASP D 24 -4.30 -21.27 42.49
C ASP D 24 -3.54 -22.10 41.46
N GLU D 25 -4.19 -23.14 40.90
CA GLU D 25 -3.65 -24.01 39.84
C GLU D 25 -3.39 -23.17 38.57
N HIS D 26 -4.34 -22.25 38.27
CA HIS D 26 -4.27 -21.33 37.15
C HIS D 26 -3.22 -20.26 37.38
N LEU D 27 -3.07 -19.78 38.65
CA LEU D 27 -2.06 -18.78 39.01
C LEU D 27 -0.65 -19.34 38.89
N ASP D 28 -0.40 -20.52 39.48
CA ASP D 28 0.88 -21.22 39.47
C ASP D 28 1.39 -21.52 38.06
N THR D 29 0.47 -21.83 37.13
CA THR D 29 0.78 -22.11 35.72
C THR D 29 1.24 -20.83 35.00
N ILE D 30 0.56 -19.70 35.26
CA ILE D 30 0.88 -18.38 34.70
C ILE D 30 2.27 -17.94 35.18
N ILE D 31 2.54 -18.10 36.50
CA ILE D 31 3.83 -17.78 37.14
C ILE D 31 4.95 -18.66 36.59
N GLN D 32 4.77 -20.00 36.58
CA GLN D 32 5.75 -20.97 36.07
C GLN D 32 6.11 -20.73 34.61
N SER D 33 5.13 -20.32 33.78
CA SER D 33 5.34 -20.00 32.36
C SER D 33 6.14 -18.70 32.23
N ALA D 34 5.85 -17.68 33.07
CA ALA D 34 6.57 -16.40 33.08
C ALA D 34 8.03 -16.62 33.47
N GLN D 35 8.29 -17.48 34.48
CA GLN D 35 9.63 -17.82 34.96
C GLN D 35 10.40 -18.60 33.90
N SER D 36 9.68 -19.44 33.11
CA SER D 36 10.24 -20.27 32.06
C SER D 36 10.84 -19.48 30.89
N ALA D 37 10.41 -18.22 30.71
CA ALA D 37 10.90 -17.33 29.65
C ALA D 37 12.37 -16.92 29.85
N ALA D 38 13.02 -16.44 28.77
CA ALA D 38 14.41 -16.01 28.79
C ALA D 38 14.61 -14.72 29.60
N SER D 39 15.80 -14.55 30.20
CA SER D 39 16.20 -13.38 31.00
C SER D 39 17.66 -13.05 30.75
N SER D 40 17.99 -11.76 30.59
CA SER D 40 19.34 -11.29 30.32
C SER D 40 20.31 -11.83 31.36
N ILE D 41 21.36 -12.56 30.89
CA ILE D 41 22.42 -13.22 31.67
C ILE D 41 21.91 -14.23 32.75
N ASN D 42 20.67 -14.74 32.58
CA ASN D 42 19.93 -15.63 33.50
C ASN D 42 19.82 -15.00 34.91
N GLY D 43 19.77 -13.68 34.95
CA GLY D 43 19.69 -12.90 36.18
C GLY D 43 18.29 -12.86 36.75
N GLN D 44 17.28 -13.14 35.88
CA GLN D 44 15.87 -13.18 36.21
C GLN D 44 15.43 -11.92 36.97
N GLN D 45 15.60 -10.76 36.30
CA GLN D 45 15.37 -9.38 36.77
C GLN D 45 13.89 -8.97 36.87
N VAL D 46 12.96 -9.95 37.05
CA VAL D 46 11.53 -9.70 37.12
C VAL D 46 10.93 -10.27 38.40
N THR D 47 10.16 -9.43 39.11
CA THR D 47 9.46 -9.79 40.33
C THR D 47 7.96 -9.62 40.08
N ILE D 48 7.18 -10.65 40.40
CA ILE D 48 5.75 -10.65 40.19
C ILE D 48 4.95 -10.61 41.49
N ILE D 49 4.13 -9.55 41.67
CA ILE D 49 3.28 -9.34 42.84
C ILE D 49 1.83 -9.65 42.49
N SER D 50 1.22 -10.63 43.17
CA SER D 50 -0.18 -11.01 42.95
C SER D 50 -1.09 -10.29 43.93
N VAL D 51 -1.99 -9.45 43.40
CA VAL D 51 -2.94 -8.68 44.21
C VAL D 51 -4.34 -9.23 44.02
N GLN D 52 -4.88 -9.89 45.06
CA GLN D 52 -6.20 -10.53 45.06
C GLN D 52 -7.18 -9.86 46.03
N ASP D 53 -6.65 -9.16 47.05
CA ASP D 53 -7.43 -8.42 48.06
C ASP D 53 -8.06 -7.19 47.40
N LYS D 54 -9.41 -7.17 47.36
CA LYS D 54 -10.26 -6.13 46.76
C LYS D 54 -9.88 -4.71 47.14
N GLU D 55 -9.61 -4.45 48.45
CA GLU D 55 -9.25 -3.13 49.00
C GLU D 55 -7.94 -2.61 48.43
N LYS D 56 -6.88 -3.46 48.41
CA LYS D 56 -5.55 -3.11 47.88
C LYS D 56 -5.66 -2.92 46.36
N LYS D 57 -6.31 -3.87 45.68
CA LYS D 57 -6.57 -3.89 44.23
C LYS D 57 -7.36 -2.65 43.79
N LYS D 58 -8.25 -2.10 44.68
CA LYS D 58 -9.04 -0.90 44.42
C LYS D 58 -8.13 0.33 44.46
N LYS D 59 -7.16 0.37 45.40
CA LYS D 59 -6.20 1.47 45.52
C LYS D 59 -5.31 1.54 44.29
N LEU D 60 -4.85 0.36 43.79
CA LEU D 60 -4.04 0.23 42.58
C LEU D 60 -4.83 0.69 41.34
N SER D 61 -6.15 0.40 41.28
CA SER D 61 -7.03 0.81 40.16
C SER D 61 -7.18 2.33 40.08
N GLU D 62 -7.32 3.01 41.23
CA GLU D 62 -7.45 4.47 41.34
C GLU D 62 -6.15 5.15 40.92
N LEU D 63 -5.01 4.64 41.44
CA LEU D 63 -3.67 5.15 41.14
C LEU D 63 -3.31 5.00 39.66
N ALA D 64 -3.87 3.96 38.99
CA ALA D 64 -3.67 3.67 37.57
C ALA D 64 -4.44 4.62 36.65
N GLY D 65 -5.39 5.35 37.23
CA GLY D 65 -6.23 6.30 36.51
C GLY D 65 -7.69 5.89 36.51
N ASN D 66 -8.15 5.29 37.64
CA ASN D 66 -9.52 4.80 37.84
C ASN D 66 -9.98 3.81 36.77
N GLN D 67 -9.12 2.81 36.47
CA GLN D 67 -9.40 1.76 35.50
C GLN D 67 -10.28 0.70 36.18
N ALA D 68 -11.58 0.68 35.82
CA ALA D 68 -12.62 -0.19 36.39
C ALA D 68 -12.32 -1.69 36.34
N TRP D 69 -11.77 -2.19 35.21
CA TRP D 69 -11.41 -3.60 34.99
C TRP D 69 -10.45 -4.17 36.03
N ILE D 70 -9.63 -3.33 36.68
CA ILE D 70 -8.67 -3.72 37.73
C ILE D 70 -9.43 -4.17 38.99
N ASP D 71 -10.44 -3.38 39.42
CA ASP D 71 -11.27 -3.72 40.59
C ASP D 71 -12.28 -4.82 40.27
N GLN D 72 -12.67 -4.95 38.98
CA GLN D 72 -13.61 -5.95 38.49
C GLN D 72 -12.97 -7.37 38.51
N ALA D 73 -11.77 -7.51 37.89
CA ALA D 73 -11.03 -8.78 37.83
C ALA D 73 -10.58 -9.24 39.23
N PRO D 74 -10.53 -10.57 39.49
CA PRO D 74 -10.18 -11.03 40.85
C PRO D 74 -8.69 -10.99 41.18
N LEU D 75 -7.83 -10.90 40.15
CA LEU D 75 -6.38 -10.88 40.28
C LEU D 75 -5.74 -9.77 39.47
N PHE D 76 -4.74 -9.12 40.06
CA PHE D 76 -3.94 -8.08 39.45
C PHE D 76 -2.47 -8.41 39.66
N LEU D 77 -1.80 -8.82 38.57
CA LEU D 77 -0.38 -9.16 38.59
C LEU D 77 0.44 -7.90 38.34
N ILE D 78 1.55 -7.74 39.06
CA ILE D 78 2.42 -6.57 38.89
C ILE D 78 3.86 -6.98 38.64
N PHE D 79 4.34 -6.70 37.42
CA PHE D 79 5.67 -7.01 36.95
C PHE D 79 6.60 -5.87 37.28
N CYS D 80 7.57 -6.15 38.18
CA CYS D 80 8.55 -5.18 38.67
C CYS D 80 9.94 -5.58 38.21
N ALA D 81 10.75 -4.59 37.80
CA ALA D 81 12.15 -4.82 37.44
C ALA D 81 12.87 -4.96 38.78
N ASP D 82 13.53 -6.10 39.00
CA ASP D 82 14.18 -6.39 40.27
C ASP D 82 15.68 -6.59 40.18
N PHE D 83 16.42 -5.69 40.86
CA PHE D 83 17.87 -5.73 40.99
C PHE D 83 18.25 -5.89 42.47
N ASN D 84 17.24 -6.20 43.33
CA ASN D 84 17.44 -6.45 44.76
C ASN D 84 18.04 -7.84 44.94
N ARG D 85 17.68 -8.79 44.05
CA ARG D 85 18.26 -10.13 44.05
C ARG D 85 19.72 -10.03 43.64
N ALA D 86 20.01 -9.16 42.65
CA ALA D 86 21.37 -8.86 42.17
C ALA D 86 22.20 -8.24 43.28
N LYS D 87 21.54 -7.44 44.17
CA LYS D 87 22.15 -6.81 45.33
C LYS D 87 22.48 -7.87 46.39
N ILE D 88 21.55 -8.83 46.65
CA ILE D 88 21.77 -9.95 47.59
C ILE D 88 22.91 -10.82 47.04
N ALA D 89 22.90 -11.10 45.72
CA ALA D 89 23.91 -11.89 45.01
C ALA D 89 25.30 -11.27 45.16
N ALA D 90 25.41 -9.93 44.99
CA ALA D 90 26.63 -9.17 45.13
C ALA D 90 27.15 -9.18 46.58
N GLU D 91 26.23 -9.13 47.57
CA GLU D 91 26.53 -9.15 49.00
C GLU D 91 27.07 -10.53 49.41
N LEU D 92 26.52 -11.60 48.83
CA LEU D 92 26.93 -12.99 49.08
C LEU D 92 28.33 -13.30 48.56
N ASN D 93 28.78 -12.55 47.52
CA ASN D 93 30.09 -12.72 46.88
C ASN D 93 31.05 -11.56 47.13
N ASP D 94 30.77 -10.73 48.16
CA ASP D 94 31.56 -9.57 48.58
C ASP D 94 31.96 -8.69 47.37
N ALA D 95 30.96 -8.37 46.53
CA ALA D 95 31.14 -7.59 45.31
C ALA D 95 30.24 -6.35 45.28
N PRO D 96 30.64 -5.23 44.65
CA PRO D 96 29.73 -4.07 44.58
C PRO D 96 28.67 -4.22 43.47
N LEU D 97 27.59 -3.43 43.53
CA LEU D 97 26.54 -3.44 42.50
C LEU D 97 26.66 -2.16 41.66
N GLY D 98 27.31 -2.30 40.51
CA GLY D 98 27.61 -1.19 39.61
C GLY D 98 26.58 -0.88 38.55
N VAL D 99 25.93 -1.92 37.99
CA VAL D 99 24.93 -1.79 36.91
C VAL D 99 23.81 -0.75 37.16
N THR D 100 23.32 -0.65 38.41
CA THR D 100 22.25 0.26 38.85
C THR D 100 22.62 1.76 38.74
N ASP D 101 23.90 2.08 38.49
CA ASP D 101 24.40 3.44 38.30
C ASP D 101 24.37 3.83 36.80
N GLY D 102 23.94 2.88 35.97
CA GLY D 102 23.86 3.01 34.51
C GLY D 102 22.48 2.73 33.93
N LEU D 103 22.17 3.39 32.79
CA LEU D 103 20.88 3.26 32.09
C LEU D 103 20.61 1.87 31.55
N GLU D 104 21.65 1.02 31.50
CA GLU D 104 21.56 -0.37 31.05
C GLU D 104 20.66 -1.19 31.97
N SER D 105 20.79 -0.99 33.31
CA SER D 105 19.97 -1.64 34.33
C SER D 105 18.48 -1.36 34.12
N ILE D 106 18.15 -0.14 33.65
CA ILE D 106 16.79 0.29 33.34
C ILE D 106 16.31 -0.45 32.07
N LEU D 107 17.16 -0.51 31.01
CA LEU D 107 16.81 -1.19 29.77
C LEU D 107 16.66 -2.70 29.94
N VAL D 108 17.51 -3.33 30.79
CA VAL D 108 17.47 -4.77 31.09
C VAL D 108 16.16 -5.09 31.84
N GLY D 109 15.90 -4.34 32.93
CA GLY D 109 14.74 -4.49 33.79
C GLY D 109 13.41 -4.35 33.07
N ALA D 110 13.28 -3.34 32.18
CA ALA D 110 12.06 -3.07 31.40
C ALA D 110 11.84 -4.09 30.28
N THR D 111 12.91 -4.48 29.56
CA THR D 111 12.82 -5.48 28.48
C THR D 111 12.47 -6.86 29.06
N ASP D 112 13.08 -7.24 30.21
CA ASP D 112 12.82 -8.51 30.90
C ASP D 112 11.39 -8.61 31.42
N ALA D 113 10.83 -7.50 31.91
CA ALA D 113 9.44 -7.43 32.41
C ALA D 113 8.41 -7.56 31.28
N GLY D 114 8.77 -7.11 30.08
CA GLY D 114 7.95 -7.22 28.87
C GLY D 114 7.90 -8.66 28.40
N ILE D 115 9.04 -9.39 28.54
CA ILE D 115 9.20 -10.81 28.20
C ILE D 115 8.31 -11.67 29.13
N SER D 116 8.39 -11.46 30.47
CA SER D 116 7.60 -12.20 31.46
C SER D 116 6.10 -11.87 31.46
N LEU D 117 5.72 -10.65 31.00
CA LEU D 117 4.30 -10.26 30.87
C LEU D 117 3.67 -10.99 29.68
N GLU D 118 4.39 -11.07 28.55
CA GLU D 118 3.94 -11.77 27.35
C GLU D 118 3.81 -13.27 27.58
N ALA D 119 4.78 -13.88 28.31
CA ALA D 119 4.76 -15.31 28.65
C ALA D 119 3.59 -15.62 29.59
N ALA D 120 3.30 -14.68 30.53
CA ALA D 120 2.17 -14.78 31.45
C ALA D 120 0.84 -14.59 30.70
N THR D 121 0.83 -13.71 29.67
CA THR D 121 -0.31 -13.43 28.78
C THR D 121 -0.65 -14.68 27.96
N VAL D 122 0.30 -15.24 27.18
CA VAL D 122 0.06 -16.44 26.35
C VAL D 122 -0.38 -17.66 27.15
N ALA D 123 0.09 -17.80 28.41
CA ALA D 123 -0.29 -18.88 29.32
C ALA D 123 -1.73 -18.70 29.81
N ALA D 124 -2.04 -17.49 30.34
CA ALA D 124 -3.37 -17.15 30.86
C ALA D 124 -4.46 -17.23 29.78
N GLU D 125 -4.17 -16.69 28.57
CA GLU D 125 -5.10 -16.67 27.44
C GLU D 125 -5.37 -18.06 26.88
N SER D 126 -4.40 -18.97 26.94
CA SER D 126 -4.57 -20.36 26.48
C SER D 126 -5.45 -21.18 27.46
N LEU D 127 -5.49 -20.74 28.74
CA LEU D 127 -6.30 -21.37 29.79
C LEU D 127 -7.77 -20.95 29.71
N GLY D 128 -8.04 -19.94 28.88
CA GLY D 128 -9.38 -19.41 28.66
C GLY D 128 -9.62 -18.04 29.25
N LEU D 129 -8.65 -17.57 30.08
CA LEU D 129 -8.72 -16.28 30.77
C LEU D 129 -8.50 -15.11 29.81
N GLY D 130 -8.83 -13.92 30.29
CA GLY D 130 -8.68 -12.68 29.57
C GLY D 130 -7.71 -11.79 30.31
N THR D 131 -6.84 -11.08 29.57
CA THR D 131 -5.83 -10.19 30.14
C THR D 131 -5.84 -8.80 29.53
N VAL D 132 -5.23 -7.84 30.24
CA VAL D 132 -5.02 -6.45 29.81
C VAL D 132 -3.83 -5.90 30.60
N PRO D 133 -2.69 -5.55 29.93
CA PRO D 133 -1.55 -5.02 30.67
C PRO D 133 -1.87 -3.63 31.16
N ILE D 134 -1.37 -3.27 32.35
CA ILE D 134 -1.61 -1.97 32.97
C ILE D 134 -0.31 -1.14 33.03
N GLY D 135 -0.20 -0.19 32.11
CA GLY D 135 0.91 0.76 32.02
C GLY D 135 0.72 1.93 32.98
N GLY D 136 -0.52 2.08 33.45
CA GLY D 136 -0.97 3.10 34.39
C GLY D 136 -0.35 2.95 35.78
N ILE D 137 0.45 1.89 35.99
CA ILE D 137 1.18 1.66 37.25
C ILE D 137 2.29 2.74 37.43
N ARG D 138 2.66 3.41 36.33
CA ARG D 138 3.63 4.51 36.25
C ARG D 138 2.97 5.89 36.36
N ARG D 139 1.65 5.94 36.68
CA ARG D 139 0.92 7.22 36.85
C ARG D 139 1.39 7.90 38.14
N LYS D 140 1.26 7.18 39.27
CA LYS D 140 1.70 7.59 40.61
C LYS D 140 2.61 6.45 41.15
N PRO D 141 3.88 6.33 40.67
CA PRO D 141 4.70 5.18 41.09
C PRO D 141 5.23 5.22 42.52
N LEU D 142 5.42 6.43 43.08
CA LEU D 142 5.88 6.65 44.44
C LEU D 142 4.90 6.05 45.47
N GLU D 143 3.58 6.09 45.14
CA GLU D 143 2.50 5.54 45.96
C GLU D 143 2.41 4.04 45.78
N VAL D 144 2.77 3.54 44.57
CA VAL D 144 2.79 2.11 44.21
C VAL D 144 3.89 1.42 45.04
N ILE D 145 5.09 2.07 45.12
CA ILE D 145 6.26 1.64 45.89
C ILE D 145 5.90 1.47 47.38
N GLU D 146 5.17 2.44 47.96
CA GLU D 146 4.69 2.45 49.35
C GLU D 146 3.71 1.29 49.60
N LEU D 147 2.71 1.12 48.69
CA LEU D 147 1.64 0.13 48.75
C LEU D 147 2.17 -1.31 48.69
N LEU D 148 2.99 -1.61 47.68
CA LEU D 148 3.56 -2.94 47.43
C LEU D 148 4.82 -3.23 48.27
N ASP D 149 5.26 -2.26 49.10
CA ASP D 149 6.43 -2.34 49.98
C ASP D 149 7.71 -2.72 49.18
N LEU D 150 7.91 -2.04 48.03
CA LEU D 150 9.05 -2.28 47.14
C LEU D 150 10.35 -1.74 47.74
N PRO D 151 11.41 -2.58 47.83
CA PRO D 151 12.67 -2.09 48.40
C PRO D 151 13.58 -1.46 47.33
N GLU D 152 14.76 -0.97 47.75
CA GLU D 152 15.77 -0.37 46.89
C GLU D 152 16.14 -1.34 45.76
N TYR D 153 16.25 -0.80 44.52
CA TYR D 153 16.59 -1.48 43.26
C TYR D 153 15.45 -2.29 42.64
N VAL D 154 14.19 -1.98 43.01
CA VAL D 154 12.97 -2.61 42.51
C VAL D 154 12.01 -1.49 42.06
N PHE D 155 11.60 -1.50 40.77
CA PHE D 155 10.68 -0.50 40.24
C PHE D 155 9.54 -1.10 39.45
N PRO D 156 8.28 -0.61 39.63
CA PRO D 156 7.14 -1.18 38.87
C PRO D 156 7.19 -0.86 37.37
N VAL D 157 7.07 -1.89 36.53
CA VAL D 157 7.10 -1.74 35.07
C VAL D 157 5.69 -1.70 34.50
N SER D 158 4.95 -2.80 34.61
CA SER D 158 3.58 -2.92 34.09
C SER D 158 2.77 -3.91 34.90
N GLY D 159 1.49 -3.62 35.01
CA GLY D 159 0.55 -4.49 35.66
C GLY D 159 -0.04 -5.44 34.64
N LEU D 160 -0.81 -6.41 35.12
CA LEU D 160 -1.49 -7.38 34.29
C LEU D 160 -2.77 -7.77 35.01
N VAL D 161 -3.89 -7.54 34.35
CA VAL D 161 -5.21 -7.87 34.86
C VAL D 161 -5.52 -9.26 34.34
N VAL D 162 -5.85 -10.19 35.24
CA VAL D 162 -6.16 -11.58 34.89
C VAL D 162 -7.48 -11.96 35.55
N GLY D 163 -8.36 -12.58 34.75
CA GLY D 163 -9.68 -13.01 35.21
C GLY D 163 -10.50 -13.72 34.16
N HIS D 164 -11.74 -14.08 34.52
CA HIS D 164 -12.65 -14.78 33.61
C HIS D 164 -13.50 -13.77 32.82
N PRO D 165 -13.38 -13.72 31.47
CA PRO D 165 -14.14 -12.72 30.69
C PRO D 165 -15.67 -12.85 30.70
N SER D 166 -16.37 -11.73 30.49
CA SER D 166 -17.84 -11.67 30.38
C SER D 166 -18.25 -11.33 28.93
N ASP D 167 -17.24 -11.06 28.07
CA ASP D 167 -17.39 -10.75 26.65
C ASP D 167 -16.08 -11.06 25.89
N HIS D 168 -16.22 -11.47 24.63
CA HIS D 168 -15.09 -11.83 23.75
C HIS D 168 -14.35 -10.63 23.19
N SER D 169 -15.05 -9.47 23.07
CA SER D 169 -14.58 -8.23 22.46
C SER D 169 -14.20 -8.44 21.00
N ALA D 170 -13.19 -7.73 20.47
CA ALA D 170 -12.74 -7.87 19.10
C ALA D 170 -11.24 -7.58 18.94
N LYS D 171 -10.62 -8.20 17.92
CA LYS D 171 -9.21 -8.03 17.57
C LYS D 171 -9.00 -6.63 16.98
N LYS D 172 -8.10 -5.83 17.58
CA LYS D 172 -7.77 -4.49 17.10
C LYS D 172 -6.79 -4.67 15.92
N PRO D 173 -7.08 -4.11 14.71
CA PRO D 173 -6.14 -4.26 13.59
C PRO D 173 -4.75 -3.67 13.87
N ARG D 174 -3.71 -4.31 13.34
CA ARG D 174 -2.33 -3.86 13.52
C ARG D 174 -1.75 -3.21 12.27
N LEU D 175 -0.66 -2.44 12.43
CA LEU D 175 0.03 -1.74 11.35
C LEU D 175 0.42 -2.68 10.19
N PRO D 176 0.46 -2.20 8.92
CA PRO D 176 0.88 -3.08 7.81
C PRO D 176 2.26 -3.68 8.07
N GLN D 177 2.47 -4.97 7.71
CA GLN D 177 3.74 -5.67 7.94
C GLN D 177 4.96 -4.87 7.48
N ALA D 178 4.88 -4.24 6.29
CA ALA D 178 5.95 -3.42 5.71
C ALA D 178 6.37 -2.24 6.59
N ALA D 179 5.44 -1.70 7.40
CA ALA D 179 5.69 -0.57 8.32
C ALA D 179 6.44 -0.97 9.60
N VAL D 180 6.23 -2.20 10.09
CA VAL D 180 6.86 -2.75 11.30
C VAL D 180 8.13 -3.58 10.95
N HIS D 181 8.02 -4.45 9.94
CA HIS D 181 9.12 -5.32 9.48
C HIS D 181 9.90 -4.71 8.33
N HIS D 182 11.17 -4.33 8.60
CA HIS D 182 12.09 -3.72 7.64
C HIS D 182 13.24 -4.66 7.39
N ARG D 183 13.39 -5.08 6.14
CA ARG D 183 14.44 -6.02 5.75
C ARG D 183 15.79 -5.32 5.59
N GLU D 184 16.83 -5.88 6.25
CA GLU D 184 18.25 -5.45 6.24
C GLU D 184 18.54 -4.10 6.86
N SER D 185 17.84 -3.03 6.42
CA SER D 185 18.00 -1.66 6.93
C SER D 185 16.63 -1.06 7.25
N TYR D 186 16.59 0.07 7.99
CA TYR D 186 15.35 0.78 8.34
C TYR D 186 14.73 1.43 7.11
N ASN D 187 13.40 1.26 6.95
CA ASN D 187 12.64 1.84 5.84
C ASN D 187 12.03 3.16 6.31
N HIS D 188 12.49 4.28 5.74
CA HIS D 188 12.03 5.61 6.08
C HIS D 188 10.70 6.04 5.42
N ASP D 189 10.24 5.32 4.37
CA ASP D 189 8.98 5.62 3.68
C ASP D 189 7.81 4.95 4.41
N LEU D 190 7.32 5.58 5.50
CA LEU D 190 6.22 5.01 6.29
C LEU D 190 4.96 5.89 6.39
N LYS D 191 5.03 7.16 5.91
CA LYS D 191 3.91 8.11 5.95
C LYS D 191 2.67 7.58 5.21
N SER D 192 2.84 7.08 3.97
CA SER D 192 1.78 6.52 3.14
C SER D 192 1.14 5.30 3.80
N LEU D 193 1.97 4.45 4.45
CA LEU D 193 1.53 3.25 5.16
C LEU D 193 0.71 3.57 6.39
N ILE D 194 1.05 4.67 7.09
CA ILE D 194 0.32 5.13 8.28
C ILE D 194 -1.03 5.72 7.84
N GLN D 195 -1.03 6.50 6.73
CA GLN D 195 -2.23 7.09 6.13
C GLN D 195 -3.26 6.02 5.72
N ASP D 196 -2.79 4.90 5.13
CA ASP D 196 -3.63 3.78 4.72
C ASP D 196 -4.17 3.03 5.95
N TYR D 197 -3.35 2.94 7.02
CA TYR D 197 -3.72 2.30 8.29
C TYR D 197 -4.78 3.11 9.03
N ASP D 198 -4.70 4.46 8.94
CA ASP D 198 -5.64 5.40 9.55
C ASP D 198 -7.02 5.24 8.92
N ALA D 199 -7.06 4.96 7.60
CA ALA D 199 -8.28 4.73 6.83
C ALA D 199 -8.95 3.44 7.30
N GLU D 200 -8.16 2.37 7.52
CA GLU D 200 -8.64 1.07 8.00
C GLU D 200 -9.08 1.19 9.47
N MET D 201 -8.41 2.07 10.25
CA MET D 201 -8.68 2.31 11.67
C MET D 201 -9.89 3.19 11.94
N ALA D 202 -10.28 4.00 10.94
CA ALA D 202 -11.47 4.85 11.00
C ALA D 202 -12.69 3.92 10.79
N GLU D 203 -12.57 2.99 9.82
CA GLU D 203 -13.59 1.99 9.49
C GLU D 203 -13.79 0.98 10.61
N TYR D 204 -12.71 0.61 11.33
CA TYR D 204 -12.78 -0.33 12.47
C TYR D 204 -13.56 0.33 13.62
N MET D 205 -13.24 1.61 13.94
CA MET D 205 -13.90 2.39 15.00
C MET D 205 -15.34 2.76 14.63
N LYS D 206 -15.66 2.77 13.31
CA LYS D 206 -17.01 3.04 12.84
C LYS D 206 -17.88 1.81 13.12
N LYS D 207 -17.41 0.60 12.73
CA LYS D 207 -18.10 -0.67 12.96
C LYS D 207 -18.18 -1.07 14.44
N ARG D 208 -17.22 -0.64 15.25
CA ARG D 208 -17.14 -0.92 16.69
C ARG D 208 -18.16 -0.10 17.51
N THR D 209 -18.38 1.17 17.12
CA THR D 209 -19.27 2.11 17.81
C THR D 209 -20.61 2.34 17.07
N ASN D 210 -20.84 1.63 15.94
CA ASN D 210 -22.01 1.71 15.06
C ASN D 210 -22.15 3.12 14.43
N GLY D 211 -21.06 3.57 13.81
CA GLY D 211 -20.95 4.87 13.14
C GLY D 211 -20.97 6.08 14.06
N ALA D 212 -20.58 5.90 15.34
CA ALA D 212 -20.56 6.99 16.32
C ALA D 212 -19.22 7.71 16.39
N ASP D 213 -18.10 6.95 16.30
CA ASP D 213 -16.72 7.47 16.39
C ASP D 213 -15.91 7.14 15.14
N ASP D 214 -15.19 8.15 14.62
CA ASP D 214 -14.35 8.06 13.41
C ASP D 214 -12.83 8.13 13.72
N ARG D 215 -12.46 8.04 15.03
CA ARG D 215 -11.08 8.13 15.53
C ARG D 215 -10.13 7.20 14.82
N ASN D 216 -9.12 7.77 14.15
CA ASN D 216 -8.08 6.99 13.48
C ASN D 216 -6.94 6.71 14.45
N TRP D 217 -5.92 5.95 14.02
CA TRP D 217 -4.77 5.59 14.83
C TRP D 217 -3.87 6.78 15.20
N SER D 218 -3.45 7.58 14.19
CA SER D 218 -2.57 8.72 14.39
C SER D 218 -3.14 9.77 15.33
N GLN D 219 -4.46 10.04 15.26
CA GLN D 219 -5.16 11.01 16.13
C GLN D 219 -5.07 10.59 17.61
N THR D 220 -5.34 9.30 17.91
CA THR D 220 -5.32 8.75 19.27
C THR D 220 -3.92 8.78 19.85
N VAL D 221 -2.92 8.33 19.05
CA VAL D 221 -1.52 8.27 19.42
C VAL D 221 -0.96 9.67 19.71
N SER D 222 -1.03 10.59 18.72
CA SER D 222 -0.52 11.96 18.83
C SER D 222 -1.08 12.79 19.99
N ALA D 223 -2.34 12.54 20.40
CA ALA D 223 -3.01 13.22 21.50
C ALA D 223 -2.37 12.91 22.87
N ILE D 224 -1.95 11.65 23.07
CA ILE D 224 -1.32 11.18 24.31
C ILE D 224 0.18 11.54 24.29
N TYR D 225 0.84 11.29 23.15
CA TYR D 225 2.26 11.56 22.95
C TYR D 225 2.61 13.05 22.71
N LYS D 226 1.60 13.92 22.80
CA LYS D 226 1.69 15.38 22.68
C LYS D 226 2.53 15.95 23.82
N THR D 227 2.54 15.25 24.98
CA THR D 227 3.25 15.65 26.19
C THR D 227 3.84 14.44 26.97
N ILE D 228 4.65 14.73 28.00
CA ILE D 228 5.24 13.75 28.92
C ILE D 228 4.13 13.48 29.95
N TYR D 229 3.27 12.50 29.65
CA TYR D 229 2.11 12.13 30.47
C TYR D 229 2.44 11.59 31.85
N TYR D 230 3.57 10.85 31.99
CA TYR D 230 4.01 10.30 33.27
C TYR D 230 5.32 10.97 33.71
N PRO D 231 5.22 12.07 34.51
CA PRO D 231 6.44 12.80 34.92
C PRO D 231 7.27 12.15 36.01
N GLU D 232 6.63 11.37 36.89
CA GLU D 232 7.25 10.70 38.03
C GLU D 232 8.10 9.46 37.69
N VAL D 233 8.41 9.23 36.39
CA VAL D 233 9.22 8.09 35.93
C VAL D 233 10.67 8.14 36.46
N ARG D 234 11.39 9.27 36.23
CA ARG D 234 12.76 9.46 36.71
C ARG D 234 12.81 9.52 38.24
N ALA D 235 11.81 10.17 38.86
CA ALA D 235 11.67 10.30 40.30
C ALA D 235 11.55 8.95 40.99
N MET D 236 10.92 7.98 40.33
CA MET D 236 10.77 6.60 40.81
C MET D 236 12.15 5.91 40.79
N LEU D 237 12.84 5.91 39.62
CA LEU D 237 14.15 5.28 39.45
C LEU D 237 15.16 5.85 40.46
N GLU D 238 15.15 7.18 40.65
CA GLU D 238 16.06 7.89 41.56
C GLU D 238 15.76 7.59 43.04
N LYS D 239 14.47 7.32 43.38
CA LYS D 239 14.02 6.97 44.74
C LYS D 239 14.49 5.56 45.06
N GLN D 240 14.46 4.68 44.04
CA GLN D 240 14.80 3.27 44.13
C GLN D 240 16.29 2.93 43.95
N GLY D 241 17.16 3.95 44.07
CA GLY D 241 18.61 3.81 44.00
C GLY D 241 19.24 3.69 42.63
N PHE D 242 18.52 4.09 41.57
CA PHE D 242 19.07 4.04 40.21
C PHE D 242 19.66 5.40 39.81
N LYS D 243 20.87 5.38 39.23
CA LYS D 243 21.57 6.56 38.76
C LYS D 243 21.83 6.46 37.24
N PHE D 244 22.29 7.56 36.59
CA PHE D 244 22.56 7.56 35.14
C PHE D 244 23.98 8.07 34.80
N GLU D 245 24.41 7.88 33.54
CA GLU D 245 25.73 8.25 33.00
C GLU D 245 26.14 9.71 33.15
N LYS D 246 25.17 10.65 33.05
CA LYS D 246 25.46 12.08 33.18
C LYS D 246 24.75 12.71 34.38
N MET E 1 30.30 9.07 -35.01
CA MET E 1 29.72 7.83 -34.47
C MET E 1 29.96 7.73 -32.96
N ASN E 2 28.88 7.43 -32.21
CA ASN E 2 28.88 7.34 -30.74
C ASN E 2 29.05 5.90 -30.22
N GLU E 3 29.33 5.76 -28.90
CA GLU E 3 29.57 4.49 -28.19
C GLU E 3 28.43 3.48 -28.34
N ALA E 4 27.16 3.95 -28.34
CA ALA E 4 25.98 3.10 -28.49
C ALA E 4 25.93 2.48 -29.90
N ILE E 5 26.14 3.30 -30.95
CA ILE E 5 26.17 2.87 -32.34
C ILE E 5 27.40 1.98 -32.60
N ARG E 6 28.57 2.34 -32.02
CA ARG E 6 29.81 1.57 -32.15
C ARG E 6 29.76 0.19 -31.47
N THR E 7 28.95 0.03 -30.39
CA THR E 7 28.74 -1.26 -29.70
C THR E 7 27.96 -2.17 -30.63
N ILE E 8 26.90 -1.66 -31.28
CA ILE E 8 26.14 -2.48 -32.21
C ILE E 8 26.83 -2.69 -33.57
N GLN E 9 27.45 -1.64 -34.15
CA GLN E 9 28.17 -1.76 -35.42
C GLN E 9 29.32 -2.80 -35.38
N ASP E 10 30.03 -2.90 -34.23
CA ASP E 10 31.13 -3.85 -34.03
C ASP E 10 30.70 -5.20 -33.44
N HIS E 11 29.43 -5.59 -33.64
CA HIS E 11 28.89 -6.85 -33.11
C HIS E 11 29.43 -8.11 -33.77
N ARG E 12 29.70 -9.12 -32.93
CA ARG E 12 30.08 -10.47 -33.28
C ARG E 12 29.73 -11.41 -32.11
N SER E 13 29.23 -12.61 -32.44
CA SER E 13 28.89 -13.60 -31.42
C SER E 13 30.15 -14.35 -31.00
N ILE E 14 30.31 -14.53 -29.69
CA ILE E 14 31.46 -15.20 -29.11
C ILE E 14 31.08 -16.62 -28.67
N ARG E 15 31.88 -17.62 -29.09
CA ARG E 15 31.65 -19.03 -28.76
C ARG E 15 32.84 -19.65 -28.03
N GLN E 16 33.85 -18.82 -27.68
CA GLN E 16 35.04 -19.24 -26.95
C GLN E 16 35.18 -18.34 -25.71
N TYR E 17 35.01 -18.92 -24.51
CA TYR E 17 35.06 -18.16 -23.26
C TYR E 17 36.17 -18.60 -22.32
N THR E 18 36.34 -17.84 -21.22
CA THR E 18 37.32 -18.09 -20.15
C THR E 18 36.57 -18.58 -18.91
N ASP E 19 37.34 -19.09 -17.91
CA ASP E 19 36.83 -19.59 -16.63
C ASP E 19 36.23 -18.47 -15.77
N GLU E 20 36.62 -17.20 -16.08
CA GLU E 20 36.23 -15.96 -15.41
C GLU E 20 34.72 -15.80 -15.29
N ALA E 21 34.24 -15.71 -14.04
CA ALA E 21 32.84 -15.56 -13.71
C ALA E 21 32.34 -14.14 -13.96
N VAL E 22 31.06 -14.02 -14.36
CA VAL E 22 30.40 -12.72 -14.60
C VAL E 22 29.95 -12.21 -13.23
N SER E 23 30.44 -11.02 -12.84
CA SER E 23 30.12 -10.39 -11.55
C SER E 23 28.64 -10.08 -11.40
N ASP E 24 28.19 -9.89 -10.14
CA ASP E 24 26.81 -9.54 -9.82
C ASP E 24 26.50 -8.12 -10.30
N GLU E 25 27.50 -7.21 -10.26
CA GLU E 25 27.41 -5.84 -10.74
C GLU E 25 27.15 -5.82 -12.25
N HIS E 26 27.80 -6.74 -13.01
CA HIS E 26 27.62 -6.88 -14.45
C HIS E 26 26.25 -7.45 -14.78
N LEU E 27 25.82 -8.51 -14.04
CA LEU E 27 24.53 -9.18 -14.20
C LEU E 27 23.37 -8.19 -13.96
N ASP E 28 23.42 -7.44 -12.84
CA ASP E 28 22.41 -6.43 -12.50
C ASP E 28 22.26 -5.34 -13.56
N THR E 29 23.38 -4.92 -14.18
CA THR E 29 23.41 -3.91 -15.24
C THR E 29 22.76 -4.45 -16.53
N ILE E 30 23.05 -5.72 -16.89
CA ILE E 30 22.49 -6.40 -18.06
C ILE E 30 20.98 -6.53 -17.90
N ILE E 31 20.52 -6.96 -16.68
CA ILE E 31 19.10 -7.12 -16.33
C ILE E 31 18.37 -5.77 -16.35
N GLN E 32 18.91 -4.76 -15.65
CA GLN E 32 18.34 -3.40 -15.59
C GLN E 32 18.19 -2.76 -16.97
N SER E 33 19.15 -3.01 -17.88
CA SER E 33 19.13 -2.50 -19.26
C SER E 33 18.05 -3.23 -20.07
N ALA E 34 17.90 -4.55 -19.88
CA ALA E 34 16.87 -5.35 -20.56
C ALA E 34 15.46 -4.89 -20.14
N GLN E 35 15.27 -4.61 -18.83
CA GLN E 35 14.00 -4.12 -18.27
C GLN E 35 13.70 -2.71 -18.77
N SER E 36 14.74 -1.88 -18.97
CA SER E 36 14.65 -0.51 -19.45
C SER E 36 14.10 -0.37 -20.88
N ALA E 37 14.17 -1.46 -21.68
CA ALA E 37 13.67 -1.50 -23.05
C ALA E 37 12.14 -1.45 -23.12
N ALA E 38 11.59 -1.08 -24.30
CA ALA E 38 10.14 -0.98 -24.53
C ALA E 38 9.46 -2.36 -24.54
N SER E 39 8.17 -2.40 -24.11
CA SER E 39 7.34 -3.61 -24.08
C SER E 39 5.89 -3.25 -24.47
N SER E 40 5.24 -4.12 -25.28
CA SER E 40 3.87 -3.93 -25.74
C SER E 40 2.92 -3.66 -24.57
N ILE E 41 2.22 -2.50 -24.61
CA ILE E 41 1.28 -1.98 -23.60
C ILE E 41 1.85 -1.88 -22.15
N ASN E 42 3.21 -1.81 -22.03
CA ASN E 42 3.98 -1.80 -20.78
C ASN E 42 3.66 -3.03 -19.90
N GLY E 43 3.32 -4.13 -20.57
CA GLY E 43 2.96 -5.40 -19.94
C GLY E 43 4.16 -6.18 -19.48
N GLN E 44 5.35 -5.86 -20.05
CA GLN E 44 6.65 -6.47 -19.74
C GLN E 44 6.55 -8.00 -19.77
N GLN E 45 6.23 -8.53 -20.97
CA GLN E 45 6.01 -9.95 -21.28
C GLN E 45 7.30 -10.76 -21.42
N VAL E 46 8.34 -10.44 -20.64
CA VAL E 46 9.64 -11.13 -20.67
C VAL E 46 10.10 -11.50 -19.27
N THR E 47 10.45 -12.78 -19.09
CA THR E 47 10.99 -13.32 -17.85
C THR E 47 12.39 -13.84 -18.12
N ILE E 48 13.36 -13.42 -17.30
CA ILE E 48 14.75 -13.78 -17.45
C ILE E 48 15.26 -14.72 -16.35
N ILE E 49 15.70 -15.92 -16.74
CA ILE E 49 16.22 -16.93 -15.82
C ILE E 49 17.76 -16.99 -15.94
N SER E 50 18.46 -16.74 -14.83
CA SER E 50 19.93 -16.78 -14.80
C SER E 50 20.41 -18.13 -14.32
N VAL E 51 21.11 -18.87 -15.19
CA VAL E 51 21.66 -20.17 -14.84
C VAL E 51 23.18 -20.02 -14.74
N GLN E 52 23.71 -20.21 -13.51
CA GLN E 52 25.13 -20.12 -13.17
C GLN E 52 25.69 -21.46 -12.69
N ASP E 53 24.81 -22.35 -12.17
CA ASP E 53 25.16 -23.68 -11.69
C ASP E 53 25.54 -24.59 -12.88
N LYS E 54 26.81 -25.02 -12.90
CA LYS E 54 27.45 -25.85 -13.93
C LYS E 54 26.64 -27.07 -14.35
N GLU E 55 26.08 -27.83 -13.38
CA GLU E 55 25.29 -29.04 -13.60
C GLU E 55 23.98 -28.78 -14.37
N LYS E 56 23.22 -27.73 -13.96
CA LYS E 56 21.98 -27.33 -14.62
C LYS E 56 22.31 -26.79 -16.02
N LYS E 57 23.31 -25.89 -16.10
CA LYS E 57 23.81 -25.25 -17.32
C LYS E 57 24.32 -26.30 -18.33
N LYS E 58 24.84 -27.45 -17.84
CA LYS E 58 25.31 -28.56 -18.68
C LYS E 58 24.11 -29.27 -19.30
N LYS E 59 23.02 -29.45 -18.53
CA LYS E 59 21.79 -30.09 -19.03
C LYS E 59 21.16 -29.25 -20.14
N LEU E 60 21.11 -27.92 -19.95
CA LEU E 60 20.62 -26.97 -20.92
C LEU E 60 21.46 -26.97 -22.21
N SER E 61 22.80 -27.14 -22.08
CA SER E 61 23.77 -27.21 -23.18
C SER E 61 23.52 -28.42 -24.09
N GLU E 62 23.25 -29.59 -23.47
CA GLU E 62 22.96 -30.86 -24.16
C GLU E 62 21.62 -30.79 -24.89
N LEU E 63 20.59 -30.24 -24.21
CA LEU E 63 19.23 -30.08 -24.75
C LEU E 63 19.19 -29.12 -25.94
N ALA E 64 20.13 -28.15 -25.99
CA ALA E 64 20.25 -27.15 -27.07
C ALA E 64 21.03 -27.69 -28.29
N GLY E 65 21.47 -28.95 -28.21
CA GLY E 65 22.22 -29.63 -29.27
C GLY E 65 23.70 -29.74 -29.02
N ASN E 66 24.08 -30.00 -27.74
CA ASN E 66 25.46 -30.15 -27.26
C ASN E 66 26.38 -28.98 -27.66
N GLN E 67 25.90 -27.74 -27.43
CA GLN E 67 26.62 -26.49 -27.71
C GLN E 67 27.61 -26.21 -26.57
N ALA E 68 28.90 -26.51 -26.81
CA ALA E 68 30.01 -26.40 -25.86
C ALA E 68 30.12 -25.06 -25.13
N TRP E 69 29.92 -23.94 -25.85
CA TRP E 69 29.98 -22.56 -25.32
C TRP E 69 29.04 -22.29 -24.15
N ILE E 70 27.92 -23.05 -24.03
CA ILE E 70 26.93 -22.93 -22.95
C ILE E 70 27.55 -23.41 -21.62
N ASP E 71 28.21 -24.59 -21.64
CA ASP E 71 28.86 -25.13 -20.45
C ASP E 71 30.19 -24.41 -20.14
N GLN E 72 30.82 -23.81 -21.17
CA GLN E 72 32.07 -23.06 -21.07
C GLN E 72 31.84 -21.74 -20.33
N ALA E 73 30.86 -20.92 -20.80
CA ALA E 73 30.51 -19.63 -20.19
C ALA E 73 29.97 -19.78 -18.76
N PRO E 74 30.24 -18.83 -17.85
CA PRO E 74 29.78 -18.99 -16.45
C PRO E 74 28.30 -18.70 -16.21
N LEU E 75 27.65 -17.99 -17.16
CA LEU E 75 26.25 -17.59 -17.07
C LEU E 75 25.48 -17.88 -18.35
N PHE E 76 24.26 -18.39 -18.18
CA PHE E 76 23.33 -18.68 -19.27
C PHE E 76 21.99 -18.05 -18.94
N LEU E 77 21.66 -16.96 -19.66
CA LEU E 77 20.41 -16.23 -19.50
C LEU E 77 19.34 -16.87 -20.40
N ILE E 78 18.11 -16.98 -19.91
CA ILE E 78 17.02 -17.54 -20.71
C ILE E 78 15.77 -16.67 -20.72
N PHE E 79 15.54 -16.04 -21.88
CA PHE E 79 14.44 -15.13 -22.15
C PHE E 79 13.19 -15.91 -22.46
N CYS E 80 12.20 -15.82 -21.56
CA CYS E 80 10.92 -16.51 -21.67
C CYS E 80 9.78 -15.52 -21.84
N ALA E 81 8.82 -15.83 -22.74
CA ALA E 81 7.64 -15.01 -22.94
C ALA E 81 6.74 -15.29 -21.73
N ASP E 82 6.40 -14.25 -20.96
CA ASP E 82 5.61 -14.40 -19.74
C ASP E 82 4.25 -13.73 -19.79
N PHE E 83 3.20 -14.54 -19.62
CA PHE E 83 1.80 -14.12 -19.52
C PHE E 83 1.21 -14.60 -18.19
N ASN E 84 2.08 -15.11 -17.27
CA ASN E 84 1.70 -15.55 -15.93
C ASN E 84 1.47 -14.32 -15.06
N ARG E 85 2.24 -13.23 -15.31
CA ARG E 85 2.07 -11.96 -14.61
C ARG E 85 0.74 -11.34 -15.03
N ALA E 86 0.40 -11.46 -16.35
CA ALA E 86 -0.86 -11.01 -16.94
C ALA E 86 -2.03 -11.79 -16.34
N LYS E 87 -1.79 -13.08 -15.99
CA LYS E 87 -2.76 -13.97 -15.36
C LYS E 87 -2.98 -13.53 -13.90
N ILE E 88 -1.89 -13.20 -13.16
CA ILE E 88 -1.99 -12.70 -11.78
C ILE E 88 -2.73 -11.35 -11.80
N ALA E 89 -2.38 -10.47 -12.76
CA ALA E 89 -2.98 -9.14 -12.96
C ALA E 89 -4.50 -9.26 -13.19
N ALA E 90 -4.92 -10.21 -14.05
CA ALA E 90 -6.32 -10.49 -14.37
C ALA E 90 -7.08 -11.03 -13.14
N GLU E 91 -6.41 -11.87 -12.32
CA GLU E 91 -6.97 -12.45 -11.10
C GLU E 91 -7.18 -11.39 -10.02
N LEU E 92 -6.25 -10.41 -9.94
CA LEU E 92 -6.31 -9.29 -8.99
C LEU E 92 -7.47 -8.32 -9.30
N ASN E 93 -7.90 -8.26 -10.58
CA ASN E 93 -8.97 -7.37 -11.03
C ASN E 93 -10.25 -8.12 -11.46
N ASP E 94 -10.39 -9.40 -11.04
CA ASP E 94 -11.52 -10.29 -11.34
C ASP E 94 -11.89 -10.22 -12.84
N ALA E 95 -10.87 -10.36 -13.71
CA ALA E 95 -11.02 -10.30 -15.16
C ALA E 95 -10.49 -11.57 -15.83
N PRO E 96 -11.06 -12.03 -16.97
CA PRO E 96 -10.51 -13.23 -17.61
C PRO E 96 -9.26 -12.93 -18.46
N LEU E 97 -8.47 -13.98 -18.78
CA LEU E 97 -7.28 -13.85 -19.63
C LEU E 97 -7.61 -14.45 -21.00
N GLY E 98 -7.98 -13.58 -21.92
CA GLY E 98 -8.41 -13.95 -23.26
C GLY E 98 -7.33 -14.01 -24.32
N VAL E 99 -6.33 -13.10 -24.24
CA VAL E 99 -5.21 -12.98 -25.19
C VAL E 99 -4.48 -14.31 -25.51
N THR E 100 -4.28 -15.16 -24.49
CA THR E 100 -3.59 -16.47 -24.58
C THR E 100 -4.30 -17.50 -25.47
N ASP E 101 -5.55 -17.23 -25.87
CA ASP E 101 -6.35 -18.07 -26.76
C ASP E 101 -6.17 -17.67 -28.23
N GLY E 102 -5.37 -16.64 -28.47
CA GLY E 102 -5.05 -16.12 -29.79
C GLY E 102 -3.56 -16.15 -30.10
N LEU E 103 -3.22 -16.05 -31.41
CA LEU E 103 -1.84 -16.05 -31.89
C LEU E 103 -1.11 -14.73 -31.62
N GLU E 104 -1.86 -13.68 -31.24
CA GLU E 104 -1.33 -12.36 -30.88
C GLU E 104 -0.43 -12.46 -29.65
N SER E 105 -0.86 -13.24 -28.62
CA SER E 105 -0.10 -13.47 -27.38
C SER E 105 1.28 -14.08 -27.68
N ILE E 106 1.35 -14.94 -28.71
CA ILE E 106 2.58 -15.58 -29.17
C ILE E 106 3.47 -14.52 -29.84
N LEU E 107 2.88 -13.69 -30.74
CA LEU E 107 3.62 -12.63 -31.42
C LEU E 107 4.12 -11.54 -30.48
N VAL E 108 3.32 -11.17 -29.46
CA VAL E 108 3.68 -10.16 -28.44
C VAL E 108 4.87 -10.69 -27.60
N GLY E 109 4.72 -11.90 -27.06
CA GLY E 109 5.72 -12.58 -26.23
C GLY E 109 7.07 -12.78 -26.87
N ALA E 110 7.08 -13.21 -28.15
CA ALA E 110 8.30 -13.45 -28.94
C ALA E 110 8.98 -12.14 -29.36
N THR E 111 8.19 -11.12 -29.77
CA THR E 111 8.73 -9.82 -30.17
C THR E 111 9.39 -9.10 -29.00
N ASP E 112 8.75 -9.14 -27.81
CA ASP E 112 9.26 -8.52 -26.57
C ASP E 112 10.54 -9.20 -26.09
N ALA E 113 10.62 -10.54 -26.21
CA ALA E 113 11.80 -11.30 -25.82
C ALA E 113 13.02 -10.98 -26.70
N GLY E 114 12.76 -10.64 -27.97
CA GLY E 114 13.78 -10.24 -28.94
C GLY E 114 14.33 -8.86 -28.60
N ILE E 115 13.43 -7.96 -28.13
CA ILE E 115 13.75 -6.60 -27.71
C ILE E 115 14.64 -6.65 -26.44
N SER E 116 14.23 -7.45 -25.44
CA SER E 116 14.93 -7.65 -24.17
C SER E 116 16.32 -8.30 -24.34
N LEU E 117 16.46 -9.26 -25.29
CA LEU E 117 17.70 -9.97 -25.59
C LEU E 117 18.73 -9.02 -26.21
N GLU E 118 18.28 -8.16 -27.16
CA GLU E 118 19.13 -7.17 -27.83
C GLU E 118 19.63 -6.10 -26.84
N ALA E 119 18.74 -5.64 -25.91
CA ALA E 119 19.08 -4.66 -24.86
C ALA E 119 20.10 -5.27 -23.89
N ALA E 120 19.95 -6.58 -23.58
CA ALA E 120 20.87 -7.32 -22.72
C ALA E 120 22.20 -7.54 -23.44
N THR E 121 22.16 -7.75 -24.79
CA THR E 121 23.32 -7.92 -25.67
C THR E 121 24.15 -6.62 -25.71
N VAL E 122 23.53 -5.48 -26.10
CA VAL E 122 24.23 -4.19 -26.19
C VAL E 122 24.84 -3.72 -24.86
N ALA E 123 24.20 -4.06 -23.73
CA ALA E 123 24.70 -3.74 -22.38
C ALA E 123 25.91 -4.61 -22.04
N ALA E 124 25.79 -5.95 -22.21
CA ALA E 124 26.85 -6.91 -21.94
C ALA E 124 28.10 -6.67 -22.80
N GLU E 125 27.90 -6.44 -24.11
CA GLU E 125 28.98 -6.21 -25.08
C GLU E 125 29.72 -4.90 -24.84
N SER E 126 29.03 -3.86 -24.32
CA SER E 126 29.65 -2.57 -24.01
C SER E 126 30.52 -2.66 -22.75
N LEU E 127 30.23 -3.64 -21.87
CA LEU E 127 30.97 -3.91 -20.63
C LEU E 127 32.26 -4.70 -20.91
N GLY E 128 32.40 -5.21 -22.13
CA GLY E 128 33.55 -5.98 -22.58
C GLY E 128 33.29 -7.46 -22.75
N LEU E 129 32.11 -7.92 -22.28
CA LEU E 129 31.69 -9.32 -22.36
C LEU E 129 31.33 -9.75 -23.78
N GLY E 130 31.23 -11.06 -23.98
CA GLY E 130 30.87 -11.67 -25.25
C GLY E 130 29.57 -12.43 -25.10
N THR E 131 28.70 -12.34 -26.13
CA THR E 131 27.40 -13.02 -26.12
C THR E 131 27.16 -13.84 -27.38
N VAL E 132 26.20 -14.78 -27.27
CA VAL E 132 25.69 -15.62 -28.35
C VAL E 132 24.27 -16.05 -27.98
N PRO E 133 23.23 -15.62 -28.74
CA PRO E 133 21.87 -16.03 -28.39
C PRO E 133 21.69 -17.51 -28.72
N ILE E 134 20.91 -18.23 -27.90
CA ILE E 134 20.70 -19.66 -28.14
C ILE E 134 19.22 -19.94 -28.46
N GLY E 135 18.97 -20.12 -29.76
CA GLY E 135 17.65 -20.45 -30.28
C GLY E 135 17.37 -21.94 -30.15
N GLY E 136 18.44 -22.70 -29.81
CA GLY E 136 18.42 -24.14 -29.60
C GLY E 136 17.61 -24.57 -28.38
N ILE E 137 17.17 -23.59 -27.57
CA ILE E 137 16.32 -23.80 -26.38
C ILE E 137 14.96 -24.42 -26.80
N ARG E 138 14.63 -24.32 -28.11
CA ARG E 138 13.43 -24.83 -28.76
C ARG E 138 13.63 -26.23 -29.39
N ARG E 139 14.79 -26.87 -29.14
CA ARG E 139 15.09 -28.21 -29.63
C ARG E 139 14.24 -29.23 -28.86
N LYS E 140 14.36 -29.23 -27.52
CA LYS E 140 13.58 -30.07 -26.61
C LYS E 140 12.94 -29.08 -25.59
N PRO E 141 11.91 -28.29 -26.02
CA PRO E 141 11.35 -27.27 -25.11
C PRO E 141 10.55 -27.78 -23.91
N LEU E 142 9.99 -29.00 -23.99
CA LEU E 142 9.20 -29.58 -22.90
C LEU E 142 10.11 -29.96 -21.71
N GLU E 143 11.36 -30.37 -22.01
CA GLU E 143 12.37 -30.70 -21.00
C GLU E 143 12.92 -29.43 -20.36
N VAL E 144 12.95 -28.32 -21.13
CA VAL E 144 13.40 -26.99 -20.69
C VAL E 144 12.39 -26.48 -19.64
N ILE E 145 11.08 -26.63 -19.93
CA ILE E 145 9.92 -26.27 -19.10
C ILE E 145 10.00 -26.96 -17.73
N GLU E 146 10.33 -28.26 -17.74
CA GLU E 146 10.49 -29.11 -16.55
C GLU E 146 11.69 -28.66 -15.71
N LEU E 147 12.85 -28.42 -16.36
CA LEU E 147 14.12 -28.01 -15.76
C LEU E 147 14.03 -26.65 -15.05
N LEU E 148 13.53 -25.62 -15.78
CA LEU E 148 13.39 -24.25 -15.28
C LEU E 148 12.12 -24.01 -14.46
N ASP E 149 11.28 -25.07 -14.28
CA ASP E 149 10.01 -25.05 -13.53
C ASP E 149 9.07 -23.94 -14.04
N LEU E 150 8.91 -23.86 -15.39
CA LEU E 150 8.07 -22.85 -16.03
C LEU E 150 6.58 -23.16 -15.83
N PRO E 151 5.78 -22.20 -15.33
CA PRO E 151 4.36 -22.45 -15.12
C PRO E 151 3.53 -22.15 -16.38
N GLU E 152 2.20 -22.34 -16.28
CA GLU E 152 1.24 -22.06 -17.34
C GLU E 152 1.36 -20.59 -17.78
N TYR E 153 1.34 -20.37 -19.11
CA TYR E 153 1.44 -19.07 -19.82
C TYR E 153 2.86 -18.49 -19.90
N VAL E 154 3.89 -19.35 -19.75
CA VAL E 154 5.32 -19.00 -19.83
C VAL E 154 6.02 -19.98 -20.78
N PHE E 155 6.64 -19.47 -21.86
CA PHE E 155 7.34 -20.34 -22.82
C PHE E 155 8.76 -19.86 -23.18
N PRO E 156 9.77 -20.77 -23.27
CA PRO E 156 11.14 -20.31 -23.60
C PRO E 156 11.28 -19.81 -25.04
N VAL E 157 11.82 -18.60 -25.21
CA VAL E 157 12.00 -17.99 -26.53
C VAL E 157 13.44 -18.21 -27.02
N SER E 158 14.42 -17.63 -26.32
CA SER E 158 15.83 -17.76 -26.68
C SER E 158 16.71 -17.60 -25.45
N GLY E 159 17.83 -18.30 -25.48
CA GLY E 159 18.85 -18.23 -24.44
C GLY E 159 19.86 -17.18 -24.84
N LEU E 160 20.81 -16.89 -23.93
CA LEU E 160 21.88 -15.93 -24.17
C LEU E 160 23.05 -16.33 -23.30
N VAL E 161 24.17 -16.66 -23.96
CA VAL E 161 25.41 -17.10 -23.31
C VAL E 161 26.27 -15.86 -23.04
N VAL E 162 26.43 -15.50 -21.75
CA VAL E 162 27.20 -14.33 -21.32
C VAL E 162 28.44 -14.80 -20.55
N GLY E 163 29.59 -14.25 -20.93
CA GLY E 163 30.87 -14.58 -20.31
C GLY E 163 32.01 -13.72 -20.81
N HIS E 164 33.22 -13.97 -20.26
CA HIS E 164 34.43 -13.25 -20.65
C HIS E 164 35.09 -13.98 -21.84
N PRO E 165 35.22 -13.32 -23.01
CA PRO E 165 35.80 -14.01 -24.19
C PRO E 165 37.28 -14.40 -24.10
N SER E 166 37.67 -15.44 -24.86
CA SER E 166 39.05 -15.94 -24.96
C SER E 166 39.63 -15.64 -26.35
N ASP E 167 38.77 -15.11 -27.25
CA ASP E 167 39.11 -14.71 -28.62
C ASP E 167 38.09 -13.65 -29.08
N HIS E 168 38.59 -12.59 -29.76
CA HIS E 168 37.78 -11.46 -30.26
C HIS E 168 36.85 -11.85 -31.42
N SER E 169 37.20 -12.92 -32.19
CA SER E 169 36.48 -13.42 -33.36
C SER E 169 36.37 -12.38 -34.51
N ALA E 170 35.56 -12.65 -35.53
CA ALA E 170 35.40 -11.74 -36.66
C ALA E 170 33.93 -11.43 -36.96
N LYS E 171 33.69 -10.24 -37.52
CA LYS E 171 32.37 -9.76 -37.93
C LYS E 171 31.89 -10.54 -39.17
N LYS E 172 30.70 -11.16 -39.07
CA LYS E 172 30.09 -11.89 -40.19
C LYS E 172 29.45 -10.85 -41.12
N PRO E 173 29.77 -10.82 -42.44
CA PRO E 173 29.15 -9.85 -43.34
C PRO E 173 27.63 -10.00 -43.42
N ARG E 174 26.91 -8.87 -43.56
CA ARG E 174 25.44 -8.86 -43.66
C ARG E 174 24.97 -8.53 -45.08
N LEU E 175 23.69 -8.84 -45.37
CA LEU E 175 23.04 -8.62 -46.67
C LEU E 175 23.18 -7.16 -47.14
N PRO E 176 23.24 -6.90 -48.48
CA PRO E 176 23.32 -5.50 -48.95
C PRO E 176 22.13 -4.67 -48.45
N GLN E 177 22.36 -3.39 -48.08
CA GLN E 177 21.32 -2.51 -47.54
C GLN E 177 20.05 -2.50 -48.37
N ALA E 178 20.18 -2.44 -49.72
CA ALA E 178 19.04 -2.44 -50.66
C ALA E 178 18.14 -3.68 -50.55
N ALA E 179 18.71 -4.83 -50.12
CA ALA E 179 17.98 -6.10 -49.95
C ALA E 179 17.13 -6.15 -48.67
N VAL E 180 17.58 -5.48 -47.59
CA VAL E 180 16.90 -5.43 -46.30
C VAL E 180 16.02 -4.16 -46.17
N HIS E 181 16.56 -3.00 -46.58
CA HIS E 181 15.85 -1.72 -46.53
C HIS E 181 15.16 -1.40 -47.85
N HIS E 182 13.81 -1.45 -47.84
CA HIS E 182 12.97 -1.15 -49.00
C HIS E 182 12.21 0.14 -48.74
N ARG E 183 12.40 1.15 -49.59
CA ARG E 183 11.76 2.46 -49.46
C ARG E 183 10.32 2.46 -49.98
N GLU E 184 9.38 2.95 -49.12
CA GLU E 184 7.93 3.08 -49.36
C GLU E 184 7.15 1.78 -49.51
N SER E 185 7.56 0.92 -50.45
CA SER E 185 6.94 -0.39 -50.72
C SER E 185 8.01 -1.48 -50.80
N TYR E 186 7.59 -2.76 -50.76
CA TYR E 186 8.48 -3.93 -50.83
C TYR E 186 9.13 -4.04 -52.21
N ASN E 187 10.45 -4.29 -52.23
CA ASN E 187 11.22 -4.48 -53.47
C ASN E 187 11.32 -5.98 -53.75
N HIS E 188 10.68 -6.44 -54.84
CA HIS E 188 10.67 -7.86 -55.22
C HIS E 188 11.91 -8.36 -55.98
N ASP E 189 12.76 -7.43 -56.49
CA ASP E 189 13.97 -7.77 -57.22
C ASP E 189 15.14 -7.94 -56.25
N LEU E 190 15.22 -9.13 -55.62
CA LEU E 190 16.27 -9.44 -54.64
C LEU E 190 17.22 -10.60 -54.97
N LYS E 191 16.90 -11.35 -56.05
CA LYS E 191 17.68 -12.49 -56.51
C LYS E 191 19.13 -12.13 -56.84
N SER E 192 19.34 -11.05 -57.63
CA SER E 192 20.66 -10.55 -58.03
C SER E 192 21.49 -10.10 -56.82
N LEU E 193 20.82 -9.48 -55.83
CA LEU E 193 21.44 -9.01 -54.59
C LEU E 193 21.90 -10.16 -53.71
N ILE E 194 21.12 -11.26 -53.68
CA ILE E 194 21.46 -12.48 -52.92
C ILE E 194 22.65 -13.19 -53.59
N GLN E 195 22.64 -13.25 -54.94
CA GLN E 195 23.71 -13.85 -55.75
C GLN E 195 25.06 -13.14 -55.52
N ASP E 196 25.05 -11.79 -55.43
CA ASP E 196 26.24 -10.99 -55.17
C ASP E 196 26.74 -11.18 -53.73
N TYR E 197 25.79 -11.34 -52.78
CA TYR E 197 26.06 -11.57 -51.36
C TYR E 197 26.69 -12.95 -51.14
N ASP E 198 26.28 -13.96 -51.96
CA ASP E 198 26.81 -15.32 -51.95
C ASP E 198 28.28 -15.32 -52.34
N ALA E 199 28.66 -14.49 -53.33
CA ALA E 199 30.02 -14.31 -53.83
C ALA E 199 30.94 -13.74 -52.73
N GLU E 200 30.38 -12.83 -51.91
CA GLU E 200 31.08 -12.19 -50.80
C GLU E 200 31.16 -13.13 -49.59
N MET E 201 30.09 -13.91 -49.35
CA MET E 201 29.99 -14.87 -48.24
C MET E 201 30.88 -16.11 -48.42
N ALA E 202 31.06 -16.57 -49.68
CA ALA E 202 31.91 -17.72 -50.03
C ALA E 202 33.39 -17.37 -49.86
N GLU E 203 33.76 -16.10 -50.16
CA GLU E 203 35.11 -15.56 -50.00
C GLU E 203 35.42 -15.38 -48.50
N TYR E 204 34.39 -15.01 -47.70
CA TYR E 204 34.50 -14.82 -46.25
C TYR E 204 34.78 -16.18 -45.59
N MET E 205 34.02 -17.22 -45.97
CA MET E 205 34.17 -18.59 -45.47
C MET E 205 35.50 -19.23 -45.88
N LYS E 206 36.03 -18.84 -47.06
CA LYS E 206 37.31 -19.33 -47.57
C LYS E 206 38.44 -18.78 -46.70
N LYS E 207 38.45 -17.45 -46.44
CA LYS E 207 39.45 -16.77 -45.61
C LYS E 207 39.36 -17.16 -44.13
N ARG E 208 38.16 -17.53 -43.65
CA ARG E 208 37.90 -17.94 -42.26
C ARG E 208 38.45 -19.34 -41.94
N THR E 209 38.34 -20.28 -42.91
CA THR E 209 38.77 -21.68 -42.77
C THR E 209 40.09 -22.00 -43.49
N ASN E 210 40.73 -20.98 -44.11
CA ASN E 210 41.98 -21.06 -44.89
C ASN E 210 41.81 -21.96 -46.14
N GLY E 211 40.78 -21.66 -46.92
CA GLY E 211 40.44 -22.37 -48.14
C GLY E 211 39.93 -23.79 -47.96
N ALA E 212 39.37 -24.10 -46.77
CA ALA E 212 38.84 -25.44 -46.47
C ALA E 212 37.36 -25.58 -46.78
N ASP E 213 36.55 -24.51 -46.52
CA ASP E 213 35.11 -24.49 -46.75
C ASP E 213 34.70 -23.35 -47.70
N ASP E 214 33.83 -23.68 -48.68
CA ASP E 214 33.33 -22.77 -49.71
C ASP E 214 31.86 -22.35 -49.50
N ARG E 215 31.26 -22.74 -48.33
CA ARG E 215 29.87 -22.47 -47.96
C ARG E 215 29.44 -21.02 -48.14
N ASN E 216 28.47 -20.78 -49.05
CA ASN E 216 27.89 -19.45 -49.27
C ASN E 216 26.62 -19.31 -48.42
N TRP E 217 26.05 -18.10 -48.31
CA TRP E 217 24.88 -17.80 -47.48
C TRP E 217 23.62 -18.62 -47.81
N SER E 218 23.21 -18.65 -49.10
CA SER E 218 22.02 -19.35 -49.55
C SER E 218 22.08 -20.86 -49.27
N GLN E 219 23.27 -21.48 -49.43
CA GLN E 219 23.51 -22.90 -49.16
C GLN E 219 23.25 -23.26 -47.70
N THR E 220 23.80 -22.45 -46.76
CA THR E 220 23.67 -22.66 -45.31
C THR E 220 22.23 -22.51 -44.87
N VAL E 221 21.57 -21.43 -45.34
CA VAL E 221 20.18 -21.10 -45.02
C VAL E 221 19.23 -22.20 -45.52
N SER E 222 19.24 -22.50 -46.84
CA SER E 222 18.37 -23.50 -47.48
C SER E 222 18.48 -24.93 -46.91
N ALA E 223 19.67 -25.31 -46.40
CA ALA E 223 19.91 -26.64 -45.81
C ALA E 223 19.15 -26.84 -44.49
N ILE E 224 19.05 -25.80 -43.66
CA ILE E 224 18.35 -25.82 -42.37
C ILE E 224 16.85 -25.61 -42.61
N TYR E 225 16.50 -24.63 -43.47
CA TYR E 225 15.11 -24.29 -43.79
C TYR E 225 14.42 -25.26 -44.78
N LYS E 226 15.14 -26.33 -45.15
CA LYS E 226 14.68 -27.41 -46.03
C LYS E 226 13.51 -28.16 -45.38
N THR E 227 13.49 -28.18 -44.03
CA THR E 227 12.50 -28.88 -43.21
C THR E 227 12.12 -28.12 -41.92
N ILE E 228 11.09 -28.63 -41.21
CA ILE E 228 10.63 -28.12 -39.92
C ILE E 228 11.57 -28.76 -38.89
N TYR E 229 12.70 -28.07 -38.61
CA TYR E 229 13.73 -28.56 -37.70
C TYR E 229 13.32 -28.71 -36.24
N TYR E 230 12.44 -27.81 -35.75
CA TYR E 230 11.93 -27.88 -34.38
C TYR E 230 10.44 -28.22 -34.37
N PRO E 231 10.10 -29.53 -34.27
CA PRO E 231 8.67 -29.94 -34.32
C PRO E 231 7.88 -29.70 -33.04
N GLU E 232 8.54 -29.72 -31.87
CA GLU E 232 7.92 -29.56 -30.55
C GLU E 232 7.51 -28.12 -30.20
N VAL E 233 7.50 -27.18 -31.18
CA VAL E 233 7.13 -25.77 -30.98
C VAL E 233 5.66 -25.60 -30.60
N ARG E 234 4.72 -26.16 -31.39
CA ARG E 234 3.28 -26.09 -31.10
C ARG E 234 2.94 -26.85 -29.81
N ALA E 235 3.58 -28.03 -29.60
CA ALA E 235 3.42 -28.88 -28.42
C ALA E 235 3.79 -28.13 -27.13
N MET E 236 4.81 -27.23 -27.21
CA MET E 236 5.30 -26.40 -26.11
C MET E 236 4.24 -25.35 -25.72
N LEU E 237 3.71 -24.60 -26.71
CA LEU E 237 2.70 -23.55 -26.52
C LEU E 237 1.38 -24.13 -26.02
N GLU E 238 0.98 -25.29 -26.56
CA GLU E 238 -0.25 -25.98 -26.16
C GLU E 238 -0.17 -26.56 -24.75
N LYS E 239 1.05 -26.92 -24.29
CA LYS E 239 1.28 -27.45 -22.93
C LYS E 239 1.16 -26.31 -21.91
N GLN E 240 1.61 -25.10 -22.30
CA GLN E 240 1.62 -23.89 -21.48
C GLN E 240 0.29 -23.11 -21.44
N GLY E 241 -0.77 -23.68 -22.01
CA GLY E 241 -2.10 -23.07 -22.02
C GLY E 241 -2.38 -22.08 -23.13
N PHE E 242 -1.59 -22.11 -24.23
CA PHE E 242 -1.83 -21.23 -25.36
C PHE E 242 -2.65 -21.92 -26.44
N LYS E 243 -3.66 -21.23 -26.94
CA LYS E 243 -4.57 -21.72 -27.99
C LYS E 243 -4.51 -20.81 -29.22
N PHE E 244 -5.12 -21.21 -30.35
CA PHE E 244 -5.09 -20.41 -31.57
C PHE E 244 -6.51 -20.13 -32.06
N GLU E 245 -6.73 -18.97 -32.68
CA GLU E 245 -8.07 -18.52 -33.10
C GLU E 245 -8.75 -19.19 -34.31
N LYS E 246 -8.00 -19.95 -35.13
CA LYS E 246 -8.48 -20.66 -36.34
C LYS E 246 -9.18 -19.74 -37.34
N MET F 1 29.32 4.98 -15.92
CA MET F 1 28.34 4.51 -16.89
C MET F 1 28.75 4.92 -18.31
N ASN F 2 28.64 3.99 -19.31
CA ASN F 2 28.99 4.29 -20.70
C ASN F 2 27.78 4.74 -21.53
N GLU F 3 28.04 5.36 -22.70
CA GLU F 3 27.02 5.90 -23.62
C GLU F 3 26.00 4.87 -24.09
N ALA F 4 26.42 3.62 -24.31
CA ALA F 4 25.54 2.53 -24.73
C ALA F 4 24.54 2.18 -23.62
N ILE F 5 25.02 2.04 -22.36
CA ILE F 5 24.19 1.74 -21.18
C ILE F 5 23.29 2.94 -20.86
N ARG F 6 23.83 4.18 -20.98
CA ARG F 6 23.13 5.46 -20.77
C ARG F 6 21.93 5.63 -21.72
N THR F 7 22.09 5.20 -23.00
CA THR F 7 21.05 5.27 -24.05
C THR F 7 19.89 4.33 -23.69
N ILE F 8 20.22 3.09 -23.28
CA ILE F 8 19.22 2.10 -22.89
C ILE F 8 18.53 2.44 -21.57
N GLN F 9 19.32 2.79 -20.52
CA GLN F 9 18.80 3.15 -19.20
C GLN F 9 17.85 4.36 -19.19
N ASP F 10 18.13 5.37 -20.03
CA ASP F 10 17.34 6.60 -20.13
C ASP F 10 16.21 6.54 -21.20
N HIS F 11 15.74 5.33 -21.53
CA HIS F 11 14.70 5.12 -22.52
C HIS F 11 13.31 5.61 -22.13
N ARG F 12 12.64 6.24 -23.09
CA ARG F 12 11.24 6.66 -23.03
C ARG F 12 10.70 6.79 -24.46
N SER F 13 9.44 6.38 -24.67
CA SER F 13 8.78 6.48 -25.97
C SER F 13 8.26 7.90 -26.17
N ILE F 14 8.50 8.46 -27.36
CA ILE F 14 8.09 9.82 -27.71
C ILE F 14 6.87 9.76 -28.63
N ARG F 15 5.82 10.52 -28.29
CA ARG F 15 4.57 10.57 -29.06
C ARG F 15 4.25 12.01 -29.51
N GLN F 16 5.19 12.96 -29.28
CA GLN F 16 5.07 14.36 -29.67
C GLN F 16 6.30 14.74 -30.48
N TYR F 17 6.09 15.00 -31.79
CA TYR F 17 7.14 15.28 -32.75
C TYR F 17 7.06 16.65 -33.44
N THR F 18 8.20 17.08 -34.01
CA THR F 18 8.34 18.33 -34.75
C THR F 18 8.24 18.06 -36.26
N ASP F 19 8.09 19.12 -37.07
CA ASP F 19 7.99 19.05 -38.54
C ASP F 19 9.33 18.66 -39.17
N GLU F 20 10.43 18.75 -38.40
CA GLU F 20 11.81 18.43 -38.77
C GLU F 20 11.94 17.01 -39.32
N ALA F 21 12.40 16.90 -40.58
CA ALA F 21 12.59 15.64 -41.28
C ALA F 21 13.83 14.91 -40.81
N VAL F 22 13.78 13.57 -40.82
CA VAL F 22 14.91 12.70 -40.44
C VAL F 22 15.81 12.61 -41.68
N SER F 23 17.08 13.02 -41.55
CA SER F 23 18.06 13.01 -42.64
C SER F 23 18.35 11.59 -43.17
N ASP F 24 18.89 11.51 -44.39
CA ASP F 24 19.27 10.25 -45.02
C ASP F 24 20.45 9.62 -44.28
N GLU F 25 21.36 10.47 -43.76
CA GLU F 25 22.53 10.06 -42.97
C GLU F 25 22.07 9.38 -41.67
N HIS F 26 20.99 9.90 -41.04
CA HIS F 26 20.41 9.34 -39.82
C HIS F 26 19.71 8.02 -40.12
N LEU F 27 18.92 7.96 -41.21
CA LEU F 27 18.19 6.77 -41.65
C LEU F 27 19.15 5.62 -41.95
N ASP F 28 20.22 5.88 -42.73
CA ASP F 28 21.24 4.89 -43.09
C ASP F 28 21.96 4.31 -41.87
N THR F 29 22.19 5.14 -40.83
CA THR F 29 22.83 4.73 -39.57
C THR F 29 21.90 3.81 -38.77
N ILE F 30 20.59 4.15 -38.71
CA ILE F 30 19.57 3.36 -38.02
C ILE F 30 19.44 1.99 -38.68
N ILE F 31 19.39 1.95 -40.03
CA ILE F 31 19.29 0.73 -40.85
C ILE F 31 20.55 -0.14 -40.67
N GLN F 32 21.75 0.45 -40.85
CA GLN F 32 23.04 -0.24 -40.70
C GLN F 32 23.23 -0.86 -39.32
N SER F 33 22.74 -0.17 -38.25
CA SER F 33 22.80 -0.65 -36.87
C SER F 33 21.83 -1.82 -36.67
N ALA F 34 20.62 -1.76 -37.27
CA ALA F 34 19.63 -2.83 -37.21
C ALA F 34 20.16 -4.10 -37.90
N GLN F 35 20.83 -3.93 -39.07
CA GLN F 35 21.43 -5.02 -39.83
C GLN F 35 22.61 -5.64 -39.08
N SER F 36 23.35 -4.80 -38.32
CA SER F 36 24.51 -5.19 -37.52
C SER F 36 24.19 -6.15 -36.36
N ALA F 37 22.91 -6.20 -35.94
CA ALA F 37 22.43 -7.05 -34.86
C ALA F 37 22.42 -8.54 -35.26
N ALA F 38 22.39 -9.44 -34.26
CA ALA F 38 22.37 -10.90 -34.47
C ALA F 38 21.04 -11.38 -35.09
N SER F 39 21.09 -12.48 -35.87
CA SER F 39 19.94 -13.11 -36.52
C SER F 39 20.11 -14.62 -36.51
N SER F 40 19.02 -15.38 -36.23
CA SER F 40 19.02 -16.84 -36.18
C SER F 40 19.62 -17.43 -37.46
N ILE F 41 20.69 -18.25 -37.30
CA ILE F 41 21.47 -18.91 -38.37
C ILE F 41 22.05 -17.96 -39.46
N ASN F 42 22.17 -16.65 -39.14
CA ASN F 42 22.61 -15.55 -40.02
C ASN F 42 21.70 -15.44 -41.27
N GLY F 43 20.44 -15.84 -41.09
CA GLY F 43 19.43 -15.84 -42.14
C GLY F 43 18.85 -14.47 -42.41
N GLN F 44 19.01 -13.55 -41.43
CA GLN F 44 18.56 -12.16 -41.49
C GLN F 44 17.09 -12.08 -41.97
N GLN F 45 16.18 -12.69 -41.16
CA GLN F 45 14.74 -12.80 -41.41
C GLN F 45 13.94 -11.52 -41.10
N VAL F 46 14.56 -10.34 -41.29
CA VAL F 46 13.92 -9.04 -41.04
C VAL F 46 14.01 -8.12 -42.27
N THR F 47 12.86 -7.57 -42.67
CA THR F 47 12.74 -6.63 -43.78
C THR F 47 12.21 -5.30 -43.23
N ILE F 48 12.90 -4.21 -43.56
CA ILE F 48 12.54 -2.88 -43.08
C ILE F 48 12.02 -1.95 -44.19
N ILE F 49 10.76 -1.49 -44.02
CA ILE F 49 10.10 -0.59 -44.98
C ILE F 49 10.05 0.83 -44.41
N SER F 50 10.66 1.80 -45.11
CA SER F 50 10.68 3.21 -44.72
C SER F 50 9.54 3.95 -45.37
N VAL F 51 8.60 4.47 -44.57
CA VAL F 51 7.49 5.26 -45.09
C VAL F 51 7.70 6.72 -44.67
N GLN F 52 7.91 7.59 -45.66
CA GLN F 52 8.15 9.02 -45.51
C GLN F 52 7.04 9.85 -46.16
N ASP F 53 6.32 9.27 -47.16
CA ASP F 53 5.21 9.91 -47.87
C ASP F 53 4.01 10.04 -46.92
N LYS F 54 3.61 11.30 -46.62
CA LYS F 54 2.54 11.71 -45.72
C LYS F 54 1.23 10.96 -45.91
N GLU F 55 0.78 10.81 -47.19
CA GLU F 55 -0.46 10.13 -47.57
C GLU F 55 -0.48 8.65 -47.22
N LYS F 56 0.62 7.92 -47.53
CA LYS F 56 0.77 6.49 -47.22
C LYS F 56 0.86 6.33 -45.70
N LYS F 57 1.70 7.18 -45.08
CA LYS F 57 1.97 7.27 -43.64
C LYS F 57 0.67 7.53 -42.86
N LYS F 58 -0.26 8.30 -43.44
CA LYS F 58 -1.57 8.63 -42.85
C LYS F 58 -2.47 7.39 -42.87
N LYS F 59 -2.43 6.60 -43.97
CA LYS F 59 -3.23 5.38 -44.09
C LYS F 59 -2.78 4.35 -43.05
N LEU F 60 -1.46 4.21 -42.85
CA LEU F 60 -0.86 3.33 -41.85
C LEU F 60 -1.25 3.74 -40.43
N SER F 61 -1.35 5.07 -40.17
CA SER F 61 -1.75 5.62 -38.86
C SER F 61 -3.19 5.24 -38.51
N GLU F 62 -4.11 5.38 -39.49
CA GLU F 62 -5.53 5.05 -39.33
C GLU F 62 -5.72 3.56 -39.08
N LEU F 63 -5.02 2.71 -39.86
CA LEU F 63 -5.07 1.25 -39.75
C LEU F 63 -4.53 0.76 -38.40
N ALA F 64 -3.60 1.51 -37.78
CA ALA F 64 -2.99 1.19 -36.49
C ALA F 64 -3.85 1.65 -35.30
N GLY F 65 -5.02 2.24 -35.59
CA GLY F 65 -5.98 2.71 -34.60
C GLY F 65 -5.96 4.21 -34.40
N ASN F 66 -5.78 4.98 -35.50
CA ASN F 66 -5.73 6.45 -35.53
C ASN F 66 -4.72 7.08 -34.56
N GLN F 67 -3.48 6.54 -34.55
CA GLN F 67 -2.39 7.00 -33.70
C GLN F 67 -1.72 8.22 -34.35
N ALA F 68 -2.05 9.42 -33.82
CA ALA F 68 -1.60 10.74 -34.29
C ALA F 68 -0.10 10.90 -34.53
N TRP F 69 0.74 10.37 -33.62
CA TRP F 69 2.21 10.42 -33.69
C TRP F 69 2.81 9.83 -34.97
N ILE F 70 2.09 8.89 -35.64
CA ILE F 70 2.50 8.26 -36.90
C ILE F 70 2.47 9.28 -38.04
N ASP F 71 1.38 10.06 -38.14
CA ASP F 71 1.23 11.10 -39.16
C ASP F 71 2.06 12.35 -38.83
N GLN F 72 2.33 12.57 -37.52
CA GLN F 72 3.12 13.70 -37.01
C GLN F 72 4.62 13.53 -37.37
N ALA F 73 5.21 12.37 -37.04
CA ALA F 73 6.61 12.05 -37.32
C ALA F 73 6.88 11.98 -38.83
N PRO F 74 8.10 12.39 -39.31
CA PRO F 74 8.34 12.37 -40.76
C PRO F 74 8.65 11.00 -41.36
N LEU F 75 9.00 10.03 -40.51
CA LEU F 75 9.37 8.66 -40.90
C LEU F 75 8.66 7.60 -40.07
N PHE F 76 8.21 6.54 -40.74
CA PHE F 76 7.58 5.37 -40.12
C PHE F 76 8.24 4.12 -40.67
N LEU F 77 9.03 3.46 -39.81
CA LEU F 77 9.75 2.24 -40.14
C LEU F 77 8.85 1.04 -39.85
N ILE F 78 8.87 0.04 -40.73
CA ILE F 78 8.08 -1.16 -40.55
C ILE F 78 8.90 -2.43 -40.64
N PHE F 79 9.01 -3.13 -39.50
CA PHE F 79 9.76 -4.37 -39.35
C PHE F 79 8.88 -5.57 -39.68
N CYS F 80 9.22 -6.26 -40.78
CA CYS F 80 8.50 -7.44 -41.28
C CYS F 80 9.38 -8.68 -41.13
N ALA F 81 8.75 -9.82 -40.77
CA ALA F 81 9.45 -11.10 -40.70
C ALA F 81 9.52 -11.56 -42.16
N ASP F 82 10.73 -11.81 -42.68
CA ASP F 82 10.92 -12.16 -44.09
C ASP F 82 11.56 -13.52 -44.31
N PHE F 83 10.79 -14.41 -44.97
CA PHE F 83 11.21 -15.74 -45.39
C PHE F 83 11.15 -15.86 -46.92
N ASN F 84 10.99 -14.70 -47.61
CA ASN F 84 10.99 -14.62 -49.07
C ASN F 84 12.42 -14.74 -49.58
N ARG F 85 13.40 -14.23 -48.80
CA ARG F 85 14.82 -14.34 -49.11
C ARG F 85 15.22 -15.81 -48.97
N ALA F 86 14.69 -16.49 -47.92
CA ALA F 86 14.89 -17.92 -47.65
C ALA F 86 14.30 -18.76 -48.79
N LYS F 87 13.19 -18.27 -49.41
CA LYS F 87 12.53 -18.88 -50.55
C LYS F 87 13.40 -18.73 -51.80
N ILE F 88 13.99 -17.53 -52.03
CA ILE F 88 14.90 -17.28 -53.16
C ILE F 88 16.14 -18.16 -52.97
N ALA F 89 16.68 -18.23 -51.73
CA ALA F 89 17.85 -19.03 -51.36
C ALA F 89 17.62 -20.52 -51.67
N ALA F 90 16.42 -21.04 -51.31
CA ALA F 90 16.03 -22.42 -51.55
C ALA F 90 15.88 -22.72 -53.06
N GLU F 91 15.37 -21.74 -53.83
CA GLU F 91 15.19 -21.83 -55.29
C GLU F 91 16.55 -21.86 -56.00
N LEU F 92 17.53 -21.08 -55.49
CA LEU F 92 18.89 -21.00 -56.03
C LEU F 92 19.68 -22.31 -55.84
N ASN F 93 19.31 -23.10 -54.80
CA ASN F 93 19.97 -24.36 -54.46
C ASN F 93 19.09 -25.60 -54.70
N ASP F 94 18.01 -25.44 -55.52
CA ASP F 94 17.06 -26.50 -55.89
C ASP F 94 16.60 -27.31 -54.65
N ALA F 95 16.20 -26.57 -53.59
CA ALA F 95 15.78 -27.14 -52.31
C ALA F 95 14.38 -26.66 -51.91
N PRO F 96 13.57 -27.47 -51.19
CA PRO F 96 12.24 -26.98 -50.79
C PRO F 96 12.31 -26.09 -49.53
N LEU F 97 11.25 -25.28 -49.29
CA LEU F 97 11.17 -24.42 -48.10
C LEU F 97 10.16 -25.05 -47.14
N GLY F 98 10.69 -25.79 -46.15
CA GLY F 98 9.91 -26.53 -45.18
C GLY F 98 9.54 -25.80 -43.91
N VAL F 99 10.46 -24.94 -43.39
CA VAL F 99 10.30 -24.16 -42.15
C VAL F 99 8.96 -23.39 -42.02
N THR F 100 8.48 -22.80 -43.13
CA THR F 100 7.23 -22.02 -43.21
C THR F 100 5.95 -22.82 -42.93
N ASP F 101 6.05 -24.16 -42.90
CA ASP F 101 4.94 -25.06 -42.61
C ASP F 101 4.85 -25.38 -41.10
N GLY F 102 5.78 -24.80 -40.33
CA GLY F 102 5.86 -24.97 -38.88
C GLY F 102 5.80 -23.65 -38.13
N LEU F 103 5.51 -23.73 -36.82
CA LEU F 103 5.40 -22.57 -35.92
C LEU F 103 6.75 -21.95 -35.57
N GLU F 104 7.86 -22.68 -35.86
CA GLU F 104 9.22 -22.23 -35.62
C GLU F 104 9.55 -21.01 -36.47
N SER F 105 9.13 -21.01 -37.77
CA SER F 105 9.31 -19.89 -38.70
C SER F 105 8.67 -18.61 -38.16
N ILE F 106 7.52 -18.74 -37.46
CA ILE F 106 6.80 -17.62 -36.83
C ILE F 106 7.63 -17.12 -35.64
N LEU F 107 8.13 -18.03 -34.78
CA LEU F 107 8.93 -17.67 -33.62
C LEU F 107 10.26 -17.04 -33.98
N VAL F 108 10.92 -17.55 -35.05
CA VAL F 108 12.21 -17.02 -35.57
C VAL F 108 12.01 -15.59 -36.09
N GLY F 109 11.02 -15.42 -36.98
CA GLY F 109 10.66 -14.16 -37.62
C GLY F 109 10.29 -13.04 -36.67
N ALA F 110 9.51 -13.35 -35.62
CA ALA F 110 9.05 -12.39 -34.60
C ALA F 110 10.17 -12.02 -33.62
N THR F 111 10.98 -13.01 -33.20
CA THR F 111 12.11 -12.78 -32.29
C THR F 111 13.17 -11.92 -32.97
N ASP F 112 13.47 -12.21 -34.27
CA ASP F 112 14.46 -11.48 -35.09
C ASP F 112 14.04 -10.03 -35.33
N ALA F 113 12.74 -9.77 -35.52
CA ALA F 113 12.19 -8.43 -35.74
C ALA F 113 12.26 -7.57 -34.48
N GLY F 114 12.17 -8.21 -33.30
CA GLY F 114 12.29 -7.57 -32.00
C GLY F 114 13.72 -7.13 -31.74
N ILE F 115 14.68 -7.97 -32.19
CA ILE F 115 16.14 -7.72 -32.10
C ILE F 115 16.50 -6.50 -32.97
N SER F 116 16.03 -6.49 -34.24
CA SER F 116 16.25 -5.44 -35.24
C SER F 116 15.64 -4.09 -34.82
N LEU F 117 14.43 -4.11 -34.20
CA LEU F 117 13.70 -2.93 -33.73
C LEU F 117 14.45 -2.26 -32.57
N GLU F 118 14.96 -3.06 -31.62
CA GLU F 118 15.72 -2.57 -30.46
C GLU F 118 17.05 -1.96 -30.89
N ALA F 119 17.74 -2.58 -31.87
CA ALA F 119 19.01 -2.08 -32.42
C ALA F 119 18.77 -0.75 -33.15
N ALA F 120 17.62 -0.63 -33.86
CA ALA F 120 17.23 0.59 -34.57
C ALA F 120 16.85 1.68 -33.55
N THR F 121 16.23 1.28 -32.41
CA THR F 121 15.81 2.14 -31.30
C THR F 121 17.04 2.75 -30.63
N VAL F 122 17.98 1.91 -30.13
CA VAL F 122 19.21 2.38 -29.47
C VAL F 122 20.09 3.29 -30.35
N ALA F 123 20.10 3.05 -31.67
CA ALA F 123 20.83 3.87 -32.64
C ALA F 123 20.16 5.24 -32.82
N ALA F 124 18.83 5.25 -33.09
CA ALA F 124 18.04 6.46 -33.29
C ALA F 124 18.03 7.35 -32.04
N GLU F 125 17.84 6.75 -30.86
CA GLU F 125 17.80 7.47 -29.57
C GLU F 125 19.14 8.07 -29.17
N SER F 126 20.26 7.44 -29.56
CA SER F 126 21.59 7.96 -29.28
C SER F 126 21.93 9.16 -30.18
N LEU F 127 21.27 9.26 -31.36
CA LEU F 127 21.44 10.36 -32.32
C LEU F 127 20.64 11.61 -31.89
N GLY F 128 19.79 11.45 -30.88
CA GLY F 128 18.95 12.52 -30.34
C GLY F 128 17.49 12.39 -30.68
N LEU F 129 17.15 11.46 -31.59
CA LEU F 129 15.78 11.22 -32.06
C LEU F 129 14.92 10.53 -30.99
N GLY F 130 13.61 10.55 -31.22
CA GLY F 130 12.62 9.92 -30.37
C GLY F 130 11.90 8.83 -31.13
N THR F 131 11.63 7.69 -30.45
CA THR F 131 10.95 6.54 -31.07
C THR F 131 9.77 6.04 -30.25
N VAL F 132 8.89 5.27 -30.90
CA VAL F 132 7.73 4.58 -30.32
C VAL F 132 7.38 3.39 -31.23
N PRO F 133 7.51 2.13 -30.75
CA PRO F 133 7.18 0.99 -31.62
C PRO F 133 5.67 0.91 -31.81
N ILE F 134 5.22 0.47 -32.99
CA ILE F 134 3.80 0.38 -33.32
C ILE F 134 3.36 -1.09 -33.52
N GLY F 135 2.81 -1.67 -32.47
CA GLY F 135 2.29 -3.03 -32.49
C GLY F 135 0.91 -3.08 -33.13
N GLY F 136 0.32 -1.89 -33.31
CA GLY F 136 -0.98 -1.67 -33.94
C GLY F 136 -1.02 -2.02 -35.41
N ILE F 137 0.14 -2.35 -36.01
CA ILE F 137 0.29 -2.79 -37.40
C ILE F 137 -0.46 -4.13 -37.63
N ARG F 138 -0.79 -4.83 -36.51
CA ARG F 138 -1.52 -6.08 -36.47
C ARG F 138 -3.04 -5.90 -36.25
N ARG F 139 -3.55 -4.64 -36.30
CA ARG F 139 -4.97 -4.33 -36.14
C ARG F 139 -5.73 -4.77 -37.39
N LYS F 140 -5.27 -4.29 -38.57
CA LYS F 140 -5.81 -4.65 -39.89
C LYS F 140 -4.58 -5.09 -40.73
N PRO F 141 -4.00 -6.29 -40.48
CA PRO F 141 -2.77 -6.68 -41.20
C PRO F 141 -2.91 -6.98 -42.68
N LEU F 142 -4.13 -7.36 -43.11
CA LEU F 142 -4.41 -7.68 -44.51
C LEU F 142 -4.19 -6.47 -45.42
N GLU F 143 -4.73 -5.29 -45.02
CA GLU F 143 -4.58 -4.04 -45.76
C GLU F 143 -3.14 -3.52 -45.69
N VAL F 144 -2.41 -3.85 -44.60
CA VAL F 144 -1.00 -3.49 -44.42
C VAL F 144 -0.18 -4.22 -45.51
N ILE F 145 -0.45 -5.54 -45.69
CA ILE F 145 0.17 -6.38 -46.72
C ILE F 145 -0.18 -5.81 -48.11
N GLU F 146 -1.43 -5.36 -48.29
CA GLU F 146 -1.90 -4.75 -49.54
C GLU F 146 -1.13 -3.43 -49.81
N LEU F 147 -1.08 -2.52 -48.81
CA LEU F 147 -0.44 -1.21 -48.85
C LEU F 147 1.06 -1.27 -49.13
N LEU F 148 1.79 -2.08 -48.35
CA LEU F 148 3.24 -2.26 -48.45
C LEU F 148 3.67 -3.24 -49.54
N ASP F 149 2.69 -3.86 -50.24
CA ASP F 149 2.88 -4.84 -51.33
C ASP F 149 3.78 -6.02 -50.88
N LEU F 150 3.49 -6.57 -49.69
CA LEU F 150 4.25 -7.68 -49.10
C LEU F 150 3.99 -8.99 -49.84
N PRO F 151 5.05 -9.70 -50.30
CA PRO F 151 4.82 -10.97 -51.01
C PRO F 151 4.72 -12.16 -50.07
N GLU F 152 4.51 -13.36 -50.64
CA GLU F 152 4.40 -14.62 -49.91
C GLU F 152 5.63 -14.82 -49.04
N TYR F 153 5.39 -15.13 -47.74
CA TYR F 153 6.38 -15.38 -46.67
C TYR F 153 6.98 -14.12 -46.00
N VAL F 154 6.25 -12.97 -46.05
CA VAL F 154 6.64 -11.69 -45.44
C VAL F 154 5.46 -11.08 -44.66
N PHE F 155 5.44 -11.25 -43.32
CA PHE F 155 4.36 -10.70 -42.48
C PHE F 155 4.77 -9.52 -41.59
N PRO F 156 3.92 -8.47 -41.41
CA PRO F 156 4.30 -7.33 -40.55
C PRO F 156 4.33 -7.68 -39.06
N VAL F 157 5.45 -7.35 -38.39
CA VAL F 157 5.62 -7.63 -36.97
C VAL F 157 5.30 -6.38 -36.14
N SER F 158 6.09 -5.31 -36.29
CA SER F 158 5.91 -4.05 -35.57
C SER F 158 6.46 -2.88 -36.34
N GLY F 159 5.83 -1.73 -36.17
CA GLY F 159 6.25 -0.48 -36.76
C GLY F 159 7.18 0.24 -35.80
N LEU F 160 7.82 1.33 -36.27
CA LEU F 160 8.73 2.15 -35.47
C LEU F 160 8.74 3.60 -35.96
N VAL F 161 8.04 4.46 -35.22
CA VAL F 161 7.93 5.89 -35.50
C VAL F 161 9.23 6.57 -35.08
N VAL F 162 9.90 7.24 -36.02
CA VAL F 162 11.18 7.93 -35.84
C VAL F 162 11.02 9.39 -36.26
N GLY F 163 11.46 10.30 -35.41
CA GLY F 163 11.39 11.73 -35.66
C GLY F 163 12.09 12.57 -34.61
N HIS F 164 12.07 13.90 -34.79
CA HIS F 164 12.68 14.84 -33.85
C HIS F 164 11.65 15.21 -32.76
N PRO F 165 11.92 14.92 -31.47
CA PRO F 165 10.92 15.21 -30.42
C PRO F 165 10.63 16.69 -30.15
N SER F 166 9.42 16.98 -29.63
CA SER F 166 8.98 18.32 -29.25
C SER F 166 8.85 18.43 -27.71
N ASP F 167 9.06 17.28 -27.03
CA ASP F 167 9.01 17.12 -25.57
C ASP F 167 9.82 15.87 -25.15
N HIS F 168 10.47 15.95 -23.98
CA HIS F 168 11.30 14.86 -23.44
C HIS F 168 10.49 13.74 -22.81
N SER F 169 9.26 14.05 -22.37
CA SER F 169 8.34 13.15 -21.65
C SER F 169 8.96 12.66 -20.33
N ALA F 170 8.63 11.43 -19.89
CA ALA F 170 9.16 10.85 -18.66
C ALA F 170 9.30 9.33 -18.77
N LYS F 171 10.24 8.78 -17.99
CA LYS F 171 10.53 7.35 -17.91
C LYS F 171 9.39 6.63 -17.16
N LYS F 172 8.77 5.62 -17.80
CA LYS F 172 7.71 4.82 -17.19
C LYS F 172 8.37 3.80 -16.25
N PRO F 173 8.01 3.73 -14.95
CA PRO F 173 8.66 2.75 -14.05
C PRO F 173 8.42 1.30 -14.49
N ARG F 174 9.43 0.43 -14.27
CA ARG F 174 9.35 -0.98 -14.64
C ARG F 174 9.18 -1.87 -13.42
N LEU F 175 8.73 -3.13 -13.64
CA LEU F 175 8.50 -4.14 -12.60
C LEU F 175 9.72 -4.35 -11.71
N PRO F 176 9.55 -4.70 -10.41
CA PRO F 176 10.72 -4.96 -9.55
C PRO F 176 11.61 -6.05 -10.15
N GLN F 177 12.95 -5.89 -10.04
CA GLN F 177 13.91 -6.83 -10.60
C GLN F 177 13.62 -8.28 -10.24
N ALA F 178 13.26 -8.56 -8.96
CA ALA F 178 12.91 -9.89 -8.45
C ALA F 178 11.74 -10.55 -9.18
N ALA F 179 10.80 -9.74 -9.73
CA ALA F 179 9.63 -10.22 -10.48
C ALA F 179 9.95 -10.67 -11.92
N VAL F 180 10.95 -10.02 -12.56
CA VAL F 180 11.37 -10.31 -13.94
C VAL F 180 12.59 -11.27 -13.96
N HIS F 181 13.58 -11.02 -13.10
CA HIS F 181 14.79 -11.83 -12.99
C HIS F 181 14.68 -12.90 -11.92
N HIS F 182 14.59 -14.18 -12.35
CA HIS F 182 14.49 -15.34 -11.46
C HIS F 182 15.78 -16.14 -11.56
N ARG F 183 16.49 -16.33 -10.45
CA ARG F 183 17.76 -17.06 -10.41
C ARG F 183 17.54 -18.57 -10.37
N GLU F 184 18.24 -19.30 -11.28
CA GLU F 184 18.23 -20.76 -11.44
C GLU F 184 16.91 -21.38 -11.91
N SER F 185 15.82 -21.14 -11.17
CA SER F 185 14.49 -21.66 -11.47
C SER F 185 13.46 -20.52 -11.40
N TYR F 186 12.22 -20.75 -11.92
CA TYR F 186 11.14 -19.78 -11.94
C TYR F 186 10.63 -19.52 -10.51
N ASN F 187 10.43 -18.23 -10.15
CA ASN F 187 9.90 -17.83 -8.85
C ASN F 187 8.39 -17.61 -8.98
N HIS F 188 7.60 -18.46 -8.31
CA HIS F 188 6.13 -18.41 -8.37
C HIS F 188 5.48 -17.37 -7.46
N ASP F 189 6.23 -16.83 -6.47
CA ASP F 189 5.71 -15.80 -5.55
C ASP F 189 5.88 -14.40 -6.16
N LEU F 190 4.92 -14.00 -7.04
CA LEU F 190 4.98 -12.70 -7.71
C LEU F 190 3.78 -11.77 -7.45
N LYS F 191 2.72 -12.29 -6.79
CA LYS F 191 1.50 -11.52 -6.47
C LYS F 191 1.78 -10.28 -5.62
N SER F 192 2.56 -10.44 -4.52
CA SER F 192 2.94 -9.35 -3.62
C SER F 192 3.78 -8.29 -4.32
N LEU F 193 4.67 -8.73 -5.25
CA LEU F 193 5.54 -7.86 -6.05
C LEU F 193 4.74 -7.02 -7.04
N ILE F 194 3.67 -7.60 -7.62
CA ILE F 194 2.78 -6.91 -8.56
C ILE F 194 1.95 -5.87 -7.79
N GLN F 195 1.45 -6.25 -6.59
CA GLN F 195 0.66 -5.39 -5.69
C GLN F 195 1.46 -4.14 -5.28
N ASP F 196 2.76 -4.31 -4.96
CA ASP F 196 3.65 -3.21 -4.60
C ASP F 196 3.95 -2.31 -5.80
N TYR F 197 4.06 -2.92 -7.00
CA TYR F 197 4.32 -2.23 -8.26
C TYR F 197 3.10 -1.38 -8.68
N ASP F 198 1.88 -1.88 -8.39
CA ASP F 198 0.61 -1.20 -8.66
C ASP F 198 0.52 0.08 -7.85
N ALA F 199 1.02 0.05 -6.59
CA ALA F 199 1.05 1.19 -5.67
C ALA F 199 2.00 2.27 -6.19
N GLU F 200 3.15 1.85 -6.75
CA GLU F 200 4.17 2.73 -7.33
C GLU F 200 3.67 3.31 -8.67
N MET F 201 2.88 2.51 -9.43
CA MET F 201 2.33 2.90 -10.73
C MET F 201 1.16 3.87 -10.59
N ALA F 202 0.34 3.71 -9.54
CA ALA F 202 -0.80 4.58 -9.26
C ALA F 202 -0.31 5.97 -8.86
N GLU F 203 0.83 6.04 -8.11
CA GLU F 203 1.49 7.27 -7.71
C GLU F 203 2.14 7.95 -8.91
N TYR F 204 2.69 7.17 -9.86
CA TYR F 204 3.32 7.66 -11.09
C TYR F 204 2.24 8.32 -11.96
N MET F 205 1.09 7.63 -12.15
CA MET F 205 -0.05 8.11 -12.93
C MET F 205 -0.71 9.35 -12.31
N LYS F 206 -0.66 9.46 -10.97
CA LYS F 206 -1.20 10.59 -10.23
C LYS F 206 -0.36 11.83 -10.51
N LYS F 207 0.98 11.72 -10.38
CA LYS F 207 1.93 12.81 -10.64
C LYS F 207 2.01 13.22 -12.11
N ARG F 208 1.72 12.27 -13.04
CA ARG F 208 1.74 12.48 -14.49
C ARG F 208 0.53 13.30 -14.97
N THR F 209 -0.66 13.05 -14.38
CA THR F 209 -1.93 13.69 -14.75
C THR F 209 -2.39 14.77 -13.76
N ASN F 210 -1.56 15.06 -12.72
CA ASN F 210 -1.81 16.03 -11.64
C ASN F 210 -3.05 15.64 -10.79
N GLY F 211 -3.05 14.39 -10.33
CA GLY F 211 -4.11 13.80 -9.51
C GLY F 211 -5.43 13.57 -10.21
N ALA F 212 -5.40 13.43 -11.55
CA ALA F 212 -6.61 13.20 -12.35
C ALA F 212 -6.92 11.73 -12.57
N ASP F 213 -5.87 10.89 -12.79
CA ASP F 213 -6.01 9.44 -13.04
C ASP F 213 -5.21 8.62 -12.02
N ASP F 214 -5.83 7.55 -11.50
CA ASP F 214 -5.28 6.65 -10.48
C ASP F 214 -4.92 5.25 -11.04
N ARG F 215 -4.98 5.09 -12.38
CA ARG F 215 -4.69 3.86 -13.11
C ARG F 215 -3.39 3.17 -12.71
N ASN F 216 -3.49 1.95 -12.15
CA ASN F 216 -2.33 1.15 -11.79
C ASN F 216 -1.96 0.26 -12.99
N TRP F 217 -0.88 -0.53 -12.85
CA TRP F 217 -0.40 -1.41 -13.91
C TRP F 217 -1.34 -2.58 -14.24
N SER F 218 -1.78 -3.35 -13.21
CA SER F 218 -2.65 -4.51 -13.38
C SER F 218 -3.98 -4.19 -14.04
N GLN F 219 -4.58 -3.03 -13.68
CA GLN F 219 -5.85 -2.54 -14.25
C GLN F 219 -5.75 -2.31 -15.76
N THR F 220 -4.68 -1.61 -16.21
CA THR F 220 -4.42 -1.28 -17.62
C THR F 220 -4.19 -2.55 -18.44
N VAL F 221 -3.33 -3.45 -17.92
CA VAL F 221 -2.97 -4.71 -18.54
C VAL F 221 -4.18 -5.63 -18.72
N SER F 222 -4.88 -5.97 -17.61
CA SER F 222 -6.06 -6.85 -17.58
C SER F 222 -7.24 -6.42 -18.47
N ALA F 223 -7.41 -5.09 -18.68
CA ALA F 223 -8.47 -4.51 -19.50
C ALA F 223 -8.27 -4.83 -21.00
N ILE F 224 -7.02 -4.81 -21.49
CA ILE F 224 -6.66 -5.10 -22.88
C ILE F 224 -6.60 -6.62 -23.09
N TYR F 225 -5.95 -7.33 -22.14
CA TYR F 225 -5.76 -8.77 -22.19
C TYR F 225 -7.01 -9.59 -21.80
N LYS F 226 -8.13 -8.88 -21.55
CA LYS F 226 -9.45 -9.43 -21.22
C LYS F 226 -9.99 -10.25 -22.39
N THR F 227 -9.58 -9.87 -23.62
CA THR F 227 -10.01 -10.49 -24.88
C THR F 227 -8.90 -10.60 -25.93
N ILE F 228 -9.18 -11.30 -27.05
CA ILE F 228 -8.30 -11.45 -28.21
C ILE F 228 -8.54 -10.18 -29.03
N TYR F 229 -7.77 -9.12 -28.74
CA TYR F 229 -7.91 -7.81 -29.38
C TYR F 229 -7.60 -7.78 -30.87
N TYR F 230 -6.61 -8.60 -31.32
CA TYR F 230 -6.24 -8.68 -32.74
C TYR F 230 -6.61 -10.07 -33.30
N PRO F 231 -7.82 -10.19 -33.89
CA PRO F 231 -8.27 -11.49 -34.40
C PRO F 231 -7.65 -11.94 -35.73
N GLU F 232 -7.27 -10.97 -36.59
CA GLU F 232 -6.71 -11.21 -37.93
C GLU F 232 -5.25 -11.69 -37.94
N VAL F 233 -4.68 -12.11 -36.77
CA VAL F 233 -3.30 -12.59 -36.66
C VAL F 233 -3.06 -13.89 -37.45
N ARG F 234 -3.87 -14.95 -37.19
CA ARG F 234 -3.75 -16.23 -37.90
C ARG F 234 -4.08 -16.07 -39.39
N ALA F 235 -5.10 -15.25 -39.70
CA ALA F 235 -5.54 -14.94 -41.07
C ALA F 235 -4.41 -14.30 -41.89
N MET F 236 -3.56 -13.47 -41.24
CA MET F 236 -2.41 -12.80 -41.84
C MET F 236 -1.32 -13.82 -42.22
N LEU F 237 -0.94 -14.71 -41.28
CA LEU F 237 0.09 -15.74 -41.47
C LEU F 237 -0.34 -16.77 -42.53
N GLU F 238 -1.63 -17.17 -42.49
CA GLU F 238 -2.19 -18.12 -43.45
C GLU F 238 -2.29 -17.54 -44.87
N LYS F 239 -2.47 -16.20 -45.00
CA LYS F 239 -2.53 -15.50 -46.28
C LYS F 239 -1.13 -15.42 -46.91
N GLN F 240 -0.09 -15.25 -46.07
CA GLN F 240 1.31 -15.16 -46.48
C GLN F 240 2.00 -16.52 -46.74
N GLY F 241 1.25 -17.61 -46.67
CA GLY F 241 1.75 -18.96 -46.95
C GLY F 241 2.29 -19.75 -45.78
N PHE F 242 2.06 -19.27 -44.54
CA PHE F 242 2.53 -19.96 -43.33
C PHE F 242 1.51 -20.96 -42.84
N LYS F 243 1.99 -22.18 -42.54
CA LYS F 243 1.18 -23.26 -42.04
C LYS F 243 1.56 -23.64 -40.62
N PHE F 244 0.57 -24.21 -39.92
CA PHE F 244 0.51 -24.62 -38.53
C PHE F 244 0.95 -26.05 -38.32
N GLU F 245 1.52 -26.33 -37.14
CA GLU F 245 1.98 -27.67 -36.77
C GLU F 245 0.82 -28.58 -36.32
N LYS F 246 1.13 -29.86 -36.01
CA LYS F 246 0.17 -30.86 -35.56
C LYS F 246 0.88 -31.94 -34.74
N MET G 1 -30.40 -6.95 35.40
CA MET G 1 -30.38 -7.44 34.02
C MET G 1 -29.74 -6.43 33.06
N ASN G 2 -28.86 -6.91 32.16
CA ASN G 2 -28.20 -6.10 31.14
C ASN G 2 -29.17 -5.68 30.02
N GLU G 3 -28.77 -4.71 29.17
CA GLU G 3 -29.54 -4.14 28.06
C GLU G 3 -30.03 -5.19 27.06
N ALA G 4 -29.21 -6.23 26.76
CA ALA G 4 -29.56 -7.31 25.84
C ALA G 4 -30.72 -8.15 26.41
N ILE G 5 -30.62 -8.54 27.70
CA ILE G 5 -31.66 -9.31 28.40
C ILE G 5 -32.92 -8.47 28.59
N ARG G 6 -32.76 -7.17 28.94
CA ARG G 6 -33.88 -6.23 29.11
C ARG G 6 -34.65 -6.00 27.80
N THR G 7 -33.97 -5.98 26.63
CA THR G 7 -34.59 -5.82 25.30
C THR G 7 -35.49 -7.02 25.04
N ILE G 8 -34.99 -8.25 25.30
CA ILE G 8 -35.77 -9.49 25.09
C ILE G 8 -36.89 -9.63 26.13
N GLN G 9 -36.58 -9.45 27.44
CA GLN G 9 -37.57 -9.59 28.54
C GLN G 9 -38.74 -8.62 28.44
N ASP G 10 -38.50 -7.36 27.99
CA ASP G 10 -39.52 -6.32 27.85
C ASP G 10 -40.22 -6.29 26.47
N HIS G 11 -40.21 -7.42 25.76
CA HIS G 11 -40.81 -7.53 24.43
C HIS G 11 -42.34 -7.44 24.40
N ARG G 12 -42.84 -6.73 23.39
CA ARG G 12 -44.24 -6.61 23.02
C ARG G 12 -44.33 -6.22 21.55
N SER G 13 -45.31 -6.81 20.83
CA SER G 13 -45.52 -6.52 19.41
C SER G 13 -46.32 -5.25 19.29
N ILE G 14 -45.88 -4.37 18.37
CA ILE G 14 -46.53 -3.08 18.14
C ILE G 14 -47.37 -3.16 16.85
N ARG G 15 -48.65 -2.74 16.92
CA ARG G 15 -49.57 -2.73 15.79
C ARG G 15 -50.13 -1.33 15.52
N GLN G 16 -49.60 -0.32 16.23
CA GLN G 16 -49.97 1.10 16.08
C GLN G 16 -48.70 1.91 15.82
N TYR G 17 -48.58 2.45 14.59
CA TYR G 17 -47.41 3.18 14.11
C TYR G 17 -47.67 4.62 13.70
N THR G 18 -46.58 5.42 13.63
CA THR G 18 -46.57 6.81 13.21
C THR G 18 -46.13 6.91 11.73
N ASP G 19 -46.32 8.08 11.11
CA ASP G 19 -45.95 8.36 9.72
C ASP G 19 -44.42 8.42 9.54
N GLU G 20 -43.68 8.57 10.67
CA GLU G 20 -42.22 8.66 10.75
C GLU G 20 -41.53 7.46 10.07
N ALA G 21 -40.71 7.78 9.06
CA ALA G 21 -39.98 6.81 8.27
C ALA G 21 -38.79 6.24 9.02
N VAL G 22 -38.47 4.95 8.76
CA VAL G 22 -37.32 4.26 9.34
C VAL G 22 -36.10 4.68 8.51
N SER G 23 -35.09 5.28 9.16
CA SER G 23 -33.87 5.74 8.51
C SER G 23 -33.06 4.60 7.88
N ASP G 24 -32.16 4.95 6.93
CA ASP G 24 -31.28 3.99 6.28
C ASP G 24 -30.26 3.46 7.27
N GLU G 25 -29.81 4.30 8.23
CA GLU G 25 -28.88 3.94 9.30
C GLU G 25 -29.50 2.87 10.20
N HIS G 26 -30.83 2.98 10.48
CA HIS G 26 -31.57 2.02 11.30
C HIS G 26 -31.77 0.70 10.54
N LEU G 27 -32.14 0.78 9.23
CA LEU G 27 -32.35 -0.37 8.36
C LEU G 27 -31.07 -1.20 8.22
N ASP G 28 -29.93 -0.53 7.92
CA ASP G 28 -28.62 -1.17 7.78
C ASP G 28 -28.18 -1.89 9.05
N THR G 29 -28.49 -1.32 10.24
CA THR G 29 -28.17 -1.91 11.55
C THR G 29 -29.02 -3.17 11.79
N ILE G 30 -30.33 -3.14 11.45
CA ILE G 30 -31.25 -4.26 11.60
C ILE G 30 -30.78 -5.41 10.69
N ILE G 31 -30.43 -5.10 9.42
CA ILE G 31 -29.93 -6.07 8.42
C ILE G 31 -28.60 -6.68 8.87
N GLN G 32 -27.60 -5.84 9.24
CA GLN G 32 -26.28 -6.27 9.70
C GLN G 32 -26.35 -7.17 10.93
N SER G 33 -27.30 -6.89 11.85
CA SER G 33 -27.52 -7.70 13.06
C SER G 33 -28.14 -9.06 12.68
N ALA G 34 -29.08 -9.08 11.73
CA ALA G 34 -29.72 -10.30 11.26
C ALA G 34 -28.68 -11.22 10.58
N GLN G 35 -27.77 -10.63 9.77
CA GLN G 35 -26.69 -11.36 9.09
C GLN G 35 -25.67 -11.88 10.09
N SER G 36 -25.44 -11.14 11.19
CA SER G 36 -24.51 -11.48 12.28
C SER G 36 -24.91 -12.72 13.07
N ALA G 37 -26.17 -13.16 12.98
CA ALA G 37 -26.67 -14.34 13.67
C ALA G 37 -26.14 -15.65 13.03
N ALA G 38 -26.21 -16.77 13.77
CA ALA G 38 -25.76 -18.09 13.30
C ALA G 38 -26.64 -18.65 12.17
N SER G 39 -26.05 -19.47 11.27
CA SER G 39 -26.77 -20.12 10.16
C SER G 39 -26.22 -21.52 9.93
N SER G 40 -27.10 -22.51 9.66
CA SER G 40 -26.70 -23.92 9.42
C SER G 40 -25.63 -23.98 8.35
N ILE G 41 -24.44 -24.59 8.70
CA ILE G 41 -23.23 -24.77 7.86
C ILE G 41 -22.68 -23.46 7.22
N ASN G 42 -23.01 -22.29 7.84
CA ASN G 42 -22.69 -20.93 7.38
C ASN G 42 -23.18 -20.68 5.94
N GLY G 43 -24.29 -21.35 5.60
CA GLY G 43 -24.92 -21.28 4.29
C GLY G 43 -25.75 -20.05 4.10
N GLN G 44 -26.14 -19.40 5.24
CA GLN G 44 -26.92 -18.18 5.29
C GLN G 44 -28.16 -18.27 4.38
N GLN G 45 -29.06 -19.23 4.71
CA GLN G 45 -30.28 -19.54 3.95
C GLN G 45 -31.47 -18.63 4.25
N VAL G 46 -31.22 -17.31 4.39
CA VAL G 46 -32.24 -16.27 4.66
C VAL G 46 -32.01 -15.11 3.71
N THR G 47 -33.06 -14.72 3.00
CA THR G 47 -33.07 -13.56 2.12
C THR G 47 -34.07 -12.57 2.66
N ILE G 48 -33.66 -11.30 2.80
CA ILE G 48 -34.49 -10.24 3.36
C ILE G 48 -34.88 -9.18 2.31
N ILE G 49 -36.19 -9.05 2.09
CA ILE G 49 -36.75 -8.08 1.14
C ILE G 49 -37.35 -6.89 1.89
N SER G 50 -36.85 -5.67 1.62
CA SER G 50 -37.34 -4.45 2.25
C SER G 50 -38.37 -3.80 1.38
N VAL G 51 -39.61 -3.71 1.88
CA VAL G 51 -40.68 -3.04 1.14
C VAL G 51 -41.02 -1.73 1.86
N GLN G 52 -40.76 -0.61 1.18
CA GLN G 52 -40.99 0.76 1.66
C GLN G 52 -42.03 1.49 0.83
N ASP G 53 -42.22 1.07 -0.44
CA ASP G 53 -43.20 1.64 -1.37
C ASP G 53 -44.62 1.27 -0.91
N LYS G 54 -45.42 2.30 -0.56
CA LYS G 54 -46.80 2.24 -0.05
C LYS G 54 -47.73 1.33 -0.85
N GLU G 55 -47.70 1.43 -2.20
CA GLU G 55 -48.54 0.64 -3.12
C GLU G 55 -48.25 -0.86 -3.04
N LYS G 56 -46.95 -1.25 -3.08
CA LYS G 56 -46.53 -2.65 -2.99
C LYS G 56 -46.85 -3.17 -1.58
N LYS G 57 -46.48 -2.39 -0.54
CA LYS G 57 -46.70 -2.68 0.88
C LYS G 57 -48.20 -2.84 1.19
N LYS G 58 -49.08 -2.13 0.45
CA LYS G 58 -50.53 -2.22 0.60
C LYS G 58 -51.01 -3.56 0.06
N LYS G 59 -50.44 -4.03 -1.07
CA LYS G 59 -50.78 -5.32 -1.67
C LYS G 59 -50.42 -6.47 -0.75
N LEU G 60 -49.21 -6.43 -0.14
CA LEU G 60 -48.76 -7.43 0.83
C LEU G 60 -49.68 -7.46 2.06
N SER G 61 -50.05 -6.25 2.56
CA SER G 61 -50.97 -6.02 3.68
C SER G 61 -52.30 -6.77 3.50
N GLU G 62 -52.93 -6.62 2.30
CA GLU G 62 -54.19 -7.27 1.91
C GLU G 62 -54.01 -8.78 1.81
N LEU G 63 -52.93 -9.25 1.17
CA LEU G 63 -52.61 -10.67 1.00
C LEU G 63 -52.38 -11.39 2.33
N ALA G 64 -51.90 -10.65 3.36
CA ALA G 64 -51.65 -11.18 4.71
C ALA G 64 -52.91 -11.22 5.59
N GLY G 65 -54.05 -10.81 5.02
CA GLY G 65 -55.34 -10.82 5.67
C GLY G 65 -55.83 -9.45 6.13
N ASN G 66 -55.56 -8.42 5.31
CA ASN G 66 -55.92 -7.02 5.56
C ASN G 66 -55.46 -6.48 6.93
N GLN G 67 -54.18 -6.74 7.25
CA GLN G 67 -53.54 -6.30 8.50
C GLN G 67 -53.09 -4.85 8.33
N ALA G 68 -53.87 -3.92 8.92
CA ALA G 68 -53.70 -2.46 8.85
C ALA G 68 -52.30 -1.95 9.18
N TRP G 69 -51.66 -2.52 10.21
CA TRP G 69 -50.31 -2.17 10.67
C TRP G 69 -49.22 -2.27 9.61
N ILE G 70 -49.42 -3.14 8.58
CA ILE G 70 -48.49 -3.32 7.45
C ILE G 70 -48.47 -2.07 6.56
N ASP G 71 -49.65 -1.52 6.22
CA ASP G 71 -49.75 -0.31 5.40
C ASP G 71 -49.44 0.93 6.23
N GLN G 72 -49.66 0.87 7.56
CA GLN G 72 -49.39 1.96 8.50
C GLN G 72 -47.88 2.19 8.66
N ALA G 73 -47.12 1.13 8.98
CA ALA G 73 -45.67 1.19 9.17
C ALA G 73 -44.94 1.56 7.87
N PRO G 74 -43.80 2.31 7.93
CA PRO G 74 -43.12 2.73 6.68
C PRO G 74 -42.30 1.64 6.00
N LEU G 75 -41.95 0.58 6.74
CA LEU G 75 -41.13 -0.52 6.27
C LEU G 75 -41.75 -1.90 6.59
N PHE G 76 -41.66 -2.82 5.62
CA PHE G 76 -42.11 -4.20 5.75
C PHE G 76 -41.00 -5.10 5.27
N LEU G 77 -40.37 -5.80 6.23
CA LEU G 77 -39.29 -6.73 5.96
C LEU G 77 -39.88 -8.12 5.69
N ILE G 78 -39.34 -8.84 4.70
CA ILE G 78 -39.82 -10.19 4.40
C ILE G 78 -38.66 -11.17 4.40
N PHE G 79 -38.70 -12.12 5.37
CA PHE G 79 -37.71 -13.17 5.56
C PHE G 79 -38.09 -14.38 4.74
N CYS G 80 -37.26 -14.69 3.73
CA CYS G 80 -37.45 -15.80 2.80
C CYS G 80 -36.36 -16.84 2.95
N ALA G 81 -36.74 -18.13 2.92
CA ALA G 81 -35.77 -19.23 2.96
C ALA G 81 -35.14 -19.28 1.58
N ASP G 82 -33.81 -19.13 1.49
CA ASP G 82 -33.12 -19.07 0.22
C ASP G 82 -32.10 -20.17 -0.03
N PHE G 83 -32.36 -20.99 -1.07
CA PHE G 83 -31.49 -22.06 -1.53
C PHE G 83 -31.08 -21.77 -2.99
N ASN G 84 -31.35 -20.53 -3.47
CA ASN G 84 -30.94 -20.07 -4.80
C ASN G 84 -29.44 -19.76 -4.78
N ARG G 85 -28.93 -19.27 -3.63
CA ARG G 85 -27.49 -19.02 -3.43
C ARG G 85 -26.76 -20.36 -3.42
N ALA G 86 -27.38 -21.39 -2.78
CA ALA G 86 -26.87 -22.77 -2.72
C ALA G 86 -26.84 -23.38 -4.11
N LYS G 87 -27.81 -22.97 -4.98
CA LYS G 87 -27.92 -23.39 -6.37
C LYS G 87 -26.80 -22.74 -7.20
N ILE G 88 -26.53 -21.42 -6.99
CA ILE G 88 -25.44 -20.71 -7.67
C ILE G 88 -24.10 -21.33 -7.22
N ALA G 89 -23.96 -21.61 -5.89
CA ALA G 89 -22.77 -22.23 -5.29
C ALA G 89 -22.47 -23.60 -5.92
N ALA G 90 -23.52 -24.43 -6.10
CA ALA G 90 -23.44 -25.75 -6.71
C ALA G 90 -23.05 -25.65 -8.19
N GLU G 91 -23.57 -24.63 -8.90
CA GLU G 91 -23.29 -24.38 -10.32
C GLU G 91 -21.83 -23.95 -10.52
N LEU G 92 -21.30 -23.14 -9.58
CA LEU G 92 -19.92 -22.65 -9.59
C LEU G 92 -18.90 -23.77 -9.38
N ASN G 93 -19.30 -24.86 -8.68
CA ASN G 93 -18.44 -26.00 -8.37
C ASN G 93 -18.83 -27.29 -9.12
N ASP G 94 -19.64 -27.16 -10.20
CA ASP G 94 -20.11 -28.26 -11.05
C ASP G 94 -20.65 -29.43 -10.21
N ALA G 95 -21.51 -29.10 -9.24
CA ALA G 95 -22.11 -30.04 -8.28
C ALA G 95 -23.64 -30.00 -8.32
N PRO G 96 -24.35 -31.12 -8.05
CA PRO G 96 -25.81 -31.07 -8.04
C PRO G 96 -26.39 -30.50 -6.74
N LEU G 97 -27.66 -30.04 -6.76
CA LEU G 97 -28.34 -29.54 -5.56
C LEU G 97 -29.37 -30.59 -5.16
N GLY G 98 -28.99 -31.45 -4.20
CA GLY G 98 -29.78 -32.57 -3.73
C GLY G 98 -30.69 -32.28 -2.55
N VAL G 99 -30.23 -31.42 -1.61
CA VAL G 99 -30.96 -31.05 -0.37
C VAL G 99 -32.43 -30.62 -0.57
N THR G 100 -32.72 -29.87 -1.66
CA THR G 100 -34.05 -29.35 -2.02
C THR G 100 -35.09 -30.45 -2.36
N ASP G 101 -34.63 -31.72 -2.53
CA ASP G 101 -35.47 -32.88 -2.79
C ASP G 101 -35.89 -33.60 -1.49
N GLY G 102 -35.39 -33.13 -0.35
CA GLY G 102 -35.72 -33.62 0.98
C GLY G 102 -36.41 -32.57 1.82
N LEU G 103 -36.99 -32.97 2.98
CA LEU G 103 -37.68 -32.10 3.94
C LEU G 103 -36.72 -31.34 4.85
N GLU G 104 -35.42 -31.73 4.85
CA GLU G 104 -34.37 -31.09 5.63
C GLU G 104 -34.16 -29.65 5.16
N SER G 105 -34.17 -29.41 3.82
CA SER G 105 -34.05 -28.08 3.22
C SER G 105 -35.14 -27.13 3.71
N ILE G 106 -36.36 -27.66 3.95
CA ILE G 106 -37.49 -26.92 4.47
C ILE G 106 -37.22 -26.58 5.94
N LEU G 107 -36.77 -27.58 6.74
CA LEU G 107 -36.46 -27.36 8.15
C LEU G 107 -35.29 -26.40 8.38
N VAL G 108 -34.24 -26.46 7.54
CA VAL G 108 -33.07 -25.58 7.59
C VAL G 108 -33.50 -24.12 7.28
N GLY G 109 -34.19 -23.94 6.17
CA GLY G 109 -34.68 -22.65 5.69
C GLY G 109 -35.61 -21.92 6.63
N ALA G 110 -36.55 -22.65 7.25
CA ALA G 110 -37.52 -22.11 8.22
C ALA G 110 -36.87 -21.78 9.58
N THR G 111 -35.97 -22.67 10.07
CA THR G 111 -35.26 -22.45 11.33
C THR G 111 -34.33 -21.24 11.24
N ASP G 112 -33.61 -21.12 10.10
CA ASP G 112 -32.68 -20.02 9.83
C ASP G 112 -33.38 -18.66 9.73
N ALA G 113 -34.59 -18.64 9.13
CA ALA G 113 -35.41 -17.43 8.98
C ALA G 113 -35.95 -16.94 10.33
N GLY G 114 -36.19 -17.87 11.26
CA GLY G 114 -36.66 -17.59 12.61
C GLY G 114 -35.54 -16.96 13.43
N ILE G 115 -34.29 -17.42 13.21
CA ILE G 115 -33.07 -16.92 13.84
C ILE G 115 -32.83 -15.45 13.40
N SER G 116 -32.88 -15.22 12.06
CA SER G 116 -32.69 -13.91 11.43
C SER G 116 -33.75 -12.87 11.84
N LEU G 117 -35.04 -13.30 11.98
CA LEU G 117 -36.17 -12.45 12.38
C LEU G 117 -36.01 -11.99 13.81
N GLU G 118 -35.61 -12.90 14.74
CA GLU G 118 -35.39 -12.58 16.15
C GLU G 118 -34.21 -11.61 16.33
N ALA G 119 -33.10 -11.81 15.56
CA ALA G 119 -31.92 -10.94 15.58
C ALA G 119 -32.29 -9.54 15.06
N ALA G 120 -33.16 -9.48 14.03
CA ALA G 120 -33.66 -8.22 13.45
C ALA G 120 -34.62 -7.54 14.44
N THR G 121 -35.42 -8.35 15.19
CA THR G 121 -36.35 -7.89 16.24
C THR G 121 -35.58 -7.25 17.41
N VAL G 122 -34.62 -7.99 18.03
CA VAL G 122 -33.82 -7.46 19.16
C VAL G 122 -33.01 -6.21 18.82
N ALA G 123 -32.54 -6.07 17.56
CA ALA G 123 -31.80 -4.92 17.07
C ALA G 123 -32.75 -3.72 16.90
N ALA G 124 -33.88 -3.90 16.20
CA ALA G 124 -34.88 -2.86 15.96
C ALA G 124 -35.50 -2.33 17.26
N GLU G 125 -35.86 -3.24 18.18
CA GLU G 125 -36.48 -2.89 19.47
C GLU G 125 -35.53 -2.16 20.42
N SER G 126 -34.22 -2.45 20.33
CA SER G 126 -33.21 -1.77 21.16
C SER G 126 -32.95 -0.34 20.66
N LEU G 127 -33.25 -0.08 19.36
CA LEU G 127 -33.12 1.24 18.72
C LEU G 127 -34.31 2.16 19.06
N GLY G 128 -35.35 1.57 19.67
CA GLY G 128 -36.56 2.28 20.07
C GLY G 128 -37.77 1.97 19.21
N LEU G 129 -37.56 1.27 18.08
CA LEU G 129 -38.60 0.91 17.12
C LEU G 129 -39.52 -0.20 17.67
N GLY G 130 -40.65 -0.38 16.99
CA GLY G 130 -41.63 -1.40 17.32
C GLY G 130 -41.75 -2.39 16.18
N THR G 131 -41.90 -3.68 16.50
CA THR G 131 -42.02 -4.75 15.49
C THR G 131 -43.20 -5.67 15.74
N VAL G 132 -43.60 -6.41 14.70
CA VAL G 132 -44.65 -7.44 14.71
C VAL G 132 -44.37 -8.39 13.52
N PRO G 133 -44.07 -9.70 13.78
CA PRO G 133 -43.83 -10.62 12.66
C PRO G 133 -45.14 -10.86 11.92
N ILE G 134 -45.06 -11.21 10.64
CA ILE G 134 -46.27 -11.43 9.84
C ILE G 134 -46.18 -12.81 9.22
N GLY G 135 -46.79 -13.79 9.92
CA GLY G 135 -46.87 -15.17 9.47
C GLY G 135 -47.94 -15.33 8.39
N GLY G 136 -48.76 -14.29 8.23
CA GLY G 136 -49.83 -14.17 7.25
C GLY G 136 -49.34 -14.13 5.82
N ILE G 137 -48.01 -14.03 5.63
CA ILE G 137 -47.36 -14.05 4.32
C ILE G 137 -47.62 -15.42 3.60
N ARG G 138 -48.04 -16.43 4.38
CA ARG G 138 -48.39 -17.78 3.94
C ARG G 138 -49.89 -17.96 3.66
N ARG G 139 -50.68 -16.86 3.68
CA ARG G 139 -52.13 -16.89 3.38
C ARG G 139 -52.34 -17.11 1.88
N LYS G 140 -51.71 -16.26 1.04
CA LYS G 140 -51.71 -16.35 -0.42
C LYS G 140 -50.24 -16.32 -0.85
N PRO G 141 -49.49 -17.45 -0.62
CA PRO G 141 -48.04 -17.45 -0.89
C PRO G 141 -47.61 -17.37 -2.34
N LEU G 142 -48.46 -17.85 -3.26
CA LEU G 142 -48.17 -17.85 -4.70
C LEU G 142 -48.22 -16.43 -5.27
N GLU G 143 -49.09 -15.58 -4.71
CA GLU G 143 -49.19 -14.17 -5.11
C GLU G 143 -48.00 -13.37 -4.54
N VAL G 144 -47.47 -13.79 -3.38
CA VAL G 144 -46.32 -13.18 -2.71
C VAL G 144 -45.07 -13.39 -3.58
N ILE G 145 -44.85 -14.64 -4.06
CA ILE G 145 -43.76 -15.02 -4.94
C ILE G 145 -43.78 -14.15 -6.21
N GLU G 146 -44.97 -14.00 -6.85
CA GLU G 146 -45.19 -13.19 -8.06
C GLU G 146 -44.82 -11.72 -7.82
N LEU G 147 -45.32 -11.13 -6.70
CA LEU G 147 -45.09 -9.74 -6.27
C LEU G 147 -43.63 -9.43 -6.00
N LEU G 148 -42.96 -10.25 -5.16
CA LEU G 148 -41.55 -10.08 -4.76
C LEU G 148 -40.57 -10.66 -5.78
N ASP G 149 -41.06 -11.24 -6.91
CA ASP G 149 -40.26 -11.83 -7.99
C ASP G 149 -39.28 -12.90 -7.45
N LEU G 150 -39.79 -13.79 -6.58
CA LEU G 150 -38.98 -14.86 -5.97
C LEU G 150 -38.67 -15.97 -6.97
N PRO G 151 -37.38 -16.34 -7.15
CA PRO G 151 -37.05 -17.40 -8.10
C PRO G 151 -37.10 -18.79 -7.47
N GLU G 152 -36.80 -19.84 -8.27
CA GLU G 152 -36.77 -21.23 -7.83
C GLU G 152 -35.81 -21.39 -6.63
N TYR G 153 -36.27 -22.17 -5.63
CA TYR G 153 -35.59 -22.51 -4.37
C TYR G 153 -35.61 -21.40 -3.30
N VAL G 154 -36.59 -20.47 -3.42
CA VAL G 154 -36.83 -19.34 -2.49
C VAL G 154 -38.30 -19.37 -2.07
N PHE G 155 -38.58 -19.41 -0.77
CA PHE G 155 -39.97 -19.39 -0.31
C PHE G 155 -40.21 -18.44 0.87
N PRO G 156 -41.32 -17.65 0.88
CA PRO G 156 -41.54 -16.72 2.00
C PRO G 156 -41.86 -17.42 3.32
N VAL G 157 -41.13 -17.06 4.38
CA VAL G 157 -41.30 -17.67 5.71
C VAL G 157 -42.18 -16.78 6.59
N SER G 158 -41.73 -15.57 6.90
CA SER G 158 -42.44 -14.61 7.74
C SER G 158 -42.02 -13.18 7.42
N GLY G 159 -42.96 -12.27 7.56
CA GLY G 159 -42.74 -10.84 7.38
C GLY G 159 -42.39 -10.24 8.71
N LEU G 160 -42.00 -8.96 8.70
CA LEU G 160 -41.65 -8.22 9.89
C LEU G 160 -41.99 -6.74 9.67
N VAL G 161 -42.94 -6.24 10.44
CA VAL G 161 -43.35 -4.83 10.36
C VAL G 161 -42.41 -4.03 11.27
N VAL G 162 -41.72 -3.03 10.69
CA VAL G 162 -40.78 -2.17 11.43
C VAL G 162 -41.21 -0.72 11.23
N GLY G 163 -41.31 0.02 12.34
CA GLY G 163 -41.70 1.43 12.34
C GLY G 163 -41.60 2.08 13.69
N HIS G 164 -41.92 3.38 13.74
CA HIS G 164 -41.90 4.16 14.99
C HIS G 164 -43.27 4.04 15.68
N PRO G 165 -43.31 3.48 16.92
CA PRO G 165 -44.63 3.29 17.58
C PRO G 165 -45.38 4.56 17.98
N SER G 166 -46.72 4.46 18.08
CA SER G 166 -47.61 5.54 18.51
C SER G 166 -48.21 5.21 19.89
N ASP G 167 -47.89 4.00 20.42
CA ASP G 167 -48.32 3.48 21.72
C ASP G 167 -47.37 2.34 22.14
N HIS G 168 -47.04 2.27 23.45
CA HIS G 168 -46.15 1.26 24.06
C HIS G 168 -46.82 -0.11 24.29
N SER G 169 -48.17 -0.17 24.22
CA SER G 169 -49.00 -1.37 24.42
C SER G 169 -48.73 -2.08 25.77
N ALA G 170 -48.85 -3.40 25.84
CA ALA G 170 -48.61 -4.19 27.04
C ALA G 170 -48.04 -5.57 26.73
N LYS G 171 -47.27 -6.10 27.68
CA LYS G 171 -46.65 -7.42 27.60
C LYS G 171 -47.71 -8.51 27.74
N LYS G 172 -47.79 -9.43 26.77
CA LYS G 172 -48.71 -10.57 26.80
C LYS G 172 -48.09 -11.63 27.72
N PRO G 173 -48.80 -12.11 28.78
CA PRO G 173 -48.21 -13.14 29.66
C PRO G 173 -47.86 -14.43 28.93
N ARG G 174 -46.77 -15.09 29.32
CA ARG G 174 -46.31 -16.34 28.69
C ARG G 174 -46.59 -17.55 29.59
N LEU G 175 -46.57 -18.76 29.00
CA LEU G 175 -46.80 -20.03 29.69
C LEU G 175 -45.87 -20.22 30.89
N PRO G 176 -46.32 -20.92 31.98
CA PRO G 176 -45.42 -21.14 33.12
C PRO G 176 -44.12 -21.84 32.69
N GLN G 177 -42.98 -21.44 33.30
CA GLN G 177 -41.66 -21.99 32.94
C GLN G 177 -41.64 -23.52 32.91
N ALA G 178 -42.27 -24.18 33.90
CA ALA G 178 -42.35 -25.64 34.01
C ALA G 178 -43.01 -26.32 32.80
N ALA G 179 -43.93 -25.61 32.11
CA ALA G 179 -44.65 -26.09 30.93
C ALA G 179 -43.81 -26.06 29.64
N VAL G 180 -42.89 -25.09 29.51
CA VAL G 180 -42.02 -24.91 28.36
C VAL G 180 -40.62 -25.56 28.60
N HIS G 181 -40.05 -25.36 29.80
CA HIS G 181 -38.74 -25.92 30.18
C HIS G 181 -38.89 -27.26 30.92
N HIS G 182 -38.49 -28.36 30.25
CA HIS G 182 -38.53 -29.72 30.79
C HIS G 182 -37.10 -30.21 31.00
N ARG G 183 -36.76 -30.56 32.24
CA ARG G 183 -35.43 -31.02 32.65
C ARG G 183 -35.19 -32.50 32.30
N GLU G 184 -34.07 -32.78 31.60
CA GLU G 184 -33.59 -34.10 31.15
C GLU G 184 -34.45 -34.79 30.09
N SER G 185 -35.74 -35.00 30.38
CA SER G 185 -36.72 -35.62 29.48
C SER G 185 -38.00 -34.79 29.41
N TYR G 186 -38.91 -35.10 28.46
CA TYR G 186 -40.18 -34.40 28.28
C TYR G 186 -41.11 -34.65 29.48
N ASN G 187 -41.76 -33.57 29.97
CA ASN G 187 -42.75 -33.66 31.06
C ASN G 187 -44.15 -33.72 30.44
N HIS G 188 -44.84 -34.86 30.62
CA HIS G 188 -46.17 -35.09 30.05
C HIS G 188 -47.35 -34.48 30.82
N ASP G 189 -47.14 -34.09 32.09
CA ASP G 189 -48.16 -33.49 32.96
C ASP G 189 -48.19 -31.97 32.74
N LEU G 190 -48.92 -31.54 31.68
CA LEU G 190 -49.02 -30.11 31.34
C LEU G 190 -50.46 -29.54 31.36
N LYS G 191 -51.47 -30.40 31.52
CA LYS G 191 -52.89 -30.00 31.54
C LYS G 191 -53.20 -29.00 32.66
N SER G 192 -52.77 -29.29 33.89
CA SER G 192 -52.98 -28.43 35.07
C SER G 192 -52.30 -27.08 34.91
N LEU G 193 -51.10 -27.06 34.28
CA LEU G 193 -50.32 -25.86 34.01
C LEU G 193 -51.00 -24.96 32.97
N ILE G 194 -51.64 -25.57 31.96
CA ILE G 194 -52.39 -24.86 30.92
C ILE G 194 -53.65 -24.25 31.53
N GLN G 195 -54.35 -25.03 32.39
CA GLN G 195 -55.56 -24.60 33.10
C GLN G 195 -55.30 -23.36 33.98
N ASP G 196 -54.16 -23.34 34.69
CA ASP G 196 -53.76 -22.21 35.53
C ASP G 196 -53.41 -20.97 34.68
N TYR G 197 -52.79 -21.22 33.51
CA TYR G 197 -52.41 -20.19 32.55
C TYR G 197 -53.63 -19.54 31.91
N ASP G 198 -54.68 -20.35 31.66
CA ASP G 198 -55.96 -19.90 31.08
C ASP G 198 -56.66 -18.93 32.02
N ALA G 199 -56.56 -19.17 33.35
CA ALA G 199 -57.13 -18.33 34.41
C ALA G 199 -56.46 -16.97 34.43
N GLU G 200 -55.12 -16.95 34.25
CA GLU G 200 -54.29 -15.75 34.21
C GLU G 200 -54.53 -14.98 32.90
N MET G 201 -54.75 -15.71 31.77
CA MET G 201 -55.00 -15.15 30.44
C MET G 201 -56.42 -14.58 30.26
N ALA G 202 -57.41 -15.12 31.01
CA ALA G 202 -58.80 -14.65 30.97
C ALA G 202 -58.87 -13.32 31.73
N GLU G 203 -58.08 -13.19 32.82
CA GLU G 203 -57.98 -11.97 33.63
C GLU G 203 -57.23 -10.88 32.86
N TYR G 204 -56.20 -11.27 32.07
CA TYR G 204 -55.41 -10.37 31.23
C TYR G 204 -56.29 -9.79 30.13
N MET G 205 -57.08 -10.65 29.46
CA MET G 205 -58.00 -10.26 28.38
C MET G 205 -59.15 -9.39 28.90
N LYS G 206 -59.56 -9.60 30.16
CA LYS G 206 -60.62 -8.82 30.81
C LYS G 206 -60.13 -7.38 31.04
N LYS G 207 -58.92 -7.22 31.63
CA LYS G 207 -58.30 -5.92 31.89
C LYS G 207 -57.88 -5.18 30.60
N ARG G 208 -57.59 -5.92 29.52
CA ARG G 208 -57.18 -5.38 28.22
C ARG G 208 -58.35 -4.78 27.44
N THR G 209 -59.55 -5.41 27.51
CA THR G 209 -60.77 -5.00 26.82
C THR G 209 -61.80 -4.29 27.73
N ASN G 210 -61.44 -4.08 29.01
CA ASN G 210 -62.28 -3.47 30.06
C ASN G 210 -63.55 -4.29 30.35
N GLY G 211 -63.34 -5.58 30.60
CA GLY G 211 -64.39 -6.55 30.90
C GLY G 211 -65.32 -6.90 29.76
N ALA G 212 -64.86 -6.71 28.50
CA ALA G 212 -65.64 -6.99 27.30
C ALA G 212 -65.42 -8.42 26.80
N ASP G 213 -64.17 -8.91 26.88
CA ASP G 213 -63.78 -10.26 26.44
C ASP G 213 -63.24 -11.08 27.60
N ASP G 214 -63.58 -12.38 27.61
CA ASP G 214 -63.14 -13.38 28.61
C ASP G 214 -62.22 -14.46 28.03
N ARG G 215 -61.84 -14.30 26.73
CA ARG G 215 -61.00 -15.22 25.96
C ARG G 215 -59.72 -15.65 26.68
N ASN G 216 -59.60 -16.96 26.96
CA ASN G 216 -58.41 -17.53 27.57
C ASN G 216 -57.46 -17.98 26.45
N TRP G 217 -56.30 -18.53 26.80
CA TRP G 217 -55.29 -18.97 25.85
C TRP G 217 -55.72 -20.19 25.01
N SER G 218 -56.18 -21.28 25.68
CA SER G 218 -56.59 -22.51 25.02
C SER G 218 -57.70 -22.32 24.00
N GLN G 219 -58.69 -21.44 24.32
CA GLN G 219 -59.83 -21.12 23.44
C GLN G 219 -59.36 -20.48 22.13
N THR G 220 -58.45 -19.49 22.22
CA THR G 220 -57.89 -18.76 21.07
C THR G 220 -57.07 -19.69 20.17
N VAL G 221 -56.19 -20.50 20.80
CA VAL G 221 -55.31 -21.45 20.12
C VAL G 221 -56.12 -22.54 19.39
N SER G 222 -56.98 -23.28 20.12
CA SER G 222 -57.82 -24.36 19.58
C SER G 222 -58.75 -23.96 18.42
N ALA G 223 -59.23 -22.70 18.39
CA ALA G 223 -60.09 -22.18 17.34
C ALA G 223 -59.38 -22.05 16.00
N ILE G 224 -58.10 -21.65 16.00
CA ILE G 224 -57.29 -21.48 14.80
C ILE G 224 -56.72 -22.84 14.37
N TYR G 225 -56.20 -23.61 15.35
CA TYR G 225 -55.60 -24.93 15.12
C TYR G 225 -56.62 -26.07 14.92
N LYS G 226 -57.92 -25.72 14.89
CA LYS G 226 -59.05 -26.61 14.63
C LYS G 226 -58.95 -27.19 13.22
N THR G 227 -58.33 -26.42 12.29
CA THR G 227 -58.19 -26.76 10.88
C THR G 227 -56.84 -26.35 10.27
N ILE G 228 -56.58 -26.76 9.01
CA ILE G 228 -55.40 -26.40 8.23
C ILE G 228 -55.77 -25.05 7.61
N TYR G 229 -55.46 -23.97 8.34
CA TYR G 229 -55.79 -22.60 7.94
C TYR G 229 -55.09 -22.10 6.69
N TYR G 230 -53.83 -22.55 6.45
CA TYR G 230 -53.07 -22.17 5.25
C TYR G 230 -52.87 -23.38 4.35
N PRO G 231 -53.79 -23.61 3.38
CA PRO G 231 -53.68 -24.81 2.51
C PRO G 231 -52.62 -24.74 1.42
N GLU G 232 -52.30 -23.54 0.92
CA GLU G 232 -51.34 -23.29 -0.15
C GLU G 232 -49.85 -23.44 0.24
N VAL G 233 -49.56 -24.01 1.44
CA VAL G 233 -48.19 -24.20 1.94
C VAL G 233 -47.39 -25.20 1.09
N ARG G 234 -47.91 -26.42 0.87
CA ARG G 234 -47.27 -27.45 0.04
C ARG G 234 -47.18 -26.99 -1.43
N ALA G 235 -48.24 -26.35 -1.94
CA ALA G 235 -48.32 -25.80 -3.29
C ALA G 235 -47.21 -24.77 -3.56
N MET G 236 -46.84 -23.96 -2.52
CA MET G 236 -45.80 -22.93 -2.56
C MET G 236 -44.42 -23.59 -2.71
N LEU G 237 -44.10 -24.59 -1.85
CA LEU G 237 -42.82 -25.31 -1.84
C LEU G 237 -42.63 -26.11 -3.14
N GLU G 238 -43.69 -26.75 -3.61
CA GLU G 238 -43.66 -27.54 -4.85
C GLU G 238 -43.50 -26.67 -6.09
N LYS G 239 -43.99 -25.42 -6.06
CA LYS G 239 -43.86 -24.44 -7.16
C LYS G 239 -42.39 -23.96 -7.25
N GLN G 240 -41.75 -23.81 -6.08
CA GLN G 240 -40.39 -23.32 -5.95
C GLN G 240 -39.28 -24.37 -6.08
N GLY G 241 -39.65 -25.56 -6.57
CA GLY G 241 -38.72 -26.65 -6.82
C GLY G 241 -38.35 -27.52 -5.64
N PHE G 242 -39.15 -27.50 -4.56
CA PHE G 242 -38.87 -28.35 -3.41
C PHE G 242 -39.68 -29.64 -3.46
N LYS G 243 -39.02 -30.77 -3.19
CA LYS G 243 -39.63 -32.10 -3.21
C LYS G 243 -39.47 -32.76 -1.82
N PHE G 244 -40.15 -33.89 -1.57
CA PHE G 244 -40.07 -34.56 -0.27
C PHE G 244 -39.73 -36.01 -0.42
N GLU G 245 -39.28 -36.66 0.67
CA GLU G 245 -38.98 -38.09 0.66
C GLU G 245 -40.28 -38.93 0.94
N LYS G 246 -40.17 -40.19 1.43
CA LYS G 246 -41.36 -41.01 1.73
C LYS G 246 -41.19 -41.87 2.98
N MET H 1 -23.55 2.45 19.41
CA MET H 1 -23.98 1.05 19.54
C MET H 1 -24.36 0.71 20.98
N ASN H 2 -25.47 -0.03 21.15
CA ASN H 2 -25.95 -0.51 22.45
C ASN H 2 -25.54 -1.98 22.71
N GLU H 3 -25.68 -2.44 23.96
CA GLU H 3 -25.33 -3.78 24.44
C GLU H 3 -26.04 -4.91 23.68
N ALA H 4 -27.31 -4.70 23.31
CA ALA H 4 -28.10 -5.68 22.54
C ALA H 4 -27.53 -5.86 21.13
N ILE H 5 -27.23 -4.74 20.43
CA ILE H 5 -26.64 -4.75 19.09
C ILE H 5 -25.19 -5.28 19.14
N ARG H 6 -24.40 -4.90 20.16
CA ARG H 6 -23.02 -5.38 20.35
C ARG H 6 -22.98 -6.90 20.51
N THR H 7 -23.91 -7.47 21.32
CA THR H 7 -24.02 -8.92 21.58
C THR H 7 -24.25 -9.67 20.27
N ILE H 8 -25.17 -9.17 19.41
CA ILE H 8 -25.45 -9.77 18.10
C ILE H 8 -24.29 -9.56 17.12
N GLN H 9 -23.78 -8.30 16.99
CA GLN H 9 -22.68 -7.96 16.08
C GLN H 9 -21.38 -8.74 16.35
N ASP H 10 -21.06 -9.01 17.63
CA ASP H 10 -19.84 -9.75 18.05
C ASP H 10 -20.04 -11.28 18.17
N HIS H 11 -21.03 -11.83 17.46
CA HIS H 11 -21.34 -13.25 17.52
C HIS H 11 -20.30 -14.17 16.89
N ARG H 12 -20.03 -15.28 17.59
CA ARG H 12 -19.21 -16.40 17.14
C ARG H 12 -19.63 -17.66 17.92
N SER H 13 -19.64 -18.81 17.22
CA SER H 13 -19.99 -20.08 17.84
C SER H 13 -18.76 -20.64 18.55
N ILE H 14 -18.95 -21.11 19.78
CA ILE H 14 -17.87 -21.66 20.59
C ILE H 14 -17.96 -23.18 20.61
N ARG H 15 -16.83 -23.86 20.33
CA ARG H 15 -16.74 -25.31 20.30
C ARG H 15 -15.67 -25.84 21.27
N GLN H 16 -15.08 -24.93 22.10
CA GLN H 16 -14.08 -25.26 23.11
C GLN H 16 -14.56 -24.72 24.46
N TYR H 17 -14.90 -25.65 25.38
CA TYR H 17 -15.48 -25.35 26.68
C TYR H 17 -14.65 -25.80 27.89
N THR H 18 -14.95 -25.20 29.06
CA THR H 18 -14.32 -25.51 30.35
C THR H 18 -15.24 -26.46 31.14
N ASP H 19 -14.70 -27.05 32.22
CA ASP H 19 -15.43 -27.97 33.12
C ASP H 19 -16.50 -27.25 33.95
N GLU H 20 -16.44 -25.90 33.98
CA GLU H 20 -17.33 -25.00 34.71
C GLU H 20 -18.79 -25.19 34.32
N ALA H 21 -19.62 -25.52 35.31
CA ALA H 21 -21.05 -25.75 35.14
C ALA H 21 -21.83 -24.45 35.00
N VAL H 22 -22.92 -24.48 34.20
CA VAL H 22 -23.82 -23.35 33.98
C VAL H 22 -24.78 -23.32 35.17
N SER H 23 -24.80 -22.21 35.92
CA SER H 23 -25.65 -22.02 37.10
C SER H 23 -27.13 -22.06 36.77
N ASP H 24 -27.97 -22.32 37.80
CA ASP H 24 -29.43 -22.34 37.65
C ASP H 24 -29.95 -20.94 37.36
N GLU H 25 -29.30 -19.90 37.94
CA GLU H 25 -29.63 -18.49 37.72
C GLU H 25 -29.41 -18.11 36.24
N HIS H 26 -28.34 -18.65 35.61
CA HIS H 26 -28.02 -18.43 34.19
C HIS H 26 -29.02 -19.16 33.30
N LEU H 27 -29.34 -20.43 33.64
CA LEU H 27 -30.29 -21.28 32.90
C LEU H 27 -31.68 -20.64 32.89
N ASP H 28 -32.19 -20.21 34.06
CA ASP H 28 -33.49 -19.57 34.20
C ASP H 28 -33.60 -18.28 33.39
N THR H 29 -32.50 -17.50 33.28
CA THR H 29 -32.43 -16.25 32.50
C THR H 29 -32.49 -16.55 30.99
N ILE H 30 -31.78 -17.61 30.53
CA ILE H 30 -31.74 -18.05 29.14
C ILE H 30 -33.14 -18.52 28.72
N ILE H 31 -33.81 -19.33 29.58
CA ILE H 31 -35.17 -19.86 29.38
C ILE H 31 -36.19 -18.72 29.35
N GLN H 32 -36.17 -17.82 30.37
CA GLN H 32 -37.09 -16.68 30.47
C GLN H 32 -36.98 -15.73 29.28
N SER H 33 -35.76 -15.55 28.73
CA SER H 33 -35.52 -14.72 27.55
C SER H 33 -36.07 -15.39 26.29
N ALA H 34 -35.91 -16.72 26.17
CA ALA H 34 -36.44 -17.51 25.05
C ALA H 34 -37.98 -17.46 25.03
N GLN H 35 -38.61 -17.57 26.22
CA GLN H 35 -40.07 -17.50 26.39
C GLN H 35 -40.59 -16.09 26.08
N SER H 36 -39.77 -15.05 26.40
CA SER H 36 -40.10 -13.65 26.17
C SER H 36 -40.24 -13.26 24.70
N ALA H 37 -39.65 -14.05 23.79
CA ALA H 37 -39.70 -13.84 22.35
C ALA H 37 -41.10 -14.07 21.76
N ALA H 38 -41.35 -13.52 20.56
CA ALA H 38 -42.63 -13.67 19.85
C ALA H 38 -42.89 -15.10 19.37
N SER H 39 -44.18 -15.49 19.30
CA SER H 39 -44.62 -16.82 18.84
C SER H 39 -45.90 -16.69 18.03
N SER H 40 -46.01 -17.43 16.91
CA SER H 40 -47.19 -17.39 16.02
C SER H 40 -48.47 -17.64 16.81
N ILE H 41 -49.43 -16.68 16.73
CA ILE H 41 -50.74 -16.67 17.42
C ILE H 41 -50.67 -16.81 18.97
N ASN H 42 -49.49 -16.50 19.57
CA ASN H 42 -49.16 -16.65 21.01
C ASN H 42 -49.36 -18.09 21.48
N GLY H 43 -49.17 -19.01 20.56
CA GLY H 43 -49.33 -20.45 20.80
C GLY H 43 -48.15 -21.07 21.50
N GLN H 44 -46.98 -20.37 21.46
CA GLN H 44 -45.74 -20.77 22.11
C GLN H 44 -45.42 -22.24 21.80
N GLN H 45 -45.29 -22.56 20.49
CA GLN H 45 -45.03 -23.90 19.93
C GLN H 45 -43.59 -24.43 20.09
N VAL H 46 -42.84 -23.96 21.12
CA VAL H 46 -41.45 -24.36 21.38
C VAL H 46 -41.32 -24.99 22.77
N THR H 47 -40.69 -26.16 22.82
CA THR H 47 -40.40 -26.88 24.05
C THR H 47 -38.88 -27.01 24.18
N ILE H 48 -38.36 -26.64 25.35
CA ILE H 48 -36.94 -26.68 25.62
C ILE H 48 -36.55 -27.74 26.64
N ILE H 49 -35.69 -28.70 26.21
CA ILE H 49 -35.21 -29.79 27.07
C ILE H 49 -33.76 -29.52 27.47
N SER H 50 -33.52 -29.42 28.80
CA SER H 50 -32.19 -29.18 29.35
C SER H 50 -31.52 -30.50 29.70
N VAL H 51 -30.41 -30.80 29.02
CA VAL H 51 -29.64 -32.02 29.30
C VAL H 51 -28.33 -31.62 29.96
N GLN H 52 -28.17 -32.01 31.23
CA GLN H 52 -27.00 -31.73 32.07
C GLN H 52 -26.28 -33.00 32.48
N ASP H 53 -26.99 -34.14 32.47
CA ASP H 53 -26.46 -35.47 32.82
C ASP H 53 -25.51 -35.93 31.71
N LYS H 54 -24.22 -36.10 32.06
CA LYS H 54 -23.10 -36.50 31.20
C LYS H 54 -23.39 -37.69 30.30
N GLU H 55 -23.99 -38.77 30.87
CA GLU H 55 -24.32 -40.02 30.15
C GLU H 55 -25.34 -39.81 29.04
N LYS H 56 -26.44 -39.07 29.31
CA LYS H 56 -27.50 -38.76 28.35
C LYS H 56 -26.91 -37.83 27.28
N LYS H 57 -26.24 -36.74 27.73
CA LYS H 57 -25.59 -35.73 26.89
C LYS H 57 -24.55 -36.37 25.96
N LYS H 58 -23.87 -37.47 26.41
CA LYS H 58 -22.88 -38.20 25.61
C LYS H 58 -23.58 -38.96 24.48
N LYS H 59 -24.76 -39.55 24.76
CA LYS H 59 -25.56 -40.26 23.75
C LYS H 59 -26.04 -39.29 22.69
N LEU H 60 -26.53 -38.09 23.13
CA LEU H 60 -26.99 -36.99 22.26
C LEU H 60 -25.83 -36.48 21.39
N SER H 61 -24.59 -36.49 21.93
CA SER H 61 -23.34 -36.08 21.27
C SER H 61 -23.03 -36.99 20.06
N GLU H 62 -23.08 -38.31 20.29
CA GLU H 62 -22.81 -39.37 19.32
C GLU H 62 -23.85 -39.38 18.20
N LEU H 63 -25.14 -39.27 18.55
CA LEU H 63 -26.26 -39.25 17.60
C LEU H 63 -26.21 -38.05 16.67
N ALA H 64 -25.62 -36.92 17.13
CA ALA H 64 -25.48 -35.68 16.35
C ALA H 64 -24.26 -35.69 15.42
N GLY H 65 -23.54 -36.82 15.41
CA GLY H 65 -22.36 -37.02 14.56
C GLY H 65 -21.04 -36.91 15.29
N ASN H 66 -20.99 -37.40 16.55
CA ASN H 66 -19.81 -37.38 17.44
C ASN H 66 -19.19 -36.00 17.60
N GLN H 67 -20.04 -35.00 17.88
CA GLN H 67 -19.62 -33.61 18.09
C GLN H 67 -19.13 -33.46 19.54
N ALA H 68 -17.79 -33.42 19.71
CA ALA H 68 -17.10 -33.35 21.00
C ALA H 68 -17.57 -32.27 21.97
N TRP H 69 -17.84 -31.06 21.45
CA TRP H 69 -18.31 -29.89 22.20
C TRP H 69 -19.58 -30.13 23.01
N ILE H 70 -20.45 -31.09 22.58
CA ILE H 70 -21.70 -31.47 23.25
C ILE H 70 -21.38 -32.15 24.59
N ASP H 71 -20.43 -33.11 24.61
CA ASP H 71 -20.04 -33.81 25.82
C ASP H 71 -19.14 -32.94 26.70
N GLN H 72 -18.40 -31.99 26.08
CA GLN H 72 -17.50 -31.06 26.76
C GLN H 72 -18.29 -30.03 27.59
N ALA H 73 -19.28 -29.34 26.97
CA ALA H 73 -20.13 -28.35 27.63
C ALA H 73 -21.00 -28.98 28.72
N PRO H 74 -21.30 -28.26 29.84
CA PRO H 74 -22.08 -28.88 30.92
C PRO H 74 -23.59 -28.94 30.69
N LEU H 75 -24.09 -28.17 29.70
CA LEU H 75 -25.51 -28.10 29.36
C LEU H 75 -25.74 -28.19 27.85
N PHE H 76 -26.78 -28.95 27.47
CA PHE H 76 -27.21 -29.12 26.10
C PHE H 76 -28.72 -28.87 26.04
N LEU H 77 -29.09 -27.73 25.46
CA LEU H 77 -30.49 -27.33 25.29
C LEU H 77 -31.02 -27.90 23.99
N ILE H 78 -32.26 -28.39 24.01
CA ILE H 78 -32.89 -28.94 22.82
C ILE H 78 -34.24 -28.31 22.54
N PHE H 79 -34.30 -27.56 21.43
CA PHE H 79 -35.48 -26.84 20.97
C PHE H 79 -36.33 -27.74 20.10
N CYS H 80 -37.53 -28.09 20.60
CA CYS H 80 -38.49 -28.95 19.94
C CYS H 80 -39.73 -28.18 19.56
N ALA H 81 -40.26 -28.45 18.34
CA ALA H 81 -41.51 -27.86 17.89
C ALA H 81 -42.60 -28.63 18.65
N ASP H 82 -43.44 -27.92 19.41
CA ASP H 82 -44.45 -28.57 20.25
C ASP H 82 -45.88 -28.17 19.92
N PHE H 83 -46.66 -29.18 19.50
CA PHE H 83 -48.09 -29.06 19.21
C PHE H 83 -48.88 -29.97 20.16
N ASN H 84 -48.21 -30.49 21.21
CA ASN H 84 -48.83 -31.33 22.23
C ASN H 84 -49.62 -30.44 23.17
N ARG H 85 -49.15 -29.19 23.38
CA ARG H 85 -49.87 -28.20 24.19
C ARG H 85 -51.14 -27.78 23.46
N ALA H 86 -51.03 -27.62 22.11
CA ALA H 86 -52.13 -27.31 21.21
C ALA H 86 -53.16 -28.44 21.22
N LYS H 87 -52.68 -29.71 21.41
CA LYS H 87 -53.51 -30.91 21.52
C LYS H 87 -54.25 -30.91 22.85
N ILE H 88 -53.57 -30.54 23.97
CA ILE H 88 -54.18 -30.44 25.31
C ILE H 88 -55.22 -29.31 25.26
N ALA H 89 -54.88 -28.17 24.63
CA ALA H 89 -55.75 -26.99 24.45
C ALA H 89 -57.03 -27.36 23.72
N ALA H 90 -56.91 -28.14 22.61
CA ALA H 90 -58.03 -28.61 21.80
C ALA H 90 -58.91 -29.59 22.58
N GLU H 91 -58.31 -30.44 23.44
CA GLU H 91 -59.00 -31.41 24.29
C GLU H 91 -59.80 -30.72 25.39
N LEU H 92 -59.25 -29.61 25.94
CA LEU H 92 -59.88 -28.79 26.98
C LEU H 92 -61.12 -28.06 26.46
N ASN H 93 -61.17 -27.77 25.15
CA ASN H 93 -62.26 -27.03 24.50
C ASN H 93 -63.09 -27.90 23.55
N ASP H 94 -62.99 -29.24 23.68
CA ASP H 94 -63.72 -30.25 22.87
C ASP H 94 -63.64 -29.91 21.36
N ALA H 95 -62.41 -29.65 20.89
CA ALA H 95 -62.14 -29.26 19.51
C ALA H 95 -61.12 -30.18 18.85
N PRO H 96 -61.19 -30.42 17.51
CA PRO H 96 -60.17 -31.27 16.87
C PRO H 96 -58.87 -30.51 16.59
N LEU H 97 -57.76 -31.24 16.35
CA LEU H 97 -56.47 -30.61 16.03
C LEU H 97 -56.19 -30.86 14.55
N GLY H 98 -56.50 -29.85 13.73
CA GLY H 98 -56.39 -29.91 12.28
C GLY H 98 -55.06 -29.51 11.68
N VAL H 99 -54.41 -28.48 12.24
CA VAL H 99 -53.14 -27.90 11.78
C VAL H 99 -52.02 -28.94 11.51
N THR H 100 -51.89 -29.97 12.38
CA THR H 100 -50.90 -31.05 12.29
C THR H 100 -51.01 -31.94 11.04
N ASP H 101 -52.13 -31.82 10.29
CA ASP H 101 -52.39 -32.55 9.04
C ASP H 101 -51.90 -31.76 7.82
N GLY H 102 -51.33 -30.59 8.07
CA GLY H 102 -50.77 -29.71 7.04
C GLY H 102 -49.30 -29.36 7.26
N LEU H 103 -48.64 -28.87 6.20
CA LEU H 103 -47.24 -28.45 6.24
C LEU H 103 -47.04 -27.14 6.98
N GLU H 104 -48.13 -26.39 7.26
CA GLU H 104 -48.10 -25.12 7.99
C GLU H 104 -47.62 -25.35 9.42
N SER H 105 -48.09 -26.43 10.09
CA SER H 105 -47.68 -26.80 11.45
C SER H 105 -46.17 -27.02 11.54
N ILE H 106 -45.56 -27.56 10.45
CA ILE H 106 -44.12 -27.80 10.34
C ILE H 106 -43.41 -26.44 10.21
N LEU H 107 -43.94 -25.55 9.34
CA LEU H 107 -43.36 -24.21 9.13
C LEU H 107 -43.45 -23.33 10.36
N VAL H 108 -44.57 -23.41 11.11
CA VAL H 108 -44.81 -22.65 12.36
C VAL H 108 -43.81 -23.12 13.43
N GLY H 109 -43.77 -24.43 13.67
CA GLY H 109 -42.92 -25.09 14.64
C GLY H 109 -41.43 -24.85 14.47
N ALA H 110 -40.94 -24.91 13.21
CA ALA H 110 -39.52 -24.69 12.86
C ALA H 110 -39.14 -23.21 12.95
N THR H 111 -39.99 -22.29 12.46
CA THR H 111 -39.73 -20.85 12.52
C THR H 111 -39.72 -20.38 13.98
N ASP H 112 -40.67 -20.88 14.81
CA ASP H 112 -40.79 -20.54 16.23
C ASP H 112 -39.58 -21.01 17.04
N ALA H 113 -39.03 -22.19 16.70
CA ALA H 113 -37.85 -22.78 17.36
C ALA H 113 -36.58 -21.98 17.04
N GLY H 114 -36.52 -21.37 15.84
CA GLY H 114 -35.42 -20.53 15.39
C GLY H 114 -35.42 -19.22 16.15
N ILE H 115 -36.63 -18.68 16.43
CA ILE H 115 -36.85 -17.45 17.19
C ILE H 115 -36.38 -17.65 18.66
N SER H 116 -36.82 -18.76 19.29
CA SER H 116 -36.50 -19.15 20.66
C SER H 116 -35.00 -19.42 20.86
N LEU H 117 -34.33 -20.06 19.87
CA LEU H 117 -32.89 -20.38 19.89
C LEU H 117 -32.05 -19.12 19.85
N GLU H 118 -32.42 -18.15 18.98
CA GLU H 118 -31.73 -16.86 18.86
C GLU H 118 -31.85 -16.03 20.13
N ALA H 119 -33.05 -16.02 20.75
CA ALA H 119 -33.31 -15.30 22.01
C ALA H 119 -32.51 -15.93 23.15
N ALA H 120 -32.38 -17.27 23.16
CA ALA H 120 -31.59 -18.02 24.13
C ALA H 120 -30.09 -17.76 23.90
N THR H 121 -29.66 -17.63 22.61
CA THR H 121 -28.31 -17.31 22.17
C THR H 121 -27.90 -15.92 22.65
N VAL H 122 -28.66 -14.86 22.28
CA VAL H 122 -28.35 -13.47 22.70
C VAL H 122 -28.30 -13.26 24.21
N ALA H 123 -29.13 -14.02 24.97
CA ALA H 123 -29.17 -13.96 26.42
C ALA H 123 -27.93 -14.63 27.02
N ALA H 124 -27.62 -15.87 26.58
CA ALA H 124 -26.47 -16.66 27.04
C ALA H 124 -25.14 -15.97 26.73
N GLU H 125 -25.00 -15.43 25.49
CA GLU H 125 -23.79 -14.75 25.03
C GLU H 125 -23.54 -13.43 25.75
N SER H 126 -24.61 -12.71 26.17
CA SER H 126 -24.48 -11.46 26.91
C SER H 126 -24.05 -11.71 28.36
N LEU H 127 -24.32 -12.93 28.89
CA LEU H 127 -23.94 -13.34 30.24
C LEU H 127 -22.44 -13.76 30.31
N GLY H 128 -21.82 -13.90 29.14
CA GLY H 128 -20.41 -14.27 29.01
C GLY H 128 -20.20 -15.66 28.48
N LEU H 129 -21.28 -16.46 28.39
CA LEU H 129 -21.26 -17.85 27.92
C LEU H 129 -21.04 -17.93 26.41
N GLY H 130 -20.72 -19.13 25.95
CA GLY H 130 -20.49 -19.45 24.56
C GLY H 130 -21.51 -20.46 24.10
N THR H 131 -22.03 -20.29 22.88
CA THR H 131 -23.03 -21.20 22.32
C THR H 131 -22.62 -21.77 20.96
N VAL H 132 -23.39 -22.75 20.47
CA VAL H 132 -23.28 -23.40 19.15
C VAL H 132 -24.55 -24.21 18.89
N PRO H 133 -25.37 -23.81 17.89
CA PRO H 133 -26.59 -24.56 17.61
C PRO H 133 -26.26 -25.92 16.99
N ILE H 134 -27.00 -26.97 17.37
CA ILE H 134 -26.78 -28.33 16.87
C ILE H 134 -27.95 -28.76 15.96
N GLY H 135 -27.74 -28.65 14.65
CA GLY H 135 -28.71 -29.07 13.64
C GLY H 135 -28.61 -30.56 13.40
N GLY H 136 -27.53 -31.16 13.94
CA GLY H 136 -27.23 -32.59 13.89
C GLY H 136 -28.23 -33.44 14.67
N ILE H 137 -29.13 -32.78 15.41
CA ILE H 137 -30.22 -33.41 16.18
C ILE H 137 -31.23 -34.13 15.24
N ARG H 138 -31.10 -33.88 13.91
CA ARG H 138 -31.87 -34.45 12.81
C ARG H 138 -31.11 -35.59 12.07
N ARG H 139 -29.95 -36.02 12.60
CA ARG H 139 -29.15 -37.11 12.00
C ARG H 139 -29.85 -38.45 12.24
N LYS H 140 -30.17 -38.76 13.52
CA LYS H 140 -30.91 -39.94 13.94
C LYS H 140 -32.08 -39.43 14.81
N PRO H 141 -33.15 -38.84 14.21
CA PRO H 141 -34.22 -38.22 15.03
C PRO H 141 -35.17 -39.16 15.75
N LEU H 142 -35.26 -40.42 15.31
CA LEU H 142 -36.12 -41.41 15.94
C LEU H 142 -35.54 -41.87 17.28
N GLU H 143 -34.18 -41.89 17.36
CA GLU H 143 -33.45 -42.26 18.57
C GLU H 143 -33.49 -41.10 19.57
N VAL H 144 -33.55 -39.85 19.05
CA VAL H 144 -33.63 -38.61 19.84
C VAL H 144 -34.97 -38.60 20.56
N ILE H 145 -36.07 -38.89 19.83
CA ILE H 145 -37.43 -38.98 20.39
C ILE H 145 -37.40 -39.97 21.56
N GLU H 146 -36.96 -41.23 21.32
CA GLU H 146 -36.87 -42.29 22.32
C GLU H 146 -36.13 -41.84 23.59
N LEU H 147 -34.95 -41.18 23.42
CA LEU H 147 -34.09 -40.68 24.48
C LEU H 147 -34.75 -39.57 25.31
N LEU H 148 -35.28 -38.54 24.65
CA LEU H 148 -35.94 -37.40 25.28
C LEU H 148 -37.40 -37.65 25.65
N ASP H 149 -37.93 -38.86 25.35
CA ASP H 149 -39.31 -39.31 25.62
C ASP H 149 -40.35 -38.33 25.02
N LEU H 150 -40.13 -37.94 23.75
CA LEU H 150 -41.00 -36.99 23.04
C LEU H 150 -42.34 -37.60 22.68
N PRO H 151 -43.47 -36.97 23.07
CA PRO H 151 -44.78 -37.54 22.74
C PRO H 151 -45.26 -37.10 21.35
N GLU H 152 -46.47 -37.57 20.94
CA GLU H 152 -47.09 -37.23 19.68
C GLU H 152 -47.26 -35.71 19.56
N TYR H 153 -46.93 -35.17 18.36
CA TYR H 153 -46.99 -33.77 17.95
C TYR H 153 -45.81 -32.90 18.46
N VAL H 154 -44.69 -33.55 18.81
CA VAL H 154 -43.46 -32.90 19.30
C VAL H 154 -42.27 -33.45 18.49
N PHE H 155 -41.48 -32.56 17.85
CA PHE H 155 -40.32 -32.99 17.07
C PHE H 155 -39.09 -32.16 17.30
N PRO H 156 -37.89 -32.79 17.34
CA PRO H 156 -36.66 -32.01 17.56
C PRO H 156 -36.27 -31.13 16.37
N VAL H 157 -36.06 -29.83 16.61
CA VAL H 157 -35.66 -28.88 15.57
C VAL H 157 -34.14 -28.68 15.58
N SER H 158 -33.60 -28.11 16.67
CA SER H 158 -32.17 -27.85 16.80
C SER H 158 -31.75 -27.88 18.26
N GLY H 159 -30.52 -28.28 18.49
CA GLY H 159 -29.94 -28.28 19.81
C GLY H 159 -29.25 -26.95 20.04
N LEU H 160 -28.75 -26.75 21.25
CA LEU H 160 -28.00 -25.57 21.65
C LEU H 160 -27.03 -25.97 22.75
N VAL H 161 -25.74 -25.83 22.46
CA VAL H 161 -24.69 -26.11 23.43
C VAL H 161 -24.48 -24.81 24.19
N VAL H 162 -24.48 -24.86 25.53
CA VAL H 162 -24.27 -23.71 26.40
C VAL H 162 -23.24 -24.10 27.45
N GLY H 163 -22.22 -23.26 27.60
CA GLY H 163 -21.15 -23.48 28.56
C GLY H 163 -20.19 -22.32 28.68
N HIS H 164 -19.18 -22.45 29.55
CA HIS H 164 -18.16 -21.41 29.75
C HIS H 164 -17.01 -21.65 28.76
N PRO H 165 -16.71 -20.68 27.86
CA PRO H 165 -15.65 -20.91 26.86
C PRO H 165 -14.21 -21.00 27.39
N SER H 166 -13.34 -21.71 26.64
CA SER H 166 -11.91 -21.85 26.95
C SER H 166 -11.06 -21.08 25.92
N ASP H 167 -11.74 -20.51 24.90
CA ASP H 167 -11.15 -19.71 23.82
C ASP H 167 -12.21 -18.79 23.19
N HIS H 168 -11.80 -17.61 22.74
CA HIS H 168 -12.68 -16.60 22.13
C HIS H 168 -13.06 -16.92 20.69
N SER H 169 -12.19 -17.68 20.00
CA SER H 169 -12.30 -18.03 18.57
C SER H 169 -12.27 -16.76 17.69
N ALA H 170 -12.98 -16.77 16.54
CA ALA H 170 -13.04 -15.65 15.62
C ALA H 170 -14.38 -15.56 14.90
N LYS H 171 -14.76 -14.34 14.51
CA LYS H 171 -15.99 -14.05 13.77
C LYS H 171 -15.86 -14.55 12.32
N LYS H 172 -16.79 -15.40 11.88
CA LYS H 172 -16.81 -15.93 10.51
C LYS H 172 -17.42 -14.84 9.61
N PRO H 173 -16.74 -14.41 8.52
CA PRO H 173 -17.34 -13.36 7.67
C PRO H 173 -18.65 -13.76 7.03
N ARG H 174 -19.57 -12.80 6.86
CA ARG H 174 -20.89 -13.06 6.27
C ARG H 174 -21.00 -12.52 4.84
N LEU H 175 -21.98 -13.00 4.08
CA LEU H 175 -22.23 -12.60 2.69
C LEU H 175 -22.38 -11.07 2.54
N PRO H 176 -21.99 -10.48 1.39
CA PRO H 176 -22.18 -9.02 1.22
C PRO H 176 -23.64 -8.63 1.40
N GLN H 177 -23.90 -7.46 2.04
CA GLN H 177 -25.25 -6.99 2.32
C GLN H 177 -26.18 -7.03 1.11
N ALA H 178 -25.69 -6.60 -0.06
CA ALA H 178 -26.43 -6.60 -1.33
C ALA H 178 -26.93 -7.98 -1.77
N ALA H 179 -26.22 -9.05 -1.38
CA ALA H 179 -26.57 -10.44 -1.70
C ALA H 179 -27.72 -11.00 -0.82
N VAL H 180 -27.82 -10.56 0.45
CA VAL H 180 -28.84 -10.99 1.41
C VAL H 180 -30.03 -10.00 1.45
N HIS H 181 -29.75 -8.68 1.45
CA HIS H 181 -30.77 -7.64 1.48
C HIS H 181 -31.11 -7.12 0.08
N HIS H 182 -32.33 -7.46 -0.39
CA HIS H 182 -32.84 -7.05 -1.70
C HIS H 182 -33.98 -6.08 -1.50
N ARG H 183 -33.84 -4.87 -2.06
CA ARG H 183 -34.83 -3.80 -1.95
C ARG H 183 -36.00 -3.98 -2.93
N GLU H 184 -37.24 -3.91 -2.39
CA GLU H 184 -38.53 -4.03 -3.10
C GLU H 184 -38.85 -5.39 -3.71
N SER H 185 -37.96 -5.91 -4.57
CA SER H 185 -38.09 -7.22 -5.23
C SER H 185 -36.77 -7.99 -5.12
N TYR H 186 -36.79 -9.30 -5.46
CA TYR H 186 -35.61 -10.17 -5.42
C TYR H 186 -34.58 -9.75 -6.48
N ASN H 187 -33.29 -9.69 -6.08
CA ASN H 187 -32.19 -9.38 -6.99
C ASN H 187 -31.56 -10.68 -7.48
N HIS H 188 -31.68 -10.95 -8.78
CA HIS H 188 -31.18 -12.17 -9.40
C HIS H 188 -29.68 -12.16 -9.74
N ASP H 189 -29.03 -10.98 -9.75
CA ASP H 189 -27.60 -10.86 -10.03
C ASP H 189 -26.78 -11.06 -8.74
N LEU H 190 -26.52 -12.32 -8.36
CA LEU H 190 -25.79 -12.66 -7.13
C LEU H 190 -24.52 -13.49 -7.35
N LYS H 191 -24.28 -13.99 -8.58
CA LYS H 191 -23.11 -14.82 -8.93
C LYS H 191 -21.79 -14.09 -8.66
N SER H 192 -21.66 -12.83 -9.12
CA SER H 192 -20.47 -12.00 -8.93
C SER H 192 -20.20 -11.72 -7.46
N LEU H 193 -21.27 -11.52 -6.67
CA LEU H 193 -21.21 -11.27 -5.22
C LEU H 193 -20.74 -12.50 -4.46
N ILE H 194 -21.15 -13.71 -4.90
CA ILE H 194 -20.74 -14.98 -4.30
C ILE H 194 -19.27 -15.23 -4.62
N GLN H 195 -18.85 -14.95 -5.87
CA GLN H 195 -17.46 -15.09 -6.35
C GLN H 195 -16.50 -14.21 -5.53
N ASP H 196 -16.90 -12.96 -5.23
CA ASP H 196 -16.12 -12.02 -4.42
C ASP H 196 -16.07 -12.47 -2.96
N TYR H 197 -17.18 -13.08 -2.45
CA TYR H 197 -17.28 -13.60 -1.08
C TYR H 197 -16.39 -14.82 -0.90
N ASP H 198 -16.27 -15.66 -1.95
CA ASP H 198 -15.43 -16.86 -1.98
C ASP H 198 -13.96 -16.48 -1.84
N ALA H 199 -13.56 -15.34 -2.46
CA ALA H 199 -12.21 -14.79 -2.42
C ALA H 199 -11.87 -14.32 -1.00
N GLU H 200 -12.84 -13.69 -0.32
CA GLU H 200 -12.72 -13.18 1.04
C GLU H 200 -12.72 -14.36 2.04
N MET H 201 -13.47 -15.44 1.71
CA MET H 201 -13.58 -16.63 2.54
C MET H 201 -12.37 -17.54 2.45
N ALA H 202 -11.72 -17.59 1.28
CA ALA H 202 -10.52 -18.38 1.05
C ALA H 202 -9.36 -17.74 1.83
N GLU H 203 -9.33 -16.39 1.90
CA GLU H 203 -8.34 -15.60 2.64
C GLU H 203 -8.56 -15.76 4.15
N TYR H 204 -9.84 -15.88 4.58
CA TYR H 204 -10.22 -16.08 5.98
C TYR H 204 -9.74 -17.45 6.44
N MET H 205 -10.00 -18.50 5.63
CA MET H 205 -9.59 -19.87 5.90
C MET H 205 -8.07 -20.05 5.89
N LYS H 206 -7.37 -19.23 5.08
CA LYS H 206 -5.91 -19.24 4.98
C LYS H 206 -5.30 -18.70 6.28
N LYS H 207 -5.79 -17.53 6.76
CA LYS H 207 -5.33 -16.90 8.00
C LYS H 207 -5.71 -17.70 9.26
N ARG H 208 -6.82 -18.47 9.20
CA ARG H 208 -7.33 -19.29 10.30
C ARG H 208 -6.48 -20.57 10.51
N THR H 209 -6.02 -21.20 9.42
CA THR H 209 -5.24 -22.44 9.44
C THR H 209 -3.73 -22.24 9.18
N ASN H 210 -3.29 -20.96 9.04
CA ASN H 210 -1.91 -20.53 8.73
C ASN H 210 -1.43 -21.05 7.37
N GLY H 211 -2.25 -20.80 6.34
CA GLY H 211 -2.01 -21.19 4.96
C GLY H 211 -2.09 -22.67 4.68
N ALA H 212 -2.82 -23.43 5.51
CA ALA H 212 -2.98 -24.88 5.36
C ALA H 212 -4.20 -25.26 4.51
N ASP H 213 -5.33 -24.54 4.68
CA ASP H 213 -6.57 -24.80 3.96
C ASP H 213 -7.04 -23.57 3.17
N ASP H 214 -7.45 -23.78 1.91
CA ASP H 214 -7.91 -22.74 0.97
C ASP H 214 -9.44 -22.76 0.73
N ARG H 215 -10.19 -23.58 1.51
CA ARG H 215 -11.64 -23.77 1.41
C ARG H 215 -12.44 -22.47 1.36
N ASN H 216 -13.14 -22.25 0.24
CA ASN H 216 -14.01 -21.10 0.07
C ASN H 216 -15.43 -21.46 0.54
N TRP H 217 -16.36 -20.51 0.50
CA TRP H 217 -17.74 -20.71 0.93
C TRP H 217 -18.54 -21.66 0.04
N SER H 218 -18.52 -21.43 -1.28
CA SER H 218 -19.28 -22.23 -2.25
C SER H 218 -18.87 -23.71 -2.26
N GLN H 219 -17.57 -24.00 -2.10
CA GLN H 219 -17.03 -25.38 -2.04
C GLN H 219 -17.59 -26.15 -0.85
N THR H 220 -17.59 -25.54 0.35
CA THR H 220 -18.07 -26.13 1.60
C THR H 220 -19.58 -26.39 1.53
N VAL H 221 -20.35 -25.38 1.06
CA VAL H 221 -21.79 -25.44 0.92
C VAL H 221 -22.22 -26.54 -0.07
N SER H 222 -21.74 -26.47 -1.33
CA SER H 222 -22.08 -27.41 -2.41
C SER H 222 -21.78 -28.89 -2.11
N ALA H 223 -20.74 -29.16 -1.30
CA ALA H 223 -20.32 -30.50 -0.90
C ALA H 223 -21.35 -31.19 0.01
N ILE H 224 -21.98 -30.43 0.93
CA ILE H 224 -22.99 -30.94 1.86
C ILE H 224 -24.35 -30.99 1.16
N TYR H 225 -24.69 -29.91 0.42
CA TYR H 225 -25.95 -29.79 -0.30
C TYR H 225 -26.02 -30.59 -1.62
N LYS H 226 -24.97 -31.36 -1.91
CA LYS H 226 -24.83 -32.27 -3.05
C LYS H 226 -25.86 -33.39 -2.97
N THR H 227 -26.28 -33.75 -1.73
CA THR H 227 -27.23 -34.82 -1.45
C THR H 227 -28.18 -34.50 -0.28
N ILE H 228 -29.20 -35.37 -0.06
CA ILE H 228 -30.16 -35.29 1.04
C ILE H 228 -29.44 -35.98 2.19
N TYR H 229 -28.67 -35.20 2.97
CA TYR H 229 -27.86 -35.67 4.08
C TYR H 229 -28.64 -36.25 5.25
N TYR H 230 -29.84 -35.70 5.54
CA TYR H 230 -30.70 -36.21 6.61
C TYR H 230 -31.98 -36.83 6.05
N PRO H 231 -31.97 -38.16 5.80
CA PRO H 231 -33.14 -38.82 5.20
C PRO H 231 -34.32 -39.08 6.13
N GLU H 232 -34.05 -39.27 7.43
CA GLU H 232 -35.06 -39.58 8.44
C GLU H 232 -35.94 -38.39 8.89
N VAL H 233 -35.91 -37.25 8.14
CA VAL H 233 -36.69 -36.05 8.46
C VAL H 233 -38.22 -36.29 8.33
N ARG H 234 -38.69 -36.81 7.17
CA ARG H 234 -40.11 -37.11 6.95
C ARG H 234 -40.58 -38.24 7.88
N ALA H 235 -39.72 -39.26 8.08
CA ALA H 235 -39.98 -40.40 8.96
C ALA H 235 -40.23 -39.96 10.42
N MET H 236 -39.54 -38.88 10.85
CA MET H 236 -39.67 -38.28 12.19
C MET H 236 -41.06 -37.60 12.35
N LEU H 237 -41.41 -36.73 11.39
CA LEU H 237 -42.69 -35.99 11.41
C LEU H 237 -43.87 -36.96 11.30
N GLU H 238 -43.76 -37.99 10.46
CA GLU H 238 -44.81 -39.00 10.29
C GLU H 238 -44.97 -39.88 11.53
N LYS H 239 -43.90 -40.10 12.30
CA LYS H 239 -43.93 -40.90 13.53
C LYS H 239 -44.65 -40.12 14.64
N GLN H 240 -44.43 -38.79 14.66
CA GLN H 240 -44.99 -37.88 15.64
C GLN H 240 -46.41 -37.35 15.34
N GLY H 241 -47.10 -37.99 14.38
CA GLY H 241 -48.47 -37.67 14.01
C GLY H 241 -48.69 -36.51 13.06
N PHE H 242 -47.65 -36.11 12.30
CA PHE H 242 -47.79 -35.02 11.33
C PHE H 242 -48.05 -35.58 9.93
N LYS H 243 -49.04 -34.99 9.25
CA LYS H 243 -49.45 -35.37 7.91
C LYS H 243 -49.26 -34.22 6.93
N PHE H 244 -49.37 -34.52 5.62
CA PHE H 244 -49.17 -33.61 4.50
C PHE H 244 -50.44 -33.36 3.67
N GLU H 245 -50.45 -32.29 2.85
CA GLU H 245 -51.57 -31.88 2.01
C GLU H 245 -51.73 -32.71 0.73
N LYS H 246 -50.74 -33.60 0.43
CA LYS H 246 -50.68 -34.50 -0.73
C LYS H 246 -50.89 -33.84 -2.10
N1 FMN I . 2.33 45.05 -7.58
C2 FMN I . 1.74 45.60 -6.47
O2 FMN I . 0.55 45.95 -6.49
N3 FMN I . 2.47 45.78 -5.30
C4 FMN I . 3.80 45.42 -5.11
O4 FMN I . 4.36 45.65 -4.04
C4A FMN I . 4.41 44.79 -6.29
N5 FMN I . 5.63 44.30 -6.16
C5A FMN I . 6.15 43.58 -7.23
C6 FMN I . 7.38 42.93 -7.06
C7 FMN I . 7.91 42.11 -8.04
C7M FMN I . 9.22 41.39 -7.78
C8 FMN I . 7.22 41.96 -9.27
C8M FMN I . 7.76 41.09 -10.38
C9 FMN I . 6.00 42.62 -9.45
C9A FMN I . 5.45 43.42 -8.45
N10 FMN I . 4.16 43.99 -8.55
C10 FMN I . 3.60 44.65 -7.49
C1' FMN I . 3.40 43.89 -9.81
C2' FMN I . 3.83 44.91 -10.87
O2' FMN I . 3.29 46.21 -10.59
C3' FMN I . 3.37 44.44 -12.26
O3' FMN I . 3.87 43.13 -12.47
C4' FMN I . 3.76 45.35 -13.41
O4' FMN I . 3.03 46.57 -13.35
C5' FMN I . 3.61 44.69 -14.78
O5' FMN I . 2.19 44.56 -15.07
P FMN I . 1.41 43.19 -15.35
O1P FMN I . 1.42 42.85 -16.80
O2P FMN I . -0.01 43.42 -14.84
O3P FMN I . 2.05 42.11 -14.47
N1 FMN J . 24.44 24.66 -14.36
C2 FMN J . 25.70 24.64 -14.90
O2 FMN J . 26.09 23.68 -15.59
N3 FMN J . 26.55 25.73 -14.72
C4 FMN J . 26.25 26.88 -14.02
O4 FMN J . 27.10 27.77 -13.92
C4A FMN J . 24.89 26.91 -13.49
N5 FMN J . 24.47 28.03 -12.94
C5A FMN J . 23.11 28.11 -12.60
C6 FMN J . 22.61 29.34 -12.14
C7 FMN J . 21.26 29.51 -11.88
C7M FMN J . 20.75 30.89 -11.49
C8 FMN J . 20.38 28.43 -12.04
C8M FMN J . 18.90 28.56 -11.76
C9 FMN J . 20.87 27.21 -12.46
C9A FMN J . 22.23 27.03 -12.77
N10 FMN J . 22.74 25.83 -13.31
C10 FMN J . 24.05 25.74 -13.71
C1' FMN J . 21.85 24.66 -13.50
C2' FMN J . 21.67 23.84 -12.22
O2' FMN J . 22.81 23.02 -11.96
C3' FMN J . 20.41 22.97 -12.33
O3' FMN J . 19.29 23.81 -12.64
C4' FMN J . 20.11 22.14 -11.10
O4' FMN J . 21.08 21.10 -10.98
C5' FMN J . 18.71 21.57 -11.06
O5' FMN J . 18.61 20.54 -12.06
P FMN J . 17.59 20.51 -13.30
O1P FMN J . 16.30 19.86 -12.90
O2P FMN J . 18.31 19.74 -14.40
O3P FMN J . 17.40 21.97 -13.76
N1 FMN K . 22.46 -14.79 25.43
C2 FMN K . 23.65 -14.61 24.77
O2 FMN K . 24.33 -15.57 24.38
N3 FMN K . 24.11 -13.33 24.50
C4 FMN K . 23.44 -12.15 24.79
O4 FMN K . 23.95 -11.07 24.49
C4A FMN K . 22.16 -12.34 25.47
N5 FMN K . 21.41 -11.30 25.70
C5A FMN K . 20.12 -11.50 26.21
C6 FMN K . 19.26 -10.42 26.31
C7 FMN K . 17.94 -10.57 26.72
C7M FMN K . 17.02 -9.37 26.71
C8 FMN K . 17.48 -11.85 27.09
C8M FMN K . 16.06 -12.08 27.54
C9 FMN K . 18.36 -12.93 27.02
C9A FMN K . 19.66 -12.79 26.56
N10 FMN K . 20.51 -13.90 26.32
C10 FMN K . 21.75 -13.73 25.76
C1' FMN K . 20.07 -15.26 26.64
C2' FMN K . 20.21 -15.61 28.12
O2' FMN K . 21.57 -15.90 28.46
C3' FMN K . 19.32 -16.80 28.47
O3' FMN K . 17.98 -16.50 28.07
C4' FMN K . 19.33 -17.20 29.94
O4' FMN K . 20.59 -17.79 30.25
C5' FMN K . 18.20 -18.14 30.33
O5' FMN K . 18.45 -19.42 29.73
P FMN K . 17.48 -20.20 28.70
O1P FMN K . 16.48 -21.05 29.44
O2P FMN K . 18.40 -21.04 27.81
O3P FMN K . 16.82 -19.13 27.82
C1 MPD L . 25.27 -18.80 28.35
C2 MPD L . 25.90 -17.44 28.09
O2 MPD L . 27.16 -17.45 28.80
CM MPD L . 26.23 -17.28 26.61
C3 MPD L . 24.95 -16.30 28.68
C4 MPD L . 25.05 -14.80 28.17
O4 MPD L . 23.90 -14.03 28.56
C5 MPD L . 26.31 -14.10 28.65
S SO4 M . 14.94 -31.92 27.19
O1 SO4 M . 13.63 -31.58 27.74
O2 SO4 M . 15.27 -33.31 27.54
O3 SO4 M . 14.91 -31.78 25.71
O4 SO4 M . 15.96 -31.03 27.75
N1 FMN N . -4.75 -0.81 28.36
C2 FMN N . -5.46 -0.09 29.31
O2 FMN N . -6.69 -0.12 29.36
N3 FMN N . -4.78 0.66 30.27
C4 FMN N . -3.41 0.77 30.38
O4 FMN N . -2.93 1.47 31.27
C4A FMN N . -2.66 -0.01 29.39
N5 FMN N . -1.35 -0.07 29.51
C5A FMN N . -0.66 -0.94 28.68
C6 FMN N . 0.72 -1.10 28.88
C7 FMN N . 1.46 -2.00 28.12
C7M FMN N . 2.92 -2.19 28.42
C8 FMN N . 0.81 -2.73 27.11
C8M FMN N . 1.57 -3.73 26.26
C9 FMN N . -0.55 -2.56 26.90
C9A FMN N . -1.31 -1.69 27.67
N10 FMN N . -2.72 -1.58 27.56
C10 FMN N . -3.42 -0.77 28.41
C1' FMN N . -3.45 -2.38 26.55
C2' FMN N . -3.41 -1.75 25.15
O2' FMN N . -4.32 -0.66 25.06
C3' FMN N . -3.74 -2.81 24.11
O3' FMN N . -2.84 -3.90 24.24
C4' FMN N . -3.73 -2.30 22.66
O4' FMN N . -4.84 -1.44 22.45
C5' FMN N . -3.70 -3.41 21.63
O5' FMN N . -5.00 -4.05 21.62
P FMN N . -5.27 -5.61 21.90
O1P FMN N . -5.22 -6.41 20.64
O2P FMN N . -6.64 -5.67 22.52
O3P FMN N . -4.25 -6.06 22.97
S SO4 O . -12.63 -11.32 16.27
O1 SO4 O . -11.46 -11.97 15.72
O2 SO4 O . -13.01 -11.96 17.57
O3 SO4 O . -13.66 -11.39 15.25
O4 SO4 O . -12.37 -9.91 16.45
S SO4 P . 20.70 14.83 33.86
O1 SO4 P . 20.08 15.54 34.99
O2 SO4 P . 21.37 13.63 34.37
O3 SO4 P . 19.66 14.47 32.89
O4 SO4 P . 21.68 15.68 33.20
N1 FMN Q . 24.17 -19.38 -32.49
C2 FMN Q . 24.46 -20.66 -32.05
O2 FMN Q . 25.62 -21.07 -31.99
N3 FMN Q . 23.44 -21.51 -31.65
C4 FMN Q . 22.09 -21.20 -31.62
O4 FMN Q . 21.27 -22.05 -31.27
C4A FMN Q . 21.78 -19.82 -32.06
N5 FMN Q . 20.55 -19.40 -31.96
C5A FMN Q . 20.29 -18.07 -32.25
C6 FMN Q . 19.00 -17.57 -32.03
C7 FMN Q . 18.68 -16.23 -32.22
C7M FMN Q . 17.30 -15.74 -31.89
C8 FMN Q . 19.69 -15.35 -32.68
C8M FMN Q . 19.41 -13.89 -32.90
C9 FMN Q . 20.97 -15.85 -32.92
C9A FMN Q . 21.29 -17.19 -32.70
N10 FMN Q . 22.61 -17.69 -32.82
C10 FMN Q . 22.90 -18.99 -32.49
C1' FMN Q . 23.70 -16.80 -33.28
C2' FMN Q . 23.75 -16.62 -34.80
O2' FMN Q . 24.32 -17.78 -35.43
C3' FMN Q . 24.56 -15.38 -35.14
O3' FMN Q . 23.98 -14.26 -34.47
C4' FMN Q . 24.66 -15.08 -36.64
O4' FMN Q . 25.51 -16.04 -37.25
C5' FMN Q . 25.13 -13.67 -36.95
O5' FMN Q . 26.53 -13.57 -36.62
P FMN Q . 27.17 -12.53 -35.56
O1P FMN Q . 27.55 -11.25 -36.22
O2P FMN Q . 28.40 -13.26 -34.99
O3P FMN Q . 26.14 -12.36 -34.42
N1 FMN R . 2.81 2.40 -28.13
C2 FMN R . 1.75 2.96 -28.81
O2 FMN R . 1.43 4.15 -28.63
N3 FMN R . 1.02 2.21 -29.73
C4 FMN R . 1.28 0.89 -30.08
O4 FMN R . 0.55 0.33 -30.90
C4A FMN R . 2.44 0.31 -29.39
N5 FMN R . 2.82 -0.88 -29.76
C5A FMN R . 4.00 -1.38 -29.21
C6 FMN R . 4.50 -2.60 -29.67
C7 FMN R . 5.71 -3.12 -29.23
C7M FMN R . 6.23 -4.40 -29.83
C8 FMN R . 6.43 -2.42 -28.24
C8M FMN R . 7.74 -2.94 -27.69
C9 FMN R . 5.93 -1.22 -27.76
C9A FMN R . 4.74 -0.68 -28.24
N10 FMN R . 4.26 0.61 -27.85
C10 FMN R . 3.14 1.14 -28.42
C1' FMN R . 5.00 1.40 -26.85
C2' FMN R . 4.71 1.00 -25.41
O2' FMN R . 3.44 1.51 -24.98
C3' FMN R . 5.82 1.49 -24.49
O3' FMN R . 7.07 1.00 -24.95
C4' FMN R . 5.65 1.12 -23.01
O4' FMN R . 4.57 1.87 -22.44
C5' FMN R . 6.91 1.29 -22.18
O5' FMN R . 7.15 2.70 -22.02
P FMN R . 8.48 3.49 -22.48
O1P FMN R . 9.50 3.49 -21.39
O2P FMN R . 8.01 4.90 -22.81
O3P FMN R . 8.95 2.83 -23.78
N1 FMN S . -49.15 -11.04 14.60
C2 FMN S . -50.07 -10.54 13.71
O2 FMN S . -50.78 -9.56 13.99
N3 FMN S . -50.23 -11.14 12.46
C4 FMN S . -49.53 -12.23 11.99
O4 FMN S . -49.81 -12.72 10.89
C4A FMN S . -48.52 -12.74 12.93
N5 FMN S . -47.73 -13.70 12.53
C5A FMN S . -46.71 -14.11 13.38
C6 FMN S . -45.78 -15.04 12.90
C7 FMN S . -44.67 -15.41 13.66
C7M FMN S . -43.68 -16.37 13.08
C8 FMN S . -44.51 -14.87 14.95
C8M FMN S . -43.34 -15.24 15.82
C9 FMN S . -45.45 -13.96 15.43
C9A FMN S . -46.54 -13.55 14.66
N10 FMN S . -47.42 -12.51 15.07
C10 FMN S . -48.41 -12.07 14.23
C1' FMN S . -47.27 -11.87 16.39
C2' FMN S . -47.88 -12.69 17.52
O2' FMN S . -49.29 -12.56 17.55
C3' FMN S . -47.28 -12.24 18.85
O3' FMN S . -45.86 -12.33 18.79
C4' FMN S . -47.78 -13.01 20.07
O4' FMN S . -49.15 -12.68 20.33
C5' FMN S . -46.95 -12.79 21.32
O5' FMN S . -47.18 -11.45 21.79
P FMN S . -46.06 -10.30 21.98
O1P FMN S . -45.45 -10.38 23.34
O2P FMN S . -46.79 -8.98 21.75
O3P FMN S . -45.03 -10.50 20.84
S SO4 T . -54.90 -11.66 20.85
O1 SO4 T . -54.70 -11.55 22.30
O2 SO4 T . -54.79 -13.07 20.47
O3 SO4 T . -56.23 -11.16 20.49
O4 SO4 T . -53.88 -10.88 20.15
N1 FMN U . -22.39 -26.19 14.10
C2 FMN U . -21.92 -27.44 14.39
O2 FMN U . -20.76 -27.61 14.80
N3 FMN U . -22.74 -28.55 14.24
C4 FMN U . -24.05 -28.54 13.82
O4 FMN U . -24.66 -29.61 13.69
C4A FMN U . -24.57 -27.20 13.54
N5 FMN U . -25.85 -27.08 13.28
C5A FMN U . -26.38 -25.80 13.18
C6 FMN U . -27.76 -25.65 13.03
C7 FMN U . -28.37 -24.39 13.02
C7M FMN U . -29.87 -24.30 12.96
C8 FMN U . -27.56 -23.24 13.11
C8M FMN U . -28.15 -21.85 13.03
C9 FMN U . -26.18 -23.38 13.25
C9A FMN U . -25.58 -24.64 13.31
N10 FMN U . -24.20 -24.81 13.56
C10 FMN U . -23.66 -26.07 13.71
C1' FMN U . -23.32 -23.63 13.70
C2' FMN U . -22.86 -23.06 12.36
O2' FMN U . -21.83 -23.85 11.78
C3' FMN U . -22.38 -21.62 12.55
O3' FMN U . -23.42 -20.86 13.17
C4' FMN U . -21.96 -20.91 11.27
O4' FMN U . -20.74 -21.50 10.80
C5' FMN U . -21.83 -19.41 11.42
O5' FMN U . -20.67 -19.14 12.25
P FMN U . -20.66 -18.33 13.65
O1P FMN U . -20.47 -16.87 13.40
O2P FMN U . -19.51 -18.92 14.46
O3P FMN U . -21.98 -18.66 14.36
C1 MPD V . -52.63 -12.49 17.59
C2 MPD V . -53.79 -13.31 17.01
O2 MPD V . -53.99 -14.42 17.90
CM MPD V . -55.08 -12.51 17.02
C3 MPD V . -53.54 -13.81 15.54
C4 MPD V . -52.35 -13.23 14.71
O4 MPD V . -51.12 -13.95 14.97
C5 MPD V . -52.70 -13.33 13.24
S SO4 W . -46.01 -37.47 -1.09
O1 SO4 W . -46.76 -36.81 -0.04
O2 SO4 W . -45.68 -38.84 -0.67
O3 SO4 W . -46.83 -37.50 -2.31
O4 SO4 W . -44.76 -36.75 -1.38
#